data_1DR7
# 
_entry.id   1DR7 
# 
_audit_conform.dict_name       mmcif_pdbx.dic 
_audit_conform.dict_version    5.385 
_audit_conform.dict_location   http://mmcif.pdb.org/dictionaries/ascii/mmcif_pdbx.dic 
# 
loop_
_database_2.database_id 
_database_2.database_code 
_database_2.pdbx_database_accession 
_database_2.pdbx_DOI 
PDB   1DR7         pdb_00001dr7 10.2210/pdb1dr7/pdb 
WWPDB D_1000172901 ?            ?                   
# 
loop_
_pdbx_audit_revision_history.ordinal 
_pdbx_audit_revision_history.data_content_type 
_pdbx_audit_revision_history.major_revision 
_pdbx_audit_revision_history.minor_revision 
_pdbx_audit_revision_history.revision_date 
1 'Structure model' 1 0 1993-10-31 
2 'Structure model' 1 1 2008-03-24 
3 'Structure model' 1 2 2011-07-13 
4 'Structure model' 1 3 2017-11-29 
5 'Structure model' 1 4 2024-02-07 
# 
_pdbx_audit_revision_details.ordinal             1 
_pdbx_audit_revision_details.revision_ordinal    1 
_pdbx_audit_revision_details.data_content_type   'Structure model' 
_pdbx_audit_revision_details.provider            repository 
_pdbx_audit_revision_details.type                'Initial release' 
_pdbx_audit_revision_details.description         ? 
_pdbx_audit_revision_details.details             ? 
# 
loop_
_pdbx_audit_revision_group.ordinal 
_pdbx_audit_revision_group.revision_ordinal 
_pdbx_audit_revision_group.data_content_type 
_pdbx_audit_revision_group.group 
1 2 'Structure model' 'Version format compliance' 
2 3 'Structure model' 'Version format compliance' 
3 4 'Structure model' 'Derived calculations'      
4 4 'Structure model' Other                       
5 5 'Structure model' 'Data collection'           
6 5 'Structure model' 'Database references'       
7 5 'Structure model' 'Derived calculations'      
# 
loop_
_pdbx_audit_revision_category.ordinal 
_pdbx_audit_revision_category.revision_ordinal 
_pdbx_audit_revision_category.data_content_type 
_pdbx_audit_revision_category.category 
1 4 'Structure model' pdbx_database_status   
2 4 'Structure model' struct_conf            
3 4 'Structure model' struct_conf_type       
4 5 'Structure model' chem_comp_atom         
5 5 'Structure model' chem_comp_bond         
6 5 'Structure model' database_2             
7 5 'Structure model' pdbx_struct_conn_angle 
8 5 'Structure model' struct_conn            
9 5 'Structure model' struct_site            
# 
loop_
_pdbx_audit_revision_item.ordinal 
_pdbx_audit_revision_item.revision_ordinal 
_pdbx_audit_revision_item.data_content_type 
_pdbx_audit_revision_item.item 
1  4 'Structure model' '_pdbx_database_status.process_site'          
2  5 'Structure model' '_database_2.pdbx_DOI'                        
3  5 'Structure model' '_database_2.pdbx_database_accession'         
4  5 'Structure model' '_pdbx_struct_conn_angle.ptnr1_auth_comp_id'  
5  5 'Structure model' '_pdbx_struct_conn_angle.ptnr1_auth_seq_id'   
6  5 'Structure model' '_pdbx_struct_conn_angle.ptnr1_label_alt_id'  
7  5 'Structure model' '_pdbx_struct_conn_angle.ptnr1_label_asym_id' 
8  5 'Structure model' '_pdbx_struct_conn_angle.ptnr1_label_atom_id' 
9  5 'Structure model' '_pdbx_struct_conn_angle.ptnr1_label_comp_id' 
10 5 'Structure model' '_pdbx_struct_conn_angle.ptnr1_label_seq_id'  
11 5 'Structure model' '_pdbx_struct_conn_angle.ptnr2_auth_comp_id'  
12 5 'Structure model' '_pdbx_struct_conn_angle.ptnr2_auth_seq_id'   
13 5 'Structure model' '_pdbx_struct_conn_angle.ptnr2_label_alt_id'  
14 5 'Structure model' '_pdbx_struct_conn_angle.ptnr2_label_asym_id' 
15 5 'Structure model' '_pdbx_struct_conn_angle.ptnr2_label_atom_id' 
16 5 'Structure model' '_pdbx_struct_conn_angle.ptnr2_label_comp_id' 
17 5 'Structure model' '_pdbx_struct_conn_angle.ptnr3_auth_comp_id'  
18 5 'Structure model' '_pdbx_struct_conn_angle.ptnr3_auth_seq_id'   
19 5 'Structure model' '_pdbx_struct_conn_angle.ptnr3_label_asym_id' 
20 5 'Structure model' '_pdbx_struct_conn_angle.ptnr3_label_atom_id' 
21 5 'Structure model' '_pdbx_struct_conn_angle.ptnr3_label_comp_id' 
22 5 'Structure model' '_pdbx_struct_conn_angle.value'               
23 5 'Structure model' '_struct_conn.pdbx_dist_value'                
24 5 'Structure model' '_struct_conn.pdbx_ptnr1_label_alt_id'        
25 5 'Structure model' '_struct_conn.pdbx_ptnr2_label_alt_id'        
26 5 'Structure model' '_struct_conn.ptnr1_auth_comp_id'             
27 5 'Structure model' '_struct_conn.ptnr1_auth_seq_id'              
28 5 'Structure model' '_struct_conn.ptnr1_label_asym_id'            
29 5 'Structure model' '_struct_conn.ptnr1_label_atom_id'            
30 5 'Structure model' '_struct_conn.ptnr1_label_comp_id'            
31 5 'Structure model' '_struct_conn.ptnr1_label_seq_id'             
32 5 'Structure model' '_struct_conn.ptnr2_auth_comp_id'             
33 5 'Structure model' '_struct_conn.ptnr2_auth_seq_id'              
34 5 'Structure model' '_struct_conn.ptnr2_label_asym_id'            
35 5 'Structure model' '_struct_conn.ptnr2_label_atom_id'            
36 5 'Structure model' '_struct_conn.ptnr2_label_comp_id'            
37 5 'Structure model' '_struct_site.pdbx_auth_asym_id'              
38 5 'Structure model' '_struct_site.pdbx_auth_comp_id'              
39 5 'Structure model' '_struct_site.pdbx_auth_seq_id'               
# 
_pdbx_database_status.status_code                     REL 
_pdbx_database_status.entry_id                        1DR7 
_pdbx_database_status.recvd_initial_deposition_date   1992-03-14 
_pdbx_database_status.deposit_site                    ? 
_pdbx_database_status.process_site                    BNL 
_pdbx_database_status.SG_entry                        . 
_pdbx_database_status.pdb_format_compatible           Y 
_pdbx_database_status.status_code_mr                  ? 
_pdbx_database_status.status_code_sf                  ? 
_pdbx_database_status.status_code_cs                  ? 
_pdbx_database_status.methods_development_category    ? 
_pdbx_database_status.status_code_nmr_data            ? 
# 
loop_
_audit_author.name 
_audit_author.pdbx_ordinal 
'Mctigue, M.A.'    1 
'Davies /II, J.F.' 2 
'Kaufman, B.T.'    3 
'Xuong, N.-H.'     4 
'Kraut, J.'        5 
# 
loop_
_citation.id 
_citation.title 
_citation.journal_abbrev 
_citation.journal_volume 
_citation.page_first 
_citation.page_last 
_citation.year 
_citation.journal_id_ASTM 
_citation.country 
_citation.journal_id_ISSN 
_citation.journal_id_CSD 
_citation.book_publisher 
_citation.pdbx_database_id_PubMed 
_citation.pdbx_database_id_DOI 
primary 'Crystal Structures of Organomercurial-Activated Chicken Liver Dihydrofolate Reductase Complexes'                       
'To be Published' ?   ?    ? ?    ?      ?  ?         0353 ? ? ? 
1       'Crystal Structures of Recombinant Human Dihydrofolate Reductase Complexed with Folate and 5-Deazafolate'               
Biochemistry      29  9467 ? 1990 BICHAW US 0006-2960 0033 ? ? ? 
2       'Refined Crystal Structure of Escherichia Coli and Chicken Liver Dihydrofolate Reductase Containing Bound Trimethoprim' 
J.Biol.Chem.      260 381  ? 1985 JBCHA3 US 0021-9258 0071 ? ? ? 
3       'Dihydrofolate Reductase, the Stereochemistry of Inhibitor Selectivity'                                                 
J.Biol.Chem.      260 392  ? 1985 JBCHA3 US 0021-9258 0071 ? ? ? 
4       'Crystal Structure of Avian Dihydrofolate Reductase Containing Phenyltriazine and Nadph'                                
J.Biol.Chem.      257 2528 ? 1982 JBCHA3 US 0021-9258 0071 ? ? ? 
5       'Primary Structure of Chicken Liver Dihydrofolate Reductase'                                                            
Biochemistry      19  667  ? 1980 BICHAW US 0006-2960 0033 ? ? ? 
# 
loop_
_citation_author.citation_id 
_citation_author.name 
_citation_author.ordinal 
_citation_author.identifier_ORCID 
primary 'Mctigue, M.A.'     1  ? 
primary 'Davies II, J.F.'   2  ? 
primary 'Kaufman, B.T.'     3  ? 
primary 'Xuong, N.-H.'      4  ? 
primary 'Kraut, J.'         5  ? 
1       'Davies II, J.F.'   6  ? 
1       'Delcamp, T.J.'     7  ? 
1       'Prendergast, N.J.' 8  ? 
1       'Ashford, V.A.'     9  ? 
1       'Freisheim, J.H.'   10 ? 
1       'Kraut, J.'         11 ? 
2       'Matthews, D.A.'    12 ? 
2       'Bolin, J.T.'       13 ? 
2       'Burridge, J.M.'    14 ? 
2       'Filman, D.J.'      15 ? 
2       'Volz, K.W.'        16 ? 
2       'Kaufman, B.T.'     17 ? 
2       'Beddell, C.R.'     18 ? 
2       'Champness, J.N.'   19 ? 
2       'Stammers, D.K.'    20 ? 
2       'Kraut, J.'         21 ? 
3       'Matthews, D.A.'    22 ? 
3       'Bolin, J.T.'       23 ? 
3       'Burridge, J.M.'    24 ? 
3       'Filman, D.J.'      25 ? 
3       'Volz, K.W.'        26 ? 
3       'Kraut, J.'         27 ? 
4       'Volz, K.W.'        28 ? 
4       'Matthews, D.A.'    29 ? 
4       'Alden, R.A.'       30 ? 
4       'Freer, S.T.'       31 ? 
4       'Hansch, C.'        32 ? 
4       'Kaufman, B.T.'     33 ? 
4       'Kraut, J.'         34 ? 
5       'Kumar, A.A.'       35 ? 
5       'Blankenship, D.T.' 36 ? 
5       'Kaufman, B.T.'     37 ? 
5       'Freisheim, J.H.'   38 ? 
# 
loop_
_entity.id 
_entity.type 
_entity.src_method 
_entity.pdbx_description 
_entity.formula_weight 
_entity.pdbx_number_of_molecules 
_entity.pdbx_ec 
_entity.pdbx_mutation 
_entity.pdbx_fragment 
_entity.details 
1 polymer     man 'DIHYDROFOLATE REDUCTASE'                          21679.932 1  1.5.1.3 ? ? ? 
2 non-polymer syn 'CALCIUM ION'                                      40.078    1  ?       ? ? ? 
3 non-polymer syn 'NADP NICOTINAMIDE-ADENINE-DINUCLEOTIDE PHOSPHATE' 743.405   1  ?       ? ? ? 
4 non-polymer syn 'MERCURIBENZOIC ACID'                              321.703   1  ?       ? ? ? 
5 water       nat water                                              18.015    56 ?       ? ? ? 
# 
_entity_poly.entity_id                      1 
_entity_poly.type                           'polypeptide(L)' 
_entity_poly.nstd_linkage                   no 
_entity_poly.nstd_monomer                   no 
_entity_poly.pdbx_seq_one_letter_code       
;VRSLNSIVAVCQNMGIGKDGNLPWPPLRNEYKYFQRMTSTSHVEGKQNAVIMGKKTWFSIPEKNRPLKDRINIVLSRELK
EAPKGAHYLSKSLDDALALLDSPELKSKVDMVWIVGGTAVYKAAMEKPINHRLFVTRILHEFESDTFFPEIDYKDFKLLT
EYPGVPADIQEEDGIQYKFEVYQKSVLAQ
;
_entity_poly.pdbx_seq_one_letter_code_can   
;VRSLNSIVAVCQNMGIGKDGNLPWPPLRNEYKYFQRMTSTSHVEGKQNAVIMGKKTWFSIPEKNRPLKDRINIVLSRELK
EAPKGAHYLSKSLDDALALLDSPELKSKVDMVWIVGGTAVYKAAMEKPINHRLFVTRILHEFESDTFFPEIDYKDFKLLT
EYPGVPADIQEEDGIQYKFEVYQKSVLAQ
;
_entity_poly.pdbx_strand_id                 A 
_entity_poly.pdbx_target_identifier         ? 
# 
loop_
_pdbx_entity_nonpoly.entity_id 
_pdbx_entity_nonpoly.name 
_pdbx_entity_nonpoly.comp_id 
2 'CALCIUM ION'                                      CA  
3 'NADP NICOTINAMIDE-ADENINE-DINUCLEOTIDE PHOSPHATE' NAP 
4 'MERCURIBENZOIC ACID'                              MBO 
5 water                                              HOH 
# 
loop_
_entity_poly_seq.entity_id 
_entity_poly_seq.num 
_entity_poly_seq.mon_id 
_entity_poly_seq.hetero 
1 1   VAL n 
1 2   ARG n 
1 3   SER n 
1 4   LEU n 
1 5   ASN n 
1 6   SER n 
1 7   ILE n 
1 8   VAL n 
1 9   ALA n 
1 10  VAL n 
1 11  CYS n 
1 12  GLN n 
1 13  ASN n 
1 14  MET n 
1 15  GLY n 
1 16  ILE n 
1 17  GLY n 
1 18  LYS n 
1 19  ASP n 
1 20  GLY n 
1 21  ASN n 
1 22  LEU n 
1 23  PRO n 
1 24  TRP n 
1 25  PRO n 
1 26  PRO n 
1 27  LEU n 
1 28  ARG n 
1 29  ASN n 
1 30  GLU n 
1 31  TYR n 
1 32  LYS n 
1 33  TYR n 
1 34  PHE n 
1 35  GLN n 
1 36  ARG n 
1 37  MET n 
1 38  THR n 
1 39  SER n 
1 40  THR n 
1 41  SER n 
1 42  HIS n 
1 43  VAL n 
1 44  GLU n 
1 45  GLY n 
1 46  LYS n 
1 47  GLN n 
1 48  ASN n 
1 49  ALA n 
1 50  VAL n 
1 51  ILE n 
1 52  MET n 
1 53  GLY n 
1 54  LYS n 
1 55  LYS n 
1 56  THR n 
1 57  TRP n 
1 58  PHE n 
1 59  SER n 
1 60  ILE n 
1 61  PRO n 
1 62  GLU n 
1 63  LYS n 
1 64  ASN n 
1 65  ARG n 
1 66  PRO n 
1 67  LEU n 
1 68  LYS n 
1 69  ASP n 
1 70  ARG n 
1 71  ILE n 
1 72  ASN n 
1 73  ILE n 
1 74  VAL n 
1 75  LEU n 
1 76  SER n 
1 77  ARG n 
1 78  GLU n 
1 79  LEU n 
1 80  LYS n 
1 81  GLU n 
1 82  ALA n 
1 83  PRO n 
1 84  LYS n 
1 85  GLY n 
1 86  ALA n 
1 87  HIS n 
1 88  TYR n 
1 89  LEU n 
1 90  SER n 
1 91  LYS n 
1 92  SER n 
1 93  LEU n 
1 94  ASP n 
1 95  ASP n 
1 96  ALA n 
1 97  LEU n 
1 98  ALA n 
1 99  LEU n 
1 100 LEU n 
1 101 ASP n 
1 102 SER n 
1 103 PRO n 
1 104 GLU n 
1 105 LEU n 
1 106 LYS n 
1 107 SER n 
1 108 LYS n 
1 109 VAL n 
1 110 ASP n 
1 111 MET n 
1 112 VAL n 
1 113 TRP n 
1 114 ILE n 
1 115 VAL n 
1 116 GLY n 
1 117 GLY n 
1 118 THR n 
1 119 ALA n 
1 120 VAL n 
1 121 TYR n 
1 122 LYS n 
1 123 ALA n 
1 124 ALA n 
1 125 MET n 
1 126 GLU n 
1 127 LYS n 
1 128 PRO n 
1 129 ILE n 
1 130 ASN n 
1 131 HIS n 
1 132 ARG n 
1 133 LEU n 
1 134 PHE n 
1 135 VAL n 
1 136 THR n 
1 137 ARG n 
1 138 ILE n 
1 139 LEU n 
1 140 HIS n 
1 141 GLU n 
1 142 PHE n 
1 143 GLU n 
1 144 SER n 
1 145 ASP n 
1 146 THR n 
1 147 PHE n 
1 148 PHE n 
1 149 PRO n 
1 150 GLU n 
1 151 ILE n 
1 152 ASP n 
1 153 TYR n 
1 154 LYS n 
1 155 ASP n 
1 156 PHE n 
1 157 LYS n 
1 158 LEU n 
1 159 LEU n 
1 160 THR n 
1 161 GLU n 
1 162 TYR n 
1 163 PRO n 
1 164 GLY n 
1 165 VAL n 
1 166 PRO n 
1 167 ALA n 
1 168 ASP n 
1 169 ILE n 
1 170 GLN n 
1 171 GLU n 
1 172 GLU n 
1 173 ASP n 
1 174 GLY n 
1 175 ILE n 
1 176 GLN n 
1 177 TYR n 
1 178 LYS n 
1 179 PHE n 
1 180 GLU n 
1 181 VAL n 
1 182 TYR n 
1 183 GLN n 
1 184 LYS n 
1 185 SER n 
1 186 VAL n 
1 187 LEU n 
1 188 ALA n 
1 189 GLN n 
# 
_entity_src_gen.entity_id                          1 
_entity_src_gen.pdbx_src_id                        1 
_entity_src_gen.pdbx_alt_source_flag               sample 
_entity_src_gen.pdbx_seq_type                      ? 
_entity_src_gen.pdbx_beg_seq_num                   ? 
_entity_src_gen.pdbx_end_seq_num                   ? 
_entity_src_gen.gene_src_common_name               chicken 
_entity_src_gen.gene_src_genus                     Gallus 
_entity_src_gen.pdbx_gene_src_gene                 ? 
_entity_src_gen.gene_src_species                   ? 
_entity_src_gen.gene_src_strain                    ? 
_entity_src_gen.gene_src_tissue                    ? 
_entity_src_gen.gene_src_tissue_fraction           ? 
_entity_src_gen.gene_src_details                   ? 
_entity_src_gen.pdbx_gene_src_fragment             ? 
_entity_src_gen.pdbx_gene_src_scientific_name      'Gallus gallus' 
_entity_src_gen.pdbx_gene_src_ncbi_taxonomy_id     9031 
_entity_src_gen.pdbx_gene_src_variant              ? 
_entity_src_gen.pdbx_gene_src_cell_line            ? 
_entity_src_gen.pdbx_gene_src_atcc                 ? 
_entity_src_gen.pdbx_gene_src_organ                LIVER 
_entity_src_gen.pdbx_gene_src_organelle            ? 
_entity_src_gen.pdbx_gene_src_cell                 ? 
_entity_src_gen.pdbx_gene_src_cellular_location    ? 
_entity_src_gen.host_org_common_name               ? 
_entity_src_gen.pdbx_host_org_scientific_name      ? 
_entity_src_gen.pdbx_host_org_ncbi_taxonomy_id     ? 
_entity_src_gen.host_org_genus                     ? 
_entity_src_gen.pdbx_host_org_gene                 ? 
_entity_src_gen.pdbx_host_org_organ                ? 
_entity_src_gen.host_org_species                   ? 
_entity_src_gen.pdbx_host_org_tissue               ? 
_entity_src_gen.pdbx_host_org_tissue_fraction      ? 
_entity_src_gen.pdbx_host_org_strain               ? 
_entity_src_gen.pdbx_host_org_variant              ? 
_entity_src_gen.pdbx_host_org_cell_line            ? 
_entity_src_gen.pdbx_host_org_atcc                 ? 
_entity_src_gen.pdbx_host_org_culture_collection   ? 
_entity_src_gen.pdbx_host_org_cell                 ? 
_entity_src_gen.pdbx_host_org_organelle            ? 
_entity_src_gen.pdbx_host_org_cellular_location    ? 
_entity_src_gen.pdbx_host_org_vector_type          ? 
_entity_src_gen.pdbx_host_org_vector               ? 
_entity_src_gen.host_org_details                   ? 
_entity_src_gen.expression_system_id               ? 
_entity_src_gen.plasmid_name                       ? 
_entity_src_gen.plasmid_details                    ? 
_entity_src_gen.pdbx_description                   ? 
# 
loop_
_chem_comp.id 
_chem_comp.type 
_chem_comp.mon_nstd_flag 
_chem_comp.name 
_chem_comp.pdbx_synonyms 
_chem_comp.formula 
_chem_comp.formula_weight 
ALA 'L-peptide linking' y ALANINE                                            ?                                            
'C3 H7 N O2'        89.093  
ARG 'L-peptide linking' y ARGININE                                           ?                                            
'C6 H15 N4 O2 1'    175.209 
ASN 'L-peptide linking' y ASPARAGINE                                         ?                                            
'C4 H8 N2 O3'       132.118 
ASP 'L-peptide linking' y 'ASPARTIC ACID'                                    ?                                            
'C4 H7 N O4'        133.103 
CA  non-polymer         . 'CALCIUM ION'                                      ?                                            'Ca 2' 
40.078  
CYS 'L-peptide linking' y CYSTEINE                                           ?                                            
'C3 H7 N O2 S'      121.158 
GLN 'L-peptide linking' y GLUTAMINE                                          ?                                            
'C5 H10 N2 O3'      146.144 
GLU 'L-peptide linking' y 'GLUTAMIC ACID'                                    ?                                            
'C5 H9 N O4'        147.129 
GLY 'peptide linking'   y GLYCINE                                            ?                                            
'C2 H5 N O2'        75.067  
HIS 'L-peptide linking' y HISTIDINE                                          ?                                            
'C6 H10 N3 O2 1'    156.162 
HOH non-polymer         . WATER                                              ?                                            'H2 O' 
18.015  
ILE 'L-peptide linking' y ISOLEUCINE                                         ?                                            
'C6 H13 N O2'       131.173 
LEU 'L-peptide linking' y LEUCINE                                            ?                                            
'C6 H13 N O2'       131.173 
LYS 'L-peptide linking' y LYSINE                                             ?                                            
'C6 H15 N2 O2 1'    147.195 
MBO non-polymer         . 'MERCURIBENZOIC ACID'                              ?                                            
'C7 H5 Hg O2'       321.703 
MET 'L-peptide linking' y METHIONINE                                         ?                                            
'C5 H11 N O2 S'     149.211 
NAP non-polymer         . 'NADP NICOTINAMIDE-ADENINE-DINUCLEOTIDE PHOSPHATE' 
;2'-MONOPHOSPHOADENOSINE 5'-DIPHOSPHORIBOSE
;
'C21 H28 N7 O17 P3' 743.405 
PHE 'L-peptide linking' y PHENYLALANINE                                      ?                                            
'C9 H11 N O2'       165.189 
PRO 'L-peptide linking' y PROLINE                                            ?                                            
'C5 H9 N O2'        115.130 
SER 'L-peptide linking' y SERINE                                             ?                                            
'C3 H7 N O3'        105.093 
THR 'L-peptide linking' y THREONINE                                          ?                                            
'C4 H9 N O3'        119.119 
TRP 'L-peptide linking' y TRYPTOPHAN                                         ?                                            
'C11 H12 N2 O2'     204.225 
TYR 'L-peptide linking' y TYROSINE                                           ?                                            
'C9 H11 N O3'       181.189 
VAL 'L-peptide linking' y VALINE                                             ?                                            
'C5 H11 N O2'       117.146 
# 
loop_
_pdbx_poly_seq_scheme.asym_id 
_pdbx_poly_seq_scheme.entity_id 
_pdbx_poly_seq_scheme.seq_id 
_pdbx_poly_seq_scheme.mon_id 
_pdbx_poly_seq_scheme.ndb_seq_num 
_pdbx_poly_seq_scheme.pdb_seq_num 
_pdbx_poly_seq_scheme.auth_seq_num 
_pdbx_poly_seq_scheme.pdb_mon_id 
_pdbx_poly_seq_scheme.auth_mon_id 
_pdbx_poly_seq_scheme.pdb_strand_id 
_pdbx_poly_seq_scheme.pdb_ins_code 
_pdbx_poly_seq_scheme.hetero 
A 1 1   VAL 1   1   1   VAL VAL A . n 
A 1 2   ARG 2   2   2   ARG ARG A . n 
A 1 3   SER 3   3   3   SER SER A . n 
A 1 4   LEU 4   4   4   LEU LEU A . n 
A 1 5   ASN 5   5   5   ASN ASN A . n 
A 1 6   SER 6   6   6   SER SER A . n 
A 1 7   ILE 7   7   7   ILE ILE A . n 
A 1 8   VAL 8   8   8   VAL VAL A . n 
A 1 9   ALA 9   9   9   ALA ALA A . n 
A 1 10  VAL 10  10  10  VAL VAL A . n 
A 1 11  CYS 11  11  11  CYS CYS A . n 
A 1 12  GLN 12  12  12  GLN GLN A . n 
A 1 13  ASN 13  13  13  ASN ASN A . n 
A 1 14  MET 14  14  14  MET MET A . n 
A 1 15  GLY 15  15  15  GLY GLY A . n 
A 1 16  ILE 16  16  16  ILE ILE A . n 
A 1 17  GLY 17  17  17  GLY GLY A . n 
A 1 18  LYS 18  18  18  LYS LYS A . n 
A 1 19  ASP 19  19  19  ASP ASP A . n 
A 1 20  GLY 20  20  20  GLY GLY A . n 
A 1 21  ASN 21  21  21  ASN ASN A . n 
A 1 22  LEU 22  22  22  LEU LEU A . n 
A 1 23  PRO 23  23  23  PRO PRO A . n 
A 1 24  TRP 24  24  24  TRP TRP A . n 
A 1 25  PRO 25  25  25  PRO PRO A . n 
A 1 26  PRO 26  26  26  PRO PRO A . n 
A 1 27  LEU 27  27  27  LEU LEU A . n 
A 1 28  ARG 28  28  28  ARG ARG A . n 
A 1 29  ASN 29  29  29  ASN ASN A . n 
A 1 30  GLU 30  30  30  GLU GLU A . n 
A 1 31  TYR 31  31  31  TYR TYR A . n 
A 1 32  LYS 32  32  32  LYS LYS A . n 
A 1 33  TYR 33  33  33  TYR TYR A . n 
A 1 34  PHE 34  34  34  PHE PHE A . n 
A 1 35  GLN 35  35  35  GLN GLN A . n 
A 1 36  ARG 36  36  36  ARG ARG A . n 
A 1 37  MET 37  37  37  MET MET A . n 
A 1 38  THR 38  38  38  THR THR A . n 
A 1 39  SER 39  39  39  SER SER A . n 
A 1 40  THR 40  40  40  THR THR A . n 
A 1 41  SER 41  41  41  SER SER A . n 
A 1 42  HIS 42  42  42  HIS HIS A . n 
A 1 43  VAL 43  43  43  VAL VAL A . n 
A 1 44  GLU 44  44  44  GLU GLU A . n 
A 1 45  GLY 45  45  45  GLY GLY A . n 
A 1 46  LYS 46  46  46  LYS LYS A . n 
A 1 47  GLN 47  47  47  GLN GLN A . n 
A 1 48  ASN 48  48  48  ASN ASN A . n 
A 1 49  ALA 49  49  49  ALA ALA A . n 
A 1 50  VAL 50  50  50  VAL VAL A . n 
A 1 51  ILE 51  51  51  ILE ILE A . n 
A 1 52  MET 52  52  52  MET MET A . n 
A 1 53  GLY 53  53  53  GLY GLY A . n 
A 1 54  LYS 54  54  54  LYS LYS A . n 
A 1 55  LYS 55  55  55  LYS LYS A . n 
A 1 56  THR 56  56  56  THR THR A . n 
A 1 57  TRP 57  57  57  TRP TRP A . n 
A 1 58  PHE 58  58  58  PHE PHE A . n 
A 1 59  SER 59  59  59  SER SER A . n 
A 1 60  ILE 60  60  60  ILE ILE A . n 
A 1 61  PRO 61  61  61  PRO PRO A . n 
A 1 62  GLU 62  62  62  GLU GLU A . n 
A 1 63  LYS 63  63  63  LYS LYS A . n 
A 1 64  ASN 64  64  64  ASN ASN A . n 
A 1 65  ARG 65  65  65  ARG ARG A . n 
A 1 66  PRO 66  66  66  PRO PRO A . n 
A 1 67  LEU 67  67  67  LEU LEU A . n 
A 1 68  LYS 68  68  68  LYS LYS A . n 
A 1 69  ASP 69  69  69  ASP ASP A . n 
A 1 70  ARG 70  70  70  ARG ARG A . n 
A 1 71  ILE 71  71  71  ILE ILE A . n 
A 1 72  ASN 72  72  72  ASN ASN A . n 
A 1 73  ILE 73  73  73  ILE ILE A . n 
A 1 74  VAL 74  74  74  VAL VAL A . n 
A 1 75  LEU 75  75  75  LEU LEU A . n 
A 1 76  SER 76  76  76  SER SER A . n 
A 1 77  ARG 77  77  77  ARG ARG A . n 
A 1 78  GLU 78  78  78  GLU GLU A . n 
A 1 79  LEU 79  79  79  LEU LEU A . n 
A 1 80  LYS 80  80  80  LYS LYS A . n 
A 1 81  GLU 81  81  81  GLU GLU A . n 
A 1 82  ALA 82  82  82  ALA ALA A . n 
A 1 83  PRO 83  83  83  PRO PRO A . n 
A 1 84  LYS 84  84  84  LYS LYS A . n 
A 1 85  GLY 85  85  85  GLY GLY A . n 
A 1 86  ALA 86  86  86  ALA ALA A . n 
A 1 87  HIS 87  87  87  HIS HIS A . n 
A 1 88  TYR 88  88  88  TYR TYR A . n 
A 1 89  LEU 89  89  89  LEU LEU A . n 
A 1 90  SER 90  90  90  SER SER A . n 
A 1 91  LYS 91  91  91  LYS LYS A . n 
A 1 92  SER 92  92  92  SER SER A . n 
A 1 93  LEU 93  93  93  LEU LEU A . n 
A 1 94  ASP 94  94  94  ASP ASP A . n 
A 1 95  ASP 95  95  95  ASP ASP A . n 
A 1 96  ALA 96  96  96  ALA ALA A . n 
A 1 97  LEU 97  97  97  LEU LEU A . n 
A 1 98  ALA 98  98  98  ALA ALA A . n 
A 1 99  LEU 99  99  99  LEU LEU A . n 
A 1 100 LEU 100 100 100 LEU LEU A . n 
A 1 101 ASP 101 101 101 ASP ASP A . n 
A 1 102 SER 102 102 102 SER SER A . n 
A 1 103 PRO 103 103 103 PRO PRO A . n 
A 1 104 GLU 104 104 104 GLU GLU A . n 
A 1 105 LEU 105 105 105 LEU LEU A . n 
A 1 106 LYS 106 106 106 LYS LYS A . n 
A 1 107 SER 107 107 107 SER SER A . n 
A 1 108 LYS 108 108 108 LYS LYS A . n 
A 1 109 VAL 109 109 109 VAL VAL A . n 
A 1 110 ASP 110 110 110 ASP ASP A . n 
A 1 111 MET 111 111 111 MET MET A . n 
A 1 112 VAL 112 112 112 VAL VAL A . n 
A 1 113 TRP 113 113 113 TRP TRP A . n 
A 1 114 ILE 114 114 114 ILE ILE A . n 
A 1 115 VAL 115 115 115 VAL VAL A . n 
A 1 116 GLY 116 116 116 GLY GLY A . n 
A 1 117 GLY 117 117 117 GLY GLY A . n 
A 1 118 THR 118 118 118 THR THR A . n 
A 1 119 ALA 119 119 119 ALA ALA A . n 
A 1 120 VAL 120 120 120 VAL VAL A . n 
A 1 121 TYR 121 121 121 TYR TYR A . n 
A 1 122 LYS 122 122 122 LYS LYS A . n 
A 1 123 ALA 123 123 123 ALA ALA A . n 
A 1 124 ALA 124 124 124 ALA ALA A . n 
A 1 125 MET 125 125 125 MET MET A . n 
A 1 126 GLU 126 126 126 GLU GLU A . n 
A 1 127 LYS 127 127 127 LYS LYS A . n 
A 1 128 PRO 128 128 128 PRO PRO A . n 
A 1 129 ILE 129 129 129 ILE ILE A . n 
A 1 130 ASN 130 130 130 ASN ASN A . n 
A 1 131 HIS 131 131 131 HIS HIS A . n 
A 1 132 ARG 132 132 132 ARG ARG A . n 
A 1 133 LEU 133 133 133 LEU LEU A . n 
A 1 134 PHE 134 134 134 PHE PHE A . n 
A 1 135 VAL 135 135 135 VAL VAL A . n 
A 1 136 THR 136 136 136 THR THR A . n 
A 1 137 ARG 137 137 137 ARG ARG A . n 
A 1 138 ILE 138 138 138 ILE ILE A . n 
A 1 139 LEU 139 139 139 LEU LEU A . n 
A 1 140 HIS 140 140 140 HIS HIS A . n 
A 1 141 GLU 141 141 141 GLU GLU A . n 
A 1 142 PHE 142 142 142 PHE PHE A . n 
A 1 143 GLU 143 143 143 GLU GLU A . n 
A 1 144 SER 144 144 144 SER SER A . n 
A 1 145 ASP 145 145 145 ASP ASP A . n 
A 1 146 THR 146 146 146 THR THR A . n 
A 1 147 PHE 147 147 147 PHE PHE A . n 
A 1 148 PHE 148 148 148 PHE PHE A . n 
A 1 149 PRO 149 149 149 PRO PRO A . n 
A 1 150 GLU 150 150 150 GLU GLU A . n 
A 1 151 ILE 151 151 151 ILE ILE A . n 
A 1 152 ASP 152 152 152 ASP ASP A . n 
A 1 153 TYR 153 153 153 TYR TYR A . n 
A 1 154 LYS 154 154 154 LYS LYS A . n 
A 1 155 ASP 155 155 155 ASP ASP A . n 
A 1 156 PHE 156 156 156 PHE PHE A . n 
A 1 157 LYS 157 157 157 LYS LYS A . n 
A 1 158 LEU 158 158 158 LEU LEU A . n 
A 1 159 LEU 159 159 159 LEU LEU A . n 
A 1 160 THR 160 160 160 THR THR A . n 
A 1 161 GLU 161 161 161 GLU GLU A . n 
A 1 162 TYR 162 162 162 TYR TYR A . n 
A 1 163 PRO 163 163 163 PRO PRO A . n 
A 1 164 GLY 164 164 164 GLY GLY A . n 
A 1 165 VAL 165 165 165 VAL VAL A . n 
A 1 166 PRO 166 166 166 PRO PRO A . n 
A 1 167 ALA 167 167 167 ALA ALA A . n 
A 1 168 ASP 168 168 168 ASP ASP A . n 
A 1 169 ILE 169 169 169 ILE ILE A . n 
A 1 170 GLN 170 170 170 GLN GLN A . n 
A 1 171 GLU 171 171 171 GLU GLU A . n 
A 1 172 GLU 172 172 172 GLU GLU A . n 
A 1 173 ASP 173 173 173 ASP ASP A . n 
A 1 174 GLY 174 174 174 GLY GLY A . n 
A 1 175 ILE 175 175 175 ILE ILE A . n 
A 1 176 GLN 176 176 176 GLN GLN A . n 
A 1 177 TYR 177 177 177 TYR TYR A . n 
A 1 178 LYS 178 178 178 LYS LYS A . n 
A 1 179 PHE 179 179 179 PHE PHE A . n 
A 1 180 GLU 180 180 180 GLU GLU A . n 
A 1 181 VAL 181 181 181 VAL VAL A . n 
A 1 182 TYR 182 182 182 TYR TYR A . n 
A 1 183 GLN 183 183 183 GLN GLN A . n 
A 1 184 LYS 184 184 184 LYS LYS A . n 
A 1 185 SER 185 185 185 SER SER A . n 
A 1 186 VAL 186 186 186 VAL VAL A . n 
A 1 187 LEU 187 187 ?   ?   ?   A . n 
A 1 188 ALA 188 188 ?   ?   ?   A . n 
A 1 189 GLN 189 189 ?   ?   ?   A . n 
# 
loop_
_pdbx_nonpoly_scheme.asym_id 
_pdbx_nonpoly_scheme.entity_id 
_pdbx_nonpoly_scheme.mon_id 
_pdbx_nonpoly_scheme.ndb_seq_num 
_pdbx_nonpoly_scheme.pdb_seq_num 
_pdbx_nonpoly_scheme.auth_seq_num 
_pdbx_nonpoly_scheme.pdb_mon_id 
_pdbx_nonpoly_scheme.auth_mon_id 
_pdbx_nonpoly_scheme.pdb_strand_id 
_pdbx_nonpoly_scheme.pdb_ins_code 
B 2 CA  1  200 200 CA  CA  A . 
C 3 NAP 1  191 191 NAP NAP A . 
D 4 MBO 1  201 11  MBO MBO A . 
E 5 HOH 1  202 202 HOH HOH A . 
E 5 HOH 2  205 205 HOH HOH A . 
E 5 HOH 3  220 220 HOH HOH A . 
E 5 HOH 4  229 229 HOH HOH A . 
E 5 HOH 5  230 230 HOH HOH A . 
E 5 HOH 6  233 233 HOH HOH A . 
E 5 HOH 7  240 240 HOH HOH A . 
E 5 HOH 8  257 257 HOH HOH A . 
E 5 HOH 9  278 278 HOH HOH A . 
E 5 HOH 10 279 279 HOH HOH A . 
E 5 HOH 11 295 295 HOH HOH A . 
E 5 HOH 12 318 318 HOH HOH A . 
E 5 HOH 13 330 330 HOH HOH A . 
E 5 HOH 14 335 335 HOH HOH A . 
E 5 HOH 15 342 342 HOH HOH A . 
E 5 HOH 16 346 346 HOH HOH A . 
E 5 HOH 17 358 358 HOH HOH A . 
E 5 HOH 18 367 367 HOH HOH A . 
E 5 HOH 19 368 368 HOH HOH A . 
E 5 HOH 20 392 392 HOH HOH A . 
E 5 HOH 21 393 393 HOH HOH A . 
E 5 HOH 22 424 424 HOH HOH A . 
E 5 HOH 23 427 427 HOH HOH A . 
E 5 HOH 24 440 440 HOH HOH A . 
E 5 HOH 25 463 463 HOH HOH A . 
E 5 HOH 26 493 493 HOH HOH A . 
E 5 HOH 27 539 539 HOH HOH A . 
E 5 HOH 28 546 546 HOH HOH A . 
E 5 HOH 29 551 551 HOH HOH A . 
E 5 HOH 30 585 585 HOH HOH A . 
E 5 HOH 31 601 601 HOH HOH A . 
E 5 HOH 32 602 602 HOH HOH A . 
E 5 HOH 33 605 605 HOH HOH A . 
E 5 HOH 34 606 606 HOH HOH A . 
E 5 HOH 35 607 607 HOH HOH A . 
E 5 HOH 36 608 608 HOH HOH A . 
E 5 HOH 37 609 609 HOH HOH A . 
E 5 HOH 38 612 612 HOH HOH A . 
E 5 HOH 39 613 613 HOH HOH A . 
E 5 HOH 40 615 615 HOH HOH A . 
E 5 HOH 41 617 617 HOH HOH A . 
E 5 HOH 42 619 619 HOH HOH A . 
E 5 HOH 43 621 621 HOH HOH A . 
E 5 HOH 44 623 623 HOH HOH A . 
E 5 HOH 45 627 627 HOH HOH A . 
E 5 HOH 46 630 630 HOH HOH A . 
E 5 HOH 47 631 631 HOH HOH A . 
E 5 HOH 48 637 637 HOH HOH A . 
E 5 HOH 49 644 644 HOH HOH A . 
E 5 HOH 50 647 647 HOH HOH A . 
E 5 HOH 51 648 648 HOH HOH A . 
E 5 HOH 52 652 652 HOH HOH A . 
E 5 HOH 53 653 653 HOH HOH A . 
E 5 HOH 54 655 655 HOH HOH A . 
E 5 HOH 55 707 707 HOH HOH A . 
E 5 HOH 56 708 708 HOH HOH A . 
# 
loop_
_pdbx_unobs_or_zero_occ_atoms.id 
_pdbx_unobs_or_zero_occ_atoms.PDB_model_num 
_pdbx_unobs_or_zero_occ_atoms.polymer_flag 
_pdbx_unobs_or_zero_occ_atoms.occupancy_flag 
_pdbx_unobs_or_zero_occ_atoms.auth_asym_id 
_pdbx_unobs_or_zero_occ_atoms.auth_comp_id 
_pdbx_unobs_or_zero_occ_atoms.auth_seq_id 
_pdbx_unobs_or_zero_occ_atoms.PDB_ins_code 
_pdbx_unobs_or_zero_occ_atoms.auth_atom_id 
_pdbx_unobs_or_zero_occ_atoms.label_alt_id 
_pdbx_unobs_or_zero_occ_atoms.label_asym_id 
_pdbx_unobs_or_zero_occ_atoms.label_comp_id 
_pdbx_unobs_or_zero_occ_atoms.label_seq_id 
_pdbx_unobs_or_zero_occ_atoms.label_atom_id 
1  1 Y 1 A ARG 2   ? CB  ? A ARG 2   CB  
2  1 Y 1 A ARG 2   ? CG  ? A ARG 2   CG  
3  1 Y 1 A ARG 2   ? CD  ? A ARG 2   CD  
4  1 Y 1 A ARG 2   ? NE  ? A ARG 2   NE  
5  1 Y 1 A ARG 2   ? CZ  ? A ARG 2   CZ  
6  1 Y 1 A ARG 2   ? NH1 ? A ARG 2   NH1 
7  1 Y 1 A ARG 2   ? NH2 ? A ARG 2   NH2 
8  1 Y 1 A ASN 13  ? CG  ? A ASN 13  CG  
9  1 Y 1 A ASN 13  ? OD1 ? A ASN 13  OD1 
10 1 Y 1 A ASN 13  ? ND2 ? A ASN 13  ND2 
11 1 Y 1 A ARG 28  ? CZ  ? A ARG 28  CZ  
12 1 Y 1 A ARG 28  ? NH1 ? A ARG 28  NH1 
13 1 Y 1 A ARG 28  ? NH2 ? A ARG 28  NH2 
14 1 Y 1 A ARG 36  ? NE  ? A ARG 36  NE  
15 1 Y 1 A ARG 36  ? CZ  ? A ARG 36  CZ  
16 1 Y 1 A ARG 36  ? NH1 ? A ARG 36  NH1 
17 1 Y 1 A ARG 36  ? NH2 ? A ARG 36  NH2 
18 1 Y 1 A LYS 80  ? CD  ? A LYS 80  CD  
19 1 Y 1 A LYS 80  ? CE  ? A LYS 80  CE  
20 1 Y 1 A LYS 80  ? NZ  ? A LYS 80  NZ  
21 1 Y 1 A GLU 81  ? CG  ? A GLU 81  CG  
22 1 Y 1 A GLU 81  ? CD  ? A GLU 81  CD  
23 1 Y 1 A GLU 81  ? OE1 ? A GLU 81  OE1 
24 1 Y 1 A GLU 81  ? OE2 ? A GLU 81  OE2 
25 1 Y 1 A LYS 84  ? CE  ? A LYS 84  CE  
26 1 Y 1 A LYS 84  ? NZ  ? A LYS 84  NZ  
27 1 Y 1 A GLU 104 ? CB  ? A GLU 104 CB  
28 1 Y 1 A GLU 104 ? CG  ? A GLU 104 CG  
29 1 Y 1 A GLU 104 ? CD  ? A GLU 104 CD  
30 1 Y 1 A GLU 104 ? OE1 ? A GLU 104 OE1 
31 1 Y 1 A GLU 104 ? OE2 ? A GLU 104 OE2 
32 1 Y 1 A LYS 106 ? CB  ? A LYS 106 CB  
33 1 Y 1 A LYS 106 ? CG  ? A LYS 106 CG  
34 1 Y 1 A LYS 106 ? CD  ? A LYS 106 CD  
35 1 Y 1 A LYS 106 ? CE  ? A LYS 106 CE  
36 1 Y 1 A LYS 106 ? NZ  ? A LYS 106 NZ  
37 1 Y 1 A LYS 108 ? CD  ? A LYS 108 CD  
38 1 Y 1 A LYS 108 ? CE  ? A LYS 108 CE  
39 1 Y 1 A LYS 108 ? NZ  ? A LYS 108 NZ  
40 1 Y 1 A LYS 127 ? CE  ? A LYS 127 CE  
41 1 Y 1 A LYS 127 ? NZ  ? A LYS 127 NZ  
42 1 Y 1 A GLU 141 ? CD  ? A GLU 141 CD  
43 1 Y 1 A GLU 141 ? OE1 ? A GLU 141 OE1 
44 1 Y 1 A GLU 141 ? OE2 ? A GLU 141 OE2 
45 1 N 1 A MBO 201 ? CZ  ? D MBO 1   CZ  
46 1 N 1 A MBO 201 ? OZ1 ? D MBO 1   OZ1 
47 1 N 1 A MBO 201 ? OZ2 ? D MBO 1   OZ2 
# 
_software.name             PROLSQ 
_software.classification   refinement 
_software.version          . 
_software.citation_id      ? 
_software.pdbx_ordinal     1 
# 
_cell.entry_id           1DR7 
_cell.length_a           88.720 
_cell.length_b           48.740 
_cell.length_c           63.870 
_cell.angle_alpha        90.00 
_cell.angle_beta         124.40 
_cell.angle_gamma        90.00 
_cell.Z_PDB              4 
_cell.pdbx_unique_axis   ? 
# 
_symmetry.entry_id                         1DR7 
_symmetry.space_group_name_H-M             'C 1 2 1' 
_symmetry.pdbx_full_space_group_name_H-M   ? 
_symmetry.cell_setting                     ? 
_symmetry.Int_Tables_number                5 
# 
_exptl.entry_id          1DR7 
_exptl.method            'X-RAY DIFFRACTION' 
_exptl.crystals_number   ? 
# 
_exptl_crystal.id                    1 
_exptl_crystal.density_meas          ? 
_exptl_crystal.density_Matthews      2.63 
_exptl_crystal.density_percent_sol   53.17 
_exptl_crystal.description           ? 
# 
_refine.entry_id                                 1DR7 
_refine.ls_number_reflns_obs                     ? 
_refine.ls_number_reflns_all                     ? 
_refine.pdbx_ls_sigma_I                          ? 
_refine.pdbx_ls_sigma_F                          ? 
_refine.pdbx_data_cutoff_high_absF               ? 
_refine.pdbx_data_cutoff_low_absF                ? 
_refine.pdbx_data_cutoff_high_rms_absF           ? 
_refine.ls_d_res_low                             ? 
_refine.ls_d_res_high                            2.4 
_refine.ls_percent_reflns_obs                    ? 
_refine.ls_R_factor_obs                          0.1580000 
_refine.ls_R_factor_all                          ? 
_refine.ls_R_factor_R_work                       ? 
_refine.ls_R_factor_R_free                       ? 
_refine.ls_R_factor_R_free_error                 ? 
_refine.ls_R_factor_R_free_error_details         ? 
_refine.ls_percent_reflns_R_free                 ? 
_refine.ls_number_reflns_R_free                  ? 
_refine.ls_number_parameters                     ? 
_refine.ls_number_restraints                     ? 
_refine.occupancy_min                            ? 
_refine.occupancy_max                            ? 
_refine.B_iso_mean                               ? 
_refine.aniso_B[1][1]                            ? 
_refine.aniso_B[2][2]                            ? 
_refine.aniso_B[3][3]                            ? 
_refine.aniso_B[1][2]                            ? 
_refine.aniso_B[1][3]                            ? 
_refine.aniso_B[2][3]                            ? 
_refine.solvent_model_details                    ? 
_refine.solvent_model_param_ksol                 ? 
_refine.solvent_model_param_bsol                 ? 
_refine.pdbx_ls_cross_valid_method               ? 
_refine.details                                  ? 
_refine.pdbx_starting_model                      ? 
_refine.pdbx_method_to_determine_struct          ? 
_refine.pdbx_isotropic_thermal_model             ? 
_refine.pdbx_stereochemistry_target_values       ? 
_refine.pdbx_stereochem_target_val_spec_case     ? 
_refine.pdbx_R_Free_selection_details            ? 
_refine.pdbx_overall_ESU_R                       ? 
_refine.pdbx_overall_ESU_R_Free                  ? 
_refine.overall_SU_ML                            ? 
_refine.overall_SU_B                             ? 
_refine.pdbx_refine_id                           'X-RAY DIFFRACTION' 
_refine.pdbx_diffrn_id                           1 
_refine.pdbx_TLS_residual_ADP_flag               ? 
_refine.correlation_coeff_Fo_to_Fc               ? 
_refine.correlation_coeff_Fo_to_Fc_free          ? 
_refine.pdbx_solvent_vdw_probe_radii             ? 
_refine.pdbx_solvent_ion_probe_radii             ? 
_refine.pdbx_solvent_shrinkage_radii             ? 
_refine.pdbx_overall_phase_error                 ? 
_refine.overall_SU_R_Cruickshank_DPI             ? 
_refine.pdbx_overall_SU_R_free_Cruickshank_DPI   ? 
_refine.pdbx_overall_SU_R_Blow_DPI               ? 
_refine.pdbx_overall_SU_R_free_Blow_DPI          ? 
# 
_refine_hist.pdbx_refine_id                   'X-RAY DIFFRACTION' 
_refine_hist.cycle_id                         LAST 
_refine_hist.pdbx_number_atoms_protein        1462 
_refine_hist.pdbx_number_atoms_nucleic_acid   0 
_refine_hist.pdbx_number_atoms_ligand         57 
_refine_hist.number_atoms_solvent             56 
_refine_hist.number_atoms_total               1575 
_refine_hist.d_res_high                       2.4 
_refine_hist.d_res_low                        . 
# 
loop_
_refine_ls_restr.type 
_refine_ls_restr.dev_ideal 
_refine_ls_restr.dev_ideal_target 
_refine_ls_restr.weight 
_refine_ls_restr.number 
_refine_ls_restr.pdbx_refine_id 
_refine_ls_restr.pdbx_restraint_function 
p_bond_d            0.016 ? ? ? 'X-RAY DIFFRACTION' ? 
p_angle_d           ?     ? ? ? 'X-RAY DIFFRACTION' ? 
p_angle_deg         ?     ? ? ? 'X-RAY DIFFRACTION' ? 
p_planar_d          ?     ? ? ? 'X-RAY DIFFRACTION' ? 
p_hb_or_metal_coord ?     ? ? ? 'X-RAY DIFFRACTION' ? 
p_mcbond_it         ?     ? ? ? 'X-RAY DIFFRACTION' ? 
p_mcangle_it        ?     ? ? ? 'X-RAY DIFFRACTION' ? 
p_scbond_it         ?     ? ? ? 'X-RAY DIFFRACTION' ? 
p_scangle_it        ?     ? ? ? 'X-RAY DIFFRACTION' ? 
p_plane_restr       ?     ? ? ? 'X-RAY DIFFRACTION' ? 
p_chiral_restr      ?     ? ? ? 'X-RAY DIFFRACTION' ? 
p_singtor_nbd       ?     ? ? ? 'X-RAY DIFFRACTION' ? 
p_multtor_nbd       ?     ? ? ? 'X-RAY DIFFRACTION' ? 
p_xhyhbond_nbd      ?     ? ? ? 'X-RAY DIFFRACTION' ? 
p_xyhbond_nbd       ?     ? ? ? 'X-RAY DIFFRACTION' ? 
p_planar_tor        ?     ? ? ? 'X-RAY DIFFRACTION' ? 
p_staggered_tor     ?     ? ? ? 'X-RAY DIFFRACTION' ? 
p_orthonormal_tor   ?     ? ? ? 'X-RAY DIFFRACTION' ? 
p_transverse_tor    ?     ? ? ? 'X-RAY DIFFRACTION' ? 
p_special_tor       ?     ? ? ? 'X-RAY DIFFRACTION' ? 
# 
_struct.entry_id                  1DR7 
_struct.title                     'CRYSTAL STRUCTURES OF ORGANOMERCURIAL-ACTIVATED CHICKEN LIVER DIHYDROFOLATE REDUCTASE COMPLEXES' 
_struct.pdbx_model_details        ? 
_struct.pdbx_CASP_flag            ? 
_struct.pdbx_model_type_details   ? 
# 
_struct_keywords.entry_id        1DR7 
_struct_keywords.pdbx_keywords   OXIDOREDUCTASE 
_struct_keywords.text            OXIDOREDUCTASE 
# 
loop_
_struct_asym.id 
_struct_asym.pdbx_blank_PDB_chainid_flag 
_struct_asym.pdbx_modified 
_struct_asym.entity_id 
_struct_asym.details 
A N N 1 ? 
B N N 2 ? 
C N N 3 ? 
D N N 4 ? 
E N N 5 ? 
# 
_struct_ref.id                         1 
_struct_ref.db_name                    UNP 
_struct_ref.db_code                    DYR_CHICK 
_struct_ref.entity_id                  1 
_struct_ref.pdbx_db_accession          P00378 
_struct_ref.pdbx_align_begin           1 
_struct_ref.pdbx_seq_one_letter_code   
;VRSLNSIVAVCQNMGIGKDGNLPWPPLRNEYKYFQRMTSTSHVEGKQNAVIMGKKTWFSIPEKNRPLKDRINIVLSRELK
EAPKGAHYLSKSLDDALALLDSPELKSKVDMVWIVGGTAVYKAAMEKPINHRLFVTRILHEFESDTFFPEIDYKDFKLLT
EYPGVPADIQEEDGIQYKFEVYQKSVLAQ
;
_struct_ref.pdbx_db_isoform            ? 
# 
_struct_ref_seq.align_id                      1 
_struct_ref_seq.ref_id                        1 
_struct_ref_seq.pdbx_PDB_id_code              1DR7 
_struct_ref_seq.pdbx_strand_id                A 
_struct_ref_seq.seq_align_beg                 1 
_struct_ref_seq.pdbx_seq_align_beg_ins_code   ? 
_struct_ref_seq.seq_align_end                 189 
_struct_ref_seq.pdbx_seq_align_end_ins_code   ? 
_struct_ref_seq.pdbx_db_accession             P00378 
_struct_ref_seq.db_align_beg                  1 
_struct_ref_seq.pdbx_db_align_beg_ins_code    ? 
_struct_ref_seq.db_align_end                  189 
_struct_ref_seq.pdbx_db_align_end_ins_code    ? 
_struct_ref_seq.pdbx_auth_seq_align_beg       1 
_struct_ref_seq.pdbx_auth_seq_align_end       189 
# 
_pdbx_struct_assembly.id                   1 
_pdbx_struct_assembly.details              author_defined_assembly 
_pdbx_struct_assembly.method_details       ? 
_pdbx_struct_assembly.oligomeric_details   monomeric 
_pdbx_struct_assembly.oligomeric_count     1 
# 
_pdbx_struct_assembly_gen.assembly_id       1 
_pdbx_struct_assembly_gen.oper_expression   1 
_pdbx_struct_assembly_gen.asym_id_list      A,B,C,D,E 
# 
_pdbx_struct_oper_list.id                   1 
_pdbx_struct_oper_list.type                 'identity operation' 
_pdbx_struct_oper_list.name                 1_555 
_pdbx_struct_oper_list.symmetry_operation   x,y,z 
_pdbx_struct_oper_list.matrix[1][1]         1.0000000000 
_pdbx_struct_oper_list.matrix[1][2]         0.0000000000 
_pdbx_struct_oper_list.matrix[1][3]         0.0000000000 
_pdbx_struct_oper_list.vector[1]            0.0000000000 
_pdbx_struct_oper_list.matrix[2][1]         0.0000000000 
_pdbx_struct_oper_list.matrix[2][2]         1.0000000000 
_pdbx_struct_oper_list.matrix[2][3]         0.0000000000 
_pdbx_struct_oper_list.vector[2]            0.0000000000 
_pdbx_struct_oper_list.matrix[3][1]         0.0000000000 
_pdbx_struct_oper_list.matrix[3][2]         0.0000000000 
_pdbx_struct_oper_list.matrix[3][3]         1.0000000000 
_pdbx_struct_oper_list.vector[3]            0.0000000000 
# 
_struct_biol.id   1 
# 
loop_
_struct_conf.conf_type_id 
_struct_conf.id 
_struct_conf.pdbx_PDB_helix_id 
_struct_conf.beg_label_comp_id 
_struct_conf.beg_label_asym_id 
_struct_conf.beg_label_seq_id 
_struct_conf.pdbx_beg_PDB_ins_code 
_struct_conf.end_label_comp_id 
_struct_conf.end_label_asym_id 
_struct_conf.end_label_seq_id 
_struct_conf.pdbx_end_PDB_ins_code 
_struct_conf.beg_auth_comp_id 
_struct_conf.beg_auth_asym_id 
_struct_conf.beg_auth_seq_id 
_struct_conf.end_auth_comp_id 
_struct_conf.end_auth_asym_id 
_struct_conf.end_auth_seq_id 
_struct_conf.pdbx_PDB_helix_class 
_struct_conf.details 
_struct_conf.pdbx_PDB_helix_length 
HELX_P HELX_P1 B  LEU A 27  ? THR A 40  ? LEU A 27  THR A 40  1 ?                          14 
HELX_P HELX_P2 C  GLY A 53  ? SER A 59  ? GLY A 53  SER A 59  1 ?                          7  
HELX_P HELX_P3 E  SER A 92  ? SER A 102 ? SER A 92  SER A 102 1 ?                          11 
HELX_P HELX_P4 EP SER A 102 ? VAL A 109 ? SER A 102 VAL A 109 1 'NOT PRESENT IN BACTERIAL' 8  
HELX_P HELX_P5 F  GLY A 117 ? LYS A 127 ? GLY A 117 LYS A 127 1 ?                          11 
# 
_struct_conf_type.id          HELX_P 
_struct_conf_type.criteria    ? 
_struct_conf_type.reference   ? 
# 
loop_
_struct_conn.id 
_struct_conn.conn_type_id 
_struct_conn.pdbx_leaving_atom_flag 
_struct_conn.pdbx_PDB_id 
_struct_conn.ptnr1_label_asym_id 
_struct_conn.ptnr1_label_comp_id 
_struct_conn.ptnr1_label_seq_id 
_struct_conn.ptnr1_label_atom_id 
_struct_conn.pdbx_ptnr1_label_alt_id 
_struct_conn.pdbx_ptnr1_PDB_ins_code 
_struct_conn.pdbx_ptnr1_standard_comp_id 
_struct_conn.ptnr1_symmetry 
_struct_conn.ptnr2_label_asym_id 
_struct_conn.ptnr2_label_comp_id 
_struct_conn.ptnr2_label_seq_id 
_struct_conn.ptnr2_label_atom_id 
_struct_conn.pdbx_ptnr2_label_alt_id 
_struct_conn.pdbx_ptnr2_PDB_ins_code 
_struct_conn.ptnr1_auth_asym_id 
_struct_conn.ptnr1_auth_comp_id 
_struct_conn.ptnr1_auth_seq_id 
_struct_conn.ptnr2_auth_asym_id 
_struct_conn.ptnr2_auth_comp_id 
_struct_conn.ptnr2_auth_seq_id 
_struct_conn.ptnr2_symmetry 
_struct_conn.pdbx_ptnr3_label_atom_id 
_struct_conn.pdbx_ptnr3_label_seq_id 
_struct_conn.pdbx_ptnr3_label_comp_id 
_struct_conn.pdbx_ptnr3_label_asym_id 
_struct_conn.pdbx_ptnr3_label_alt_id 
_struct_conn.pdbx_ptnr3_PDB_ins_code 
_struct_conn.details 
_struct_conn.pdbx_dist_value 
_struct_conn.pdbx_value_order 
_struct_conn.pdbx_role 
metalc1 metalc ? ? A CYS 11 SG  A ? ? 1_555 D MBO . HG A ? A CYS 11  A MBO 201 1_555 ? ? ? ? ? ? ? 2.446 ? ? 
metalc2 metalc ? ? A CYS 11 SG  B ? ? 1_555 D MBO . HG B ? A CYS 11  A MBO 201 1_555 ? ? ? ? ? ? ? 2.441 ? ? 
metalc3 metalc ? ? A GLU 78 OE2 ? ? ? 1_555 B CA  . CA ? ? A GLU 78  A CA  200 1_555 ? ? ? ? ? ? ? 2.033 ? ? 
metalc4 metalc ? ? C NAP .  O1X ? ? ? 1_555 B CA  . CA ? ? A NAP 191 A CA  200 1_555 ? ? ? ? ? ? ? 2.230 ? ? 
metalc5 metalc ? ? B CA  .  CA  ? ? ? 1_555 E HOH . O  ? ? A CA  200 A HOH 278 1_555 ? ? ? ? ? ? ? 2.473 ? ? 
# 
_struct_conn_type.id          metalc 
_struct_conn_type.criteria    ? 
_struct_conn_type.reference   ? 
# 
loop_
_pdbx_struct_conn_angle.id 
_pdbx_struct_conn_angle.ptnr1_label_atom_id 
_pdbx_struct_conn_angle.ptnr1_label_alt_id 
_pdbx_struct_conn_angle.ptnr1_label_asym_id 
_pdbx_struct_conn_angle.ptnr1_label_comp_id 
_pdbx_struct_conn_angle.ptnr1_label_seq_id 
_pdbx_struct_conn_angle.ptnr1_auth_atom_id 
_pdbx_struct_conn_angle.ptnr1_auth_asym_id 
_pdbx_struct_conn_angle.ptnr1_auth_comp_id 
_pdbx_struct_conn_angle.ptnr1_auth_seq_id 
_pdbx_struct_conn_angle.ptnr1_PDB_ins_code 
_pdbx_struct_conn_angle.ptnr1_symmetry 
_pdbx_struct_conn_angle.ptnr2_label_atom_id 
_pdbx_struct_conn_angle.ptnr2_label_alt_id 
_pdbx_struct_conn_angle.ptnr2_label_asym_id 
_pdbx_struct_conn_angle.ptnr2_label_comp_id 
_pdbx_struct_conn_angle.ptnr2_label_seq_id 
_pdbx_struct_conn_angle.ptnr2_auth_atom_id 
_pdbx_struct_conn_angle.ptnr2_auth_asym_id 
_pdbx_struct_conn_angle.ptnr2_auth_comp_id 
_pdbx_struct_conn_angle.ptnr2_auth_seq_id 
_pdbx_struct_conn_angle.ptnr2_PDB_ins_code 
_pdbx_struct_conn_angle.ptnr2_symmetry 
_pdbx_struct_conn_angle.ptnr3_label_atom_id 
_pdbx_struct_conn_angle.ptnr3_label_alt_id 
_pdbx_struct_conn_angle.ptnr3_label_asym_id 
_pdbx_struct_conn_angle.ptnr3_label_comp_id 
_pdbx_struct_conn_angle.ptnr3_label_seq_id 
_pdbx_struct_conn_angle.ptnr3_auth_atom_id 
_pdbx_struct_conn_angle.ptnr3_auth_asym_id 
_pdbx_struct_conn_angle.ptnr3_auth_comp_id 
_pdbx_struct_conn_angle.ptnr3_auth_seq_id 
_pdbx_struct_conn_angle.ptnr3_PDB_ins_code 
_pdbx_struct_conn_angle.ptnr3_symmetry 
_pdbx_struct_conn_angle.value 
_pdbx_struct_conn_angle.value_esd 
1 SG  A A CYS 11 ? A CYS 11  ? 1_555 HG A D MBO . ? A MBO 201 ? 1_555 CE1 ? D MBO . ? A MBO 201 ? 1_555 172.2 ? 
2 SG  B A CYS 11 ? A CYS 11  ? 1_555 HG B D MBO . ? A MBO 201 ? 1_555 CE1 ? D MBO . ? A MBO 201 ? 1_555 140.0 ? 
3 OE2 ? A GLU 78 ? A GLU 78  ? 1_555 CA ? B CA  . ? A CA  200 ? 1_555 O1X ? C NAP . ? A NAP 191 ? 1_555 84.6  ? 
4 OE2 ? A GLU 78 ? A GLU 78  ? 1_555 CA ? B CA  . ? A CA  200 ? 1_555 O   ? E HOH . ? A HOH 278 ? 1_555 70.4  ? 
5 O1X ? C NAP .  ? A NAP 191 ? 1_555 CA ? B CA  . ? A CA  200 ? 1_555 O   ? E HOH . ? A HOH 278 ? 1_555 80.4  ? 
# 
loop_
_struct_mon_prot_cis.pdbx_id 
_struct_mon_prot_cis.label_comp_id 
_struct_mon_prot_cis.label_seq_id 
_struct_mon_prot_cis.label_asym_id 
_struct_mon_prot_cis.label_alt_id 
_struct_mon_prot_cis.pdbx_PDB_ins_code 
_struct_mon_prot_cis.auth_comp_id 
_struct_mon_prot_cis.auth_seq_id 
_struct_mon_prot_cis.auth_asym_id 
_struct_mon_prot_cis.pdbx_label_comp_id_2 
_struct_mon_prot_cis.pdbx_label_seq_id_2 
_struct_mon_prot_cis.pdbx_label_asym_id_2 
_struct_mon_prot_cis.pdbx_PDB_ins_code_2 
_struct_mon_prot_cis.pdbx_auth_comp_id_2 
_struct_mon_prot_cis.pdbx_auth_seq_id_2 
_struct_mon_prot_cis.pdbx_auth_asym_id_2 
_struct_mon_prot_cis.pdbx_PDB_model_num 
_struct_mon_prot_cis.pdbx_omega_angle 
1 ARG 65  A . ? ARG 65  A PRO 66  A ? PRO 66  A 1 -8.84 
2 GLY 116 A . ? GLY 116 A GLY 117 A ? GLY 117 A 1 5.68  
# 
loop_
_struct_sheet.id 
_struct_sheet.type 
_struct_sheet.number_strands 
_struct_sheet.details 
1 ? 8 ? 
2 ? 8 ? 
# 
loop_
_struct_sheet_order.sheet_id 
_struct_sheet_order.range_id_1 
_struct_sheet_order.range_id_2 
_struct_sheet_order.offset 
_struct_sheet_order.sense 
1 1 2 ? parallel      
1 2 3 ? parallel      
1 3 4 ? parallel      
1 4 5 ? parallel      
1 5 6 ? parallel      
1 6 7 ? anti-parallel 
1 7 8 ? anti-parallel 
2 1 2 ? parallel      
2 2 3 ? parallel      
2 3 4 ? parallel      
2 4 5 ? parallel      
2 5 6 ? parallel      
2 6 7 ? anti-parallel 
2 7 8 ? anti-parallel 
# 
loop_
_struct_sheet_range.sheet_id 
_struct_sheet_range.id 
_struct_sheet_range.beg_label_comp_id 
_struct_sheet_range.beg_label_asym_id 
_struct_sheet_range.beg_label_seq_id 
_struct_sheet_range.pdbx_beg_PDB_ins_code 
_struct_sheet_range.end_label_comp_id 
_struct_sheet_range.end_label_asym_id 
_struct_sheet_range.end_label_seq_id 
_struct_sheet_range.pdbx_end_PDB_ins_code 
_struct_sheet_range.beg_auth_comp_id 
_struct_sheet_range.beg_auth_asym_id 
_struct_sheet_range.beg_auth_seq_id 
_struct_sheet_range.end_auth_comp_id 
_struct_sheet_range.end_auth_asym_id 
_struct_sheet_range.end_auth_seq_id 
1 1 TYR A 88  ? SER A 90  ? TYR A 88  SER A 90  
1 2 ILE A 71  ? SER A 76  ? ILE A 71  SER A 76  
1 3 GLN A 47  ? GLY A 53  ? GLN A 47  GLY A 53  
1 4 LYS A 108 ? GLY A 116 ? LYS A 108 GLY A 116 
1 5 LEU A 4   ? VAL A 10  ? LEU A 4   VAL A 10  
1 6 ASN A 130 ? LEU A 139 ? ASN A 130 LEU A 139 
1 7 ILE A 175 ? SER A 185 ? ILE A 175 SER A 185 
1 8 LYS A 157 ? LEU A 159 ? LYS A 157 LEU A 159 
2 1 TYR A 88  ? SER A 90  ? TYR A 88  SER A 90  
2 2 ILE A 71  ? SER A 76  ? ILE A 71  SER A 76  
2 3 GLN A 47  ? GLY A 53  ? GLN A 47  GLY A 53  
2 4 LYS A 108 ? GLY A 116 ? LYS A 108 GLY A 116 
2 5 LEU A 4   ? VAL A 10  ? LEU A 4   VAL A 10  
2 6 ASN A 130 ? LEU A 139 ? ASN A 130 LEU A 139 
2 7 ILE A 175 ? SER A 185 ? ILE A 175 SER A 185 
2 8 ASP A 168 ? GLU A 172 ? ASP A 168 GLU A 172 
# 
loop_
_pdbx_struct_sheet_hbond.sheet_id 
_pdbx_struct_sheet_hbond.range_id_1 
_pdbx_struct_sheet_hbond.range_id_2 
_pdbx_struct_sheet_hbond.range_1_label_atom_id 
_pdbx_struct_sheet_hbond.range_1_label_comp_id 
_pdbx_struct_sheet_hbond.range_1_label_asym_id 
_pdbx_struct_sheet_hbond.range_1_label_seq_id 
_pdbx_struct_sheet_hbond.range_1_PDB_ins_code 
_pdbx_struct_sheet_hbond.range_1_auth_atom_id 
_pdbx_struct_sheet_hbond.range_1_auth_comp_id 
_pdbx_struct_sheet_hbond.range_1_auth_asym_id 
_pdbx_struct_sheet_hbond.range_1_auth_seq_id 
_pdbx_struct_sheet_hbond.range_2_label_atom_id 
_pdbx_struct_sheet_hbond.range_2_label_comp_id 
_pdbx_struct_sheet_hbond.range_2_label_asym_id 
_pdbx_struct_sheet_hbond.range_2_label_seq_id 
_pdbx_struct_sheet_hbond.range_2_PDB_ins_code 
_pdbx_struct_sheet_hbond.range_2_auth_atom_id 
_pdbx_struct_sheet_hbond.range_2_auth_comp_id 
_pdbx_struct_sheet_hbond.range_2_auth_asym_id 
_pdbx_struct_sheet_hbond.range_2_auth_seq_id 
1 1 2 O TYR A 88  ? O TYR A 88  N VAL A 74  ? N VAL A 74  
1 2 3 N ILE A 73  ? N ILE A 73  O GLY A 53  ? O GLY A 53  
1 3 4 N ILE A 51  ? N ILE A 51  O TRP A 113 ? O TRP A 113 
1 4 5 N ILE A 114 ? N ILE A 114 O ASN A 5   ? O ASN A 5   
1 5 6 O SER A 6   ? O SER A 6   N PHE A 134 ? N PHE A 134 
1 6 7 O LEU A 133 ? O LEU A 133 N TYR A 182 ? N TYR A 182 
1 7 8 N GLN A 183 ? N GLN A 183 O LYS A 157 ? O LYS A 157 
2 1 2 O TYR A 88  ? O TYR A 88  N VAL A 74  ? N VAL A 74  
2 2 3 N ILE A 73  ? N ILE A 73  O GLY A 53  ? O GLY A 53  
2 3 4 N ILE A 51  ? N ILE A 51  O TRP A 113 ? O TRP A 113 
2 4 5 N ILE A 114 ? N ILE A 114 O ASN A 5   ? O ASN A 5   
2 5 6 O SER A 6   ? O SER A 6   N PHE A 134 ? N PHE A 134 
2 6 7 O LEU A 133 ? O LEU A 133 N TYR A 182 ? N TYR A 182 
2 7 8 N TYR A 177 ? N TYR A 177 O GLN A 170 ? O GLN A 170 
# 
loop_
_struct_site.id 
_struct_site.pdbx_evidence_code 
_struct_site.pdbx_auth_asym_id 
_struct_site.pdbx_auth_comp_id 
_struct_site.pdbx_auth_seq_id 
_struct_site.pdbx_auth_ins_code 
_struct_site.pdbx_num_residues 
_struct_site.details 
AC1 Software A CA  200 ? 8  'BINDING SITE FOR RESIDUE CA A 200'  
AC2 Software A NAP 191 ? 34 'BINDING SITE FOR RESIDUE NAP A 191' 
AC3 Software A MBO 201 ? 7  'BINDING SITE FOR RESIDUE MBO A 201' 
# 
loop_
_struct_site_gen.id 
_struct_site_gen.site_id 
_struct_site_gen.pdbx_num_res 
_struct_site_gen.label_comp_id 
_struct_site_gen.label_asym_id 
_struct_site_gen.label_seq_id 
_struct_site_gen.pdbx_auth_ins_code 
_struct_site_gen.auth_comp_id 
_struct_site_gen.auth_asym_id 
_struct_site_gen.auth_seq_id 
_struct_site_gen.label_atom_id 
_struct_site_gen.label_alt_id 
_struct_site_gen.symmetry 
_struct_site_gen.details 
1  AC1 8  GLU A 78  ? GLU A 78  . ? 1_555 ? 
2  AC1 8  GLU A 78  ? GLU A 78  . ? 2_656 ? 
3  AC1 8  NAP C .   ? NAP A 191 . ? 2_656 ? 
4  AC1 8  NAP C .   ? NAP A 191 . ? 1_555 ? 
5  AC1 8  HOH E .   ? HOH A 278 . ? 1_555 ? 
6  AC1 8  HOH E .   ? HOH A 278 . ? 2_656 ? 
7  AC1 8  HOH E .   ? HOH A 707 . ? 2_656 ? 
8  AC1 8  HOH E .   ? HOH A 707 . ? 1_555 ? 
9  AC2 34 VAL A 8   ? VAL A 8   . ? 1_555 ? 
10 AC2 34 ALA A 9   ? ALA A 9   . ? 1_555 ? 
11 AC2 34 ILE A 16  ? ILE A 16  . ? 1_555 ? 
12 AC2 34 GLY A 17  ? GLY A 17  . ? 1_555 ? 
13 AC2 34 GLY A 20  ? GLY A 20  . ? 1_555 ? 
14 AC2 34 ASN A 21  ? ASN A 21  . ? 1_555 ? 
15 AC2 34 LEU A 22  ? LEU A 22  . ? 1_555 ? 
16 AC2 34 GLY A 53  ? GLY A 53  . ? 1_555 ? 
17 AC2 34 LYS A 54  ? LYS A 54  . ? 1_555 ? 
18 AC2 34 LYS A 55  ? LYS A 55  . ? 1_555 ? 
19 AC2 34 THR A 56  ? THR A 56  . ? 1_555 ? 
20 AC2 34 LEU A 75  ? LEU A 75  . ? 1_555 ? 
21 AC2 34 SER A 76  ? SER A 76  . ? 1_555 ? 
22 AC2 34 ARG A 77  ? ARG A 77  . ? 1_555 ? 
23 AC2 34 GLU A 78  ? GLU A 78  . ? 2_656 ? 
24 AC2 34 GLU A 78  ? GLU A 78  . ? 1_555 ? 
25 AC2 34 LYS A 91  ? LYS A 91  . ? 1_555 ? 
26 AC2 34 SER A 92  ? SER A 92  . ? 1_555 ? 
27 AC2 34 VAL A 115 ? VAL A 115 . ? 1_555 ? 
28 AC2 34 GLY A 117 ? GLY A 117 . ? 1_555 ? 
29 AC2 34 THR A 118 ? THR A 118 . ? 1_555 ? 
30 AC2 34 ALA A 119 ? ALA A 119 . ? 1_555 ? 
31 AC2 34 VAL A 120 ? VAL A 120 . ? 1_555 ? 
32 AC2 34 TYR A 121 ? TYR A 121 . ? 1_555 ? 
33 AC2 34 CA  B .   ? CA  A 200 . ? 2_656 ? 
34 AC2 34 CA  B .   ? CA  A 200 . ? 1_555 ? 
35 AC2 34 HOH E .   ? HOH A 220 . ? 1_555 ? 
36 AC2 34 HOH E .   ? HOH A 278 . ? 1_555 ? 
37 AC2 34 HOH E .   ? HOH A 318 . ? 1_555 ? 
38 AC2 34 HOH E .   ? HOH A 392 . ? 1_555 ? 
39 AC2 34 HOH E .   ? HOH A 393 . ? 1_555 ? 
40 AC2 34 HOH E .   ? HOH A 493 . ? 1_555 ? 
41 AC2 34 HOH E .   ? HOH A 613 . ? 1_555 ? 
42 AC2 34 HOH E .   ? HOH A 648 . ? 1_555 ? 
43 AC3 7  CYS A 11  ? CYS A 11  . ? 1_555 ? 
44 AC3 7  GLN A 12  ? GLN A 12  . ? 1_555 ? 
45 AC3 7  ASN A 13  ? ASN A 13  . ? 1_555 ? 
46 AC3 7  HIS A 140 ? HIS A 140 . ? 1_555 ? 
47 AC3 7  GLU A 141 ? GLU A 141 . ? 1_555 ? 
48 AC3 7  PHE A 142 ? PHE A 142 . ? 1_555 ? 
49 AC3 7  SER A 144 ? SER A 144 . ? 1_555 ? 
# 
loop_
_pdbx_validate_rmsd_angle.id 
_pdbx_validate_rmsd_angle.PDB_model_num 
_pdbx_validate_rmsd_angle.auth_atom_id_1 
_pdbx_validate_rmsd_angle.auth_asym_id_1 
_pdbx_validate_rmsd_angle.auth_comp_id_1 
_pdbx_validate_rmsd_angle.auth_seq_id_1 
_pdbx_validate_rmsd_angle.PDB_ins_code_1 
_pdbx_validate_rmsd_angle.label_alt_id_1 
_pdbx_validate_rmsd_angle.auth_atom_id_2 
_pdbx_validate_rmsd_angle.auth_asym_id_2 
_pdbx_validate_rmsd_angle.auth_comp_id_2 
_pdbx_validate_rmsd_angle.auth_seq_id_2 
_pdbx_validate_rmsd_angle.PDB_ins_code_2 
_pdbx_validate_rmsd_angle.label_alt_id_2 
_pdbx_validate_rmsd_angle.auth_atom_id_3 
_pdbx_validate_rmsd_angle.auth_asym_id_3 
_pdbx_validate_rmsd_angle.auth_comp_id_3 
_pdbx_validate_rmsd_angle.auth_seq_id_3 
_pdbx_validate_rmsd_angle.PDB_ins_code_3 
_pdbx_validate_rmsd_angle.label_alt_id_3 
_pdbx_validate_rmsd_angle.angle_value 
_pdbx_validate_rmsd_angle.angle_target_value 
_pdbx_validate_rmsd_angle.angle_deviation 
_pdbx_validate_rmsd_angle.angle_standard_deviation 
_pdbx_validate_rmsd_angle.linker_flag 
1  1 CB  A CYS 11  ? A CA A CYS 11  ? ? C   A CYS 11  ? ? 121.06 111.50 9.56  1.20 N 
2  1 CB  A CYS 11  ? B CA A CYS 11  ? ? C   A CYS 11  ? ? 124.54 111.50 13.04 1.20 N 
3  1 N   A CYS 11  ? ? CA A CYS 11  ? ? CB  A CYS 11  ? B 119.99 110.80 9.19  1.50 N 
4  1 CA  A GLU 44  ? ? CB A GLU 44  ? ? CG  A GLU 44  ? ? 132.05 113.40 18.65 2.20 N 
5  1 NE  A ARG 70  ? ? CZ A ARG 70  ? ? NH1 A ARG 70  ? ? 124.44 120.30 4.14  0.50 N 
6  1 NE  A ARG 77  ? ? CZ A ARG 77  ? ? NH1 A ARG 77  ? ? 123.90 120.30 3.60  0.50 N 
7  1 CB  A LEU 97  ? ? CA A LEU 97  ? ? C   A LEU 97  ? ? 124.59 110.20 14.39 1.90 N 
8  1 OE1 A GLU 126 ? ? CD A GLU 126 ? ? OE2 A GLU 126 ? ? 131.67 123.30 8.37  1.20 N 
9  1 NE  A ARG 132 ? ? CZ A ARG 132 ? ? NH2 A ARG 132 ? ? 115.80 120.30 -4.50 0.50 N 
10 1 NE  A ARG 137 ? ? CZ A ARG 137 ? ? NH1 A ARG 137 ? ? 115.13 120.30 -5.17 0.50 N 
11 1 CB  A ASP 168 ? ? CG A ASP 168 ? ? OD1 A ASP 168 ? ? 125.11 118.30 6.81  0.90 N 
# 
loop_
_pdbx_validate_torsion.id 
_pdbx_validate_torsion.PDB_model_num 
_pdbx_validate_torsion.auth_comp_id 
_pdbx_validate_torsion.auth_asym_id 
_pdbx_validate_torsion.auth_seq_id 
_pdbx_validate_torsion.PDB_ins_code 
_pdbx_validate_torsion.label_alt_id 
_pdbx_validate_torsion.phi 
_pdbx_validate_torsion.psi 
1 1 SER A 76  ? ? -170.14 131.61 
2 1 ASP A 110 ? ? -89.78  -85.73 
3 1 LEU A 139 ? ? -71.83  39.78  
4 1 PRO A 163 ? ? -47.89  109.15 
# 
loop_
_pdbx_struct_special_symmetry.id 
_pdbx_struct_special_symmetry.PDB_model_num 
_pdbx_struct_special_symmetry.auth_asym_id 
_pdbx_struct_special_symmetry.auth_comp_id 
_pdbx_struct_special_symmetry.auth_seq_id 
_pdbx_struct_special_symmetry.PDB_ins_code 
_pdbx_struct_special_symmetry.label_asym_id 
_pdbx_struct_special_symmetry.label_comp_id 
_pdbx_struct_special_symmetry.label_seq_id 
1 1 A CA  200 ? B CA  . 
2 1 A HOH 707 ? E HOH . 
# 
loop_
_pdbx_database_remark.id 
_pdbx_database_remark.text 
650 
;HELIX
RESIDUES 21-26 (NLPWPP) FORM A LEFT-HANDED POLYPROLINE HELIX.

RESIDUES LYS 108 AND VAL 109 PARTICIPATE IN BOTH HELIX 
EP AND BETA STRAND E.

;
700 
;SHEET
RESIDUES ASP 110 AND MET 111 FORM A BETA-BULGE IN STRAND E.

RESIDUES VAL 115 AND GLY 116 FORM A BETA-BULGE IN STRAND E.

TIGHT TURN 7 (RESIDUES 162-165) DISRUPT LAST STRAND OF SHEET 
INTO 2 STRANDS 8 AND 9.  THIS STRAND IS CONTINUOUS IN 
(E. COLI).  A BETA BULGE IS PRESENT HERE IN (L. CASEI).

RESIDUES GLU 172 AND ILE 175 PARTICIPATE IN BOTH TIGHT-TURN 8 
AND BETA STRANDS 7 AND 9.
;
# 
loop_
_pdbx_unobs_or_zero_occ_residues.id 
_pdbx_unobs_or_zero_occ_residues.PDB_model_num 
_pdbx_unobs_or_zero_occ_residues.polymer_flag 
_pdbx_unobs_or_zero_occ_residues.occupancy_flag 
_pdbx_unobs_or_zero_occ_residues.auth_asym_id 
_pdbx_unobs_or_zero_occ_residues.auth_comp_id 
_pdbx_unobs_or_zero_occ_residues.auth_seq_id 
_pdbx_unobs_or_zero_occ_residues.PDB_ins_code 
_pdbx_unobs_or_zero_occ_residues.label_asym_id 
_pdbx_unobs_or_zero_occ_residues.label_comp_id 
_pdbx_unobs_or_zero_occ_residues.label_seq_id 
1 1 Y 1 A LEU 187 ? A LEU 187 
2 1 Y 1 A ALA 188 ? A ALA 188 
3 1 Y 1 A GLN 189 ? A GLN 189 
# 
loop_
_chem_comp_atom.comp_id 
_chem_comp_atom.atom_id 
_chem_comp_atom.type_symbol 
_chem_comp_atom.pdbx_aromatic_flag 
_chem_comp_atom.pdbx_stereo_config 
_chem_comp_atom.pdbx_ordinal 
ALA N    N  N N 1   
ALA CA   C  N S 2   
ALA C    C  N N 3   
ALA O    O  N N 4   
ALA CB   C  N N 5   
ALA OXT  O  N N 6   
ALA H    H  N N 7   
ALA H2   H  N N 8   
ALA HA   H  N N 9   
ALA HB1  H  N N 10  
ALA HB2  H  N N 11  
ALA HB3  H  N N 12  
ALA HXT  H  N N 13  
ARG N    N  N N 14  
ARG CA   C  N S 15  
ARG C    C  N N 16  
ARG O    O  N N 17  
ARG CB   C  N N 18  
ARG CG   C  N N 19  
ARG CD   C  N N 20  
ARG NE   N  N N 21  
ARG CZ   C  N N 22  
ARG NH1  N  N N 23  
ARG NH2  N  N N 24  
ARG OXT  O  N N 25  
ARG H    H  N N 26  
ARG H2   H  N N 27  
ARG HA   H  N N 28  
ARG HB2  H  N N 29  
ARG HB3  H  N N 30  
ARG HG2  H  N N 31  
ARG HG3  H  N N 32  
ARG HD2  H  N N 33  
ARG HD3  H  N N 34  
ARG HE   H  N N 35  
ARG HH11 H  N N 36  
ARG HH12 H  N N 37  
ARG HH21 H  N N 38  
ARG HH22 H  N N 39  
ARG HXT  H  N N 40  
ASN N    N  N N 41  
ASN CA   C  N S 42  
ASN C    C  N N 43  
ASN O    O  N N 44  
ASN CB   C  N N 45  
ASN CG   C  N N 46  
ASN OD1  O  N N 47  
ASN ND2  N  N N 48  
ASN OXT  O  N N 49  
ASN H    H  N N 50  
ASN H2   H  N N 51  
ASN HA   H  N N 52  
ASN HB2  H  N N 53  
ASN HB3  H  N N 54  
ASN HD21 H  N N 55  
ASN HD22 H  N N 56  
ASN HXT  H  N N 57  
ASP N    N  N N 58  
ASP CA   C  N S 59  
ASP C    C  N N 60  
ASP O    O  N N 61  
ASP CB   C  N N 62  
ASP CG   C  N N 63  
ASP OD1  O  N N 64  
ASP OD2  O  N N 65  
ASP OXT  O  N N 66  
ASP H    H  N N 67  
ASP H2   H  N N 68  
ASP HA   H  N N 69  
ASP HB2  H  N N 70  
ASP HB3  H  N N 71  
ASP HD2  H  N N 72  
ASP HXT  H  N N 73  
CA  CA   CA N N 74  
CYS N    N  N N 75  
CYS CA   C  N R 76  
CYS C    C  N N 77  
CYS O    O  N N 78  
CYS CB   C  N N 79  
CYS SG   S  N N 80  
CYS OXT  O  N N 81  
CYS H    H  N N 82  
CYS H2   H  N N 83  
CYS HA   H  N N 84  
CYS HB2  H  N N 85  
CYS HB3  H  N N 86  
CYS HG   H  N N 87  
CYS HXT  H  N N 88  
GLN N    N  N N 89  
GLN CA   C  N S 90  
GLN C    C  N N 91  
GLN O    O  N N 92  
GLN CB   C  N N 93  
GLN CG   C  N N 94  
GLN CD   C  N N 95  
GLN OE1  O  N N 96  
GLN NE2  N  N N 97  
GLN OXT  O  N N 98  
GLN H    H  N N 99  
GLN H2   H  N N 100 
GLN HA   H  N N 101 
GLN HB2  H  N N 102 
GLN HB3  H  N N 103 
GLN HG2  H  N N 104 
GLN HG3  H  N N 105 
GLN HE21 H  N N 106 
GLN HE22 H  N N 107 
GLN HXT  H  N N 108 
GLU N    N  N N 109 
GLU CA   C  N S 110 
GLU C    C  N N 111 
GLU O    O  N N 112 
GLU CB   C  N N 113 
GLU CG   C  N N 114 
GLU CD   C  N N 115 
GLU OE1  O  N N 116 
GLU OE2  O  N N 117 
GLU OXT  O  N N 118 
GLU H    H  N N 119 
GLU H2   H  N N 120 
GLU HA   H  N N 121 
GLU HB2  H  N N 122 
GLU HB3  H  N N 123 
GLU HG2  H  N N 124 
GLU HG3  H  N N 125 
GLU HE2  H  N N 126 
GLU HXT  H  N N 127 
GLY N    N  N N 128 
GLY CA   C  N N 129 
GLY C    C  N N 130 
GLY O    O  N N 131 
GLY OXT  O  N N 132 
GLY H    H  N N 133 
GLY H2   H  N N 134 
GLY HA2  H  N N 135 
GLY HA3  H  N N 136 
GLY HXT  H  N N 137 
HIS N    N  N N 138 
HIS CA   C  N S 139 
HIS C    C  N N 140 
HIS O    O  N N 141 
HIS CB   C  N N 142 
HIS CG   C  Y N 143 
HIS ND1  N  Y N 144 
HIS CD2  C  Y N 145 
HIS CE1  C  Y N 146 
HIS NE2  N  Y N 147 
HIS OXT  O  N N 148 
HIS H    H  N N 149 
HIS H2   H  N N 150 
HIS HA   H  N N 151 
HIS HB2  H  N N 152 
HIS HB3  H  N N 153 
HIS HD1  H  N N 154 
HIS HD2  H  N N 155 
HIS HE1  H  N N 156 
HIS HE2  H  N N 157 
HIS HXT  H  N N 158 
HOH O    O  N N 159 
HOH H1   H  N N 160 
HOH H2   H  N N 161 
ILE N    N  N N 162 
ILE CA   C  N S 163 
ILE C    C  N N 164 
ILE O    O  N N 165 
ILE CB   C  N S 166 
ILE CG1  C  N N 167 
ILE CG2  C  N N 168 
ILE CD1  C  N N 169 
ILE OXT  O  N N 170 
ILE H    H  N N 171 
ILE H2   H  N N 172 
ILE HA   H  N N 173 
ILE HB   H  N N 174 
ILE HG12 H  N N 175 
ILE HG13 H  N N 176 
ILE HG21 H  N N 177 
ILE HG22 H  N N 178 
ILE HG23 H  N N 179 
ILE HD11 H  N N 180 
ILE HD12 H  N N 181 
ILE HD13 H  N N 182 
ILE HXT  H  N N 183 
LEU N    N  N N 184 
LEU CA   C  N S 185 
LEU C    C  N N 186 
LEU O    O  N N 187 
LEU CB   C  N N 188 
LEU CG   C  N N 189 
LEU CD1  C  N N 190 
LEU CD2  C  N N 191 
LEU OXT  O  N N 192 
LEU H    H  N N 193 
LEU H2   H  N N 194 
LEU HA   H  N N 195 
LEU HB2  H  N N 196 
LEU HB3  H  N N 197 
LEU HG   H  N N 198 
LEU HD11 H  N N 199 
LEU HD12 H  N N 200 
LEU HD13 H  N N 201 
LEU HD21 H  N N 202 
LEU HD22 H  N N 203 
LEU HD23 H  N N 204 
LEU HXT  H  N N 205 
LYS N    N  N N 206 
LYS CA   C  N S 207 
LYS C    C  N N 208 
LYS O    O  N N 209 
LYS CB   C  N N 210 
LYS CG   C  N N 211 
LYS CD   C  N N 212 
LYS CE   C  N N 213 
LYS NZ   N  N N 214 
LYS OXT  O  N N 215 
LYS H    H  N N 216 
LYS H2   H  N N 217 
LYS HA   H  N N 218 
LYS HB2  H  N N 219 
LYS HB3  H  N N 220 
LYS HG2  H  N N 221 
LYS HG3  H  N N 222 
LYS HD2  H  N N 223 
LYS HD3  H  N N 224 
LYS HE2  H  N N 225 
LYS HE3  H  N N 226 
LYS HZ1  H  N N 227 
LYS HZ2  H  N N 228 
LYS HZ3  H  N N 229 
LYS HXT  H  N N 230 
MBO HG   HG N N 231 
MBO CE1  C  Y N 232 
MBO CE2  C  Y N 233 
MBO CE3  C  Y N 234 
MBO CE4  C  Y N 235 
MBO CE5  C  Y N 236 
MBO CE6  C  Y N 237 
MBO CZ   C  N N 238 
MBO OZ1  O  N N 239 
MBO OZ2  O  N N 240 
MBO HE2  H  N N 241 
MBO HE3  H  N N 242 
MBO HE5  H  N N 243 
MBO HE6  H  N N 244 
MBO HZ2  H  N N 245 
MET N    N  N N 246 
MET CA   C  N S 247 
MET C    C  N N 248 
MET O    O  N N 249 
MET CB   C  N N 250 
MET CG   C  N N 251 
MET SD   S  N N 252 
MET CE   C  N N 253 
MET OXT  O  N N 254 
MET H    H  N N 255 
MET H2   H  N N 256 
MET HA   H  N N 257 
MET HB2  H  N N 258 
MET HB3  H  N N 259 
MET HG2  H  N N 260 
MET HG3  H  N N 261 
MET HE1  H  N N 262 
MET HE2  H  N N 263 
MET HE3  H  N N 264 
MET HXT  H  N N 265 
NAP PA   P  N R 266 
NAP O1A  O  N N 267 
NAP O2A  O  N N 268 
NAP O5B  O  N N 269 
NAP C5B  C  N N 270 
NAP C4B  C  N R 271 
NAP O4B  O  N N 272 
NAP C3B  C  N R 273 
NAP O3B  O  N N 274 
NAP C2B  C  N R 275 
NAP O2B  O  N N 276 
NAP C1B  C  N R 277 
NAP N9A  N  Y N 278 
NAP C8A  C  Y N 279 
NAP N7A  N  Y N 280 
NAP C5A  C  Y N 281 
NAP C6A  C  Y N 282 
NAP N6A  N  N N 283 
NAP N1A  N  Y N 284 
NAP C2A  C  Y N 285 
NAP N3A  N  Y N 286 
NAP C4A  C  Y N 287 
NAP O3   O  N N 288 
NAP PN   P  N N 289 
NAP O1N  O  N N 290 
NAP O2N  O  N N 291 
NAP O5D  O  N N 292 
NAP C5D  C  N N 293 
NAP C4D  C  N R 294 
NAP O4D  O  N N 295 
NAP C3D  C  N S 296 
NAP O3D  O  N N 297 
NAP C2D  C  N R 298 
NAP O2D  O  N N 299 
NAP C1D  C  N R 300 
NAP N1N  N  Y N 301 
NAP C2N  C  Y N 302 
NAP C3N  C  Y N 303 
NAP C7N  C  N N 304 
NAP O7N  O  N N 305 
NAP N7N  N  N N 306 
NAP C4N  C  Y N 307 
NAP C5N  C  Y N 308 
NAP C6N  C  Y N 309 
NAP P2B  P  N N 310 
NAP O1X  O  N N 311 
NAP O2X  O  N N 312 
NAP O3X  O  N N 313 
NAP HOA2 H  N N 314 
NAP H51A H  N N 315 
NAP H52A H  N N 316 
NAP H4B  H  N N 317 
NAP H3B  H  N N 318 
NAP HO3A H  N N 319 
NAP H2B  H  N N 320 
NAP H1B  H  N N 321 
NAP H8A  H  N N 322 
NAP H61A H  N N 323 
NAP H62A H  N N 324 
NAP H2A  H  N N 325 
NAP H51N H  N N 326 
NAP H52N H  N N 327 
NAP H4D  H  N N 328 
NAP H3D  H  N N 329 
NAP HO3N H  N N 330 
NAP H2D  H  N N 331 
NAP HO2N H  N N 332 
NAP H1D  H  N N 333 
NAP H2N  H  N N 334 
NAP H71N H  N N 335 
NAP H72N H  N N 336 
NAP H4N  H  N N 337 
NAP H5N  H  N N 338 
NAP H6N  H  N N 339 
NAP HOP2 H  N N 340 
NAP HOP3 H  N N 341 
PHE N    N  N N 342 
PHE CA   C  N S 343 
PHE C    C  N N 344 
PHE O    O  N N 345 
PHE CB   C  N N 346 
PHE CG   C  Y N 347 
PHE CD1  C  Y N 348 
PHE CD2  C  Y N 349 
PHE CE1  C  Y N 350 
PHE CE2  C  Y N 351 
PHE CZ   C  Y N 352 
PHE OXT  O  N N 353 
PHE H    H  N N 354 
PHE H2   H  N N 355 
PHE HA   H  N N 356 
PHE HB2  H  N N 357 
PHE HB3  H  N N 358 
PHE HD1  H  N N 359 
PHE HD2  H  N N 360 
PHE HE1  H  N N 361 
PHE HE2  H  N N 362 
PHE HZ   H  N N 363 
PHE HXT  H  N N 364 
PRO N    N  N N 365 
PRO CA   C  N S 366 
PRO C    C  N N 367 
PRO O    O  N N 368 
PRO CB   C  N N 369 
PRO CG   C  N N 370 
PRO CD   C  N N 371 
PRO OXT  O  N N 372 
PRO H    H  N N 373 
PRO HA   H  N N 374 
PRO HB2  H  N N 375 
PRO HB3  H  N N 376 
PRO HG2  H  N N 377 
PRO HG3  H  N N 378 
PRO HD2  H  N N 379 
PRO HD3  H  N N 380 
PRO HXT  H  N N 381 
SER N    N  N N 382 
SER CA   C  N S 383 
SER C    C  N N 384 
SER O    O  N N 385 
SER CB   C  N N 386 
SER OG   O  N N 387 
SER OXT  O  N N 388 
SER H    H  N N 389 
SER H2   H  N N 390 
SER HA   H  N N 391 
SER HB2  H  N N 392 
SER HB3  H  N N 393 
SER HG   H  N N 394 
SER HXT  H  N N 395 
THR N    N  N N 396 
THR CA   C  N S 397 
THR C    C  N N 398 
THR O    O  N N 399 
THR CB   C  N R 400 
THR OG1  O  N N 401 
THR CG2  C  N N 402 
THR OXT  O  N N 403 
THR H    H  N N 404 
THR H2   H  N N 405 
THR HA   H  N N 406 
THR HB   H  N N 407 
THR HG1  H  N N 408 
THR HG21 H  N N 409 
THR HG22 H  N N 410 
THR HG23 H  N N 411 
THR HXT  H  N N 412 
TRP N    N  N N 413 
TRP CA   C  N S 414 
TRP C    C  N N 415 
TRP O    O  N N 416 
TRP CB   C  N N 417 
TRP CG   C  Y N 418 
TRP CD1  C  Y N 419 
TRP CD2  C  Y N 420 
TRP NE1  N  Y N 421 
TRP CE2  C  Y N 422 
TRP CE3  C  Y N 423 
TRP CZ2  C  Y N 424 
TRP CZ3  C  Y N 425 
TRP CH2  C  Y N 426 
TRP OXT  O  N N 427 
TRP H    H  N N 428 
TRP H2   H  N N 429 
TRP HA   H  N N 430 
TRP HB2  H  N N 431 
TRP HB3  H  N N 432 
TRP HD1  H  N N 433 
TRP HE1  H  N N 434 
TRP HE3  H  N N 435 
TRP HZ2  H  N N 436 
TRP HZ3  H  N N 437 
TRP HH2  H  N N 438 
TRP HXT  H  N N 439 
TYR N    N  N N 440 
TYR CA   C  N S 441 
TYR C    C  N N 442 
TYR O    O  N N 443 
TYR CB   C  N N 444 
TYR CG   C  Y N 445 
TYR CD1  C  Y N 446 
TYR CD2  C  Y N 447 
TYR CE1  C  Y N 448 
TYR CE2  C  Y N 449 
TYR CZ   C  Y N 450 
TYR OH   O  N N 451 
TYR OXT  O  N N 452 
TYR H    H  N N 453 
TYR H2   H  N N 454 
TYR HA   H  N N 455 
TYR HB2  H  N N 456 
TYR HB3  H  N N 457 
TYR HD1  H  N N 458 
TYR HD2  H  N N 459 
TYR HE1  H  N N 460 
TYR HE2  H  N N 461 
TYR HH   H  N N 462 
TYR HXT  H  N N 463 
VAL N    N  N N 464 
VAL CA   C  N S 465 
VAL C    C  N N 466 
VAL O    O  N N 467 
VAL CB   C  N N 468 
VAL CG1  C  N N 469 
VAL CG2  C  N N 470 
VAL OXT  O  N N 471 
VAL H    H  N N 472 
VAL H2   H  N N 473 
VAL HA   H  N N 474 
VAL HB   H  N N 475 
VAL HG11 H  N N 476 
VAL HG12 H  N N 477 
VAL HG13 H  N N 478 
VAL HG21 H  N N 479 
VAL HG22 H  N N 480 
VAL HG23 H  N N 481 
VAL HXT  H  N N 482 
# 
loop_
_chem_comp_bond.comp_id 
_chem_comp_bond.atom_id_1 
_chem_comp_bond.atom_id_2 
_chem_comp_bond.value_order 
_chem_comp_bond.pdbx_aromatic_flag 
_chem_comp_bond.pdbx_stereo_config 
_chem_comp_bond.pdbx_ordinal 
ALA N   CA   sing N N 1   
ALA N   H    sing N N 2   
ALA N   H2   sing N N 3   
ALA CA  C    sing N N 4   
ALA CA  CB   sing N N 5   
ALA CA  HA   sing N N 6   
ALA C   O    doub N N 7   
ALA C   OXT  sing N N 8   
ALA CB  HB1  sing N N 9   
ALA CB  HB2  sing N N 10  
ALA CB  HB3  sing N N 11  
ALA OXT HXT  sing N N 12  
ARG N   CA   sing N N 13  
ARG N   H    sing N N 14  
ARG N   H2   sing N N 15  
ARG CA  C    sing N N 16  
ARG CA  CB   sing N N 17  
ARG CA  HA   sing N N 18  
ARG C   O    doub N N 19  
ARG C   OXT  sing N N 20  
ARG CB  CG   sing N N 21  
ARG CB  HB2  sing N N 22  
ARG CB  HB3  sing N N 23  
ARG CG  CD   sing N N 24  
ARG CG  HG2  sing N N 25  
ARG CG  HG3  sing N N 26  
ARG CD  NE   sing N N 27  
ARG CD  HD2  sing N N 28  
ARG CD  HD3  sing N N 29  
ARG NE  CZ   sing N N 30  
ARG NE  HE   sing N N 31  
ARG CZ  NH1  sing N N 32  
ARG CZ  NH2  doub N N 33  
ARG NH1 HH11 sing N N 34  
ARG NH1 HH12 sing N N 35  
ARG NH2 HH21 sing N N 36  
ARG NH2 HH22 sing N N 37  
ARG OXT HXT  sing N N 38  
ASN N   CA   sing N N 39  
ASN N   H    sing N N 40  
ASN N   H2   sing N N 41  
ASN CA  C    sing N N 42  
ASN CA  CB   sing N N 43  
ASN CA  HA   sing N N 44  
ASN C   O    doub N N 45  
ASN C   OXT  sing N N 46  
ASN CB  CG   sing N N 47  
ASN CB  HB2  sing N N 48  
ASN CB  HB3  sing N N 49  
ASN CG  OD1  doub N N 50  
ASN CG  ND2  sing N N 51  
ASN ND2 HD21 sing N N 52  
ASN ND2 HD22 sing N N 53  
ASN OXT HXT  sing N N 54  
ASP N   CA   sing N N 55  
ASP N   H    sing N N 56  
ASP N   H2   sing N N 57  
ASP CA  C    sing N N 58  
ASP CA  CB   sing N N 59  
ASP CA  HA   sing N N 60  
ASP C   O    doub N N 61  
ASP C   OXT  sing N N 62  
ASP CB  CG   sing N N 63  
ASP CB  HB2  sing N N 64  
ASP CB  HB3  sing N N 65  
ASP CG  OD1  doub N N 66  
ASP CG  OD2  sing N N 67  
ASP OD2 HD2  sing N N 68  
ASP OXT HXT  sing N N 69  
CYS N   CA   sing N N 70  
CYS N   H    sing N N 71  
CYS N   H2   sing N N 72  
CYS CA  C    sing N N 73  
CYS CA  CB   sing N N 74  
CYS CA  HA   sing N N 75  
CYS C   O    doub N N 76  
CYS C   OXT  sing N N 77  
CYS CB  SG   sing N N 78  
CYS CB  HB2  sing N N 79  
CYS CB  HB3  sing N N 80  
CYS SG  HG   sing N N 81  
CYS OXT HXT  sing N N 82  
GLN N   CA   sing N N 83  
GLN N   H    sing N N 84  
GLN N   H2   sing N N 85  
GLN CA  C    sing N N 86  
GLN CA  CB   sing N N 87  
GLN CA  HA   sing N N 88  
GLN C   O    doub N N 89  
GLN C   OXT  sing N N 90  
GLN CB  CG   sing N N 91  
GLN CB  HB2  sing N N 92  
GLN CB  HB3  sing N N 93  
GLN CG  CD   sing N N 94  
GLN CG  HG2  sing N N 95  
GLN CG  HG3  sing N N 96  
GLN CD  OE1  doub N N 97  
GLN CD  NE2  sing N N 98  
GLN NE2 HE21 sing N N 99  
GLN NE2 HE22 sing N N 100 
GLN OXT HXT  sing N N 101 
GLU N   CA   sing N N 102 
GLU N   H    sing N N 103 
GLU N   H2   sing N N 104 
GLU CA  C    sing N N 105 
GLU CA  CB   sing N N 106 
GLU CA  HA   sing N N 107 
GLU C   O    doub N N 108 
GLU C   OXT  sing N N 109 
GLU CB  CG   sing N N 110 
GLU CB  HB2  sing N N 111 
GLU CB  HB3  sing N N 112 
GLU CG  CD   sing N N 113 
GLU CG  HG2  sing N N 114 
GLU CG  HG3  sing N N 115 
GLU CD  OE1  doub N N 116 
GLU CD  OE2  sing N N 117 
GLU OE2 HE2  sing N N 118 
GLU OXT HXT  sing N N 119 
GLY N   CA   sing N N 120 
GLY N   H    sing N N 121 
GLY N   H2   sing N N 122 
GLY CA  C    sing N N 123 
GLY CA  HA2  sing N N 124 
GLY CA  HA3  sing N N 125 
GLY C   O    doub N N 126 
GLY C   OXT  sing N N 127 
GLY OXT HXT  sing N N 128 
HIS N   CA   sing N N 129 
HIS N   H    sing N N 130 
HIS N   H2   sing N N 131 
HIS CA  C    sing N N 132 
HIS CA  CB   sing N N 133 
HIS CA  HA   sing N N 134 
HIS C   O    doub N N 135 
HIS C   OXT  sing N N 136 
HIS CB  CG   sing N N 137 
HIS CB  HB2  sing N N 138 
HIS CB  HB3  sing N N 139 
HIS CG  ND1  sing Y N 140 
HIS CG  CD2  doub Y N 141 
HIS ND1 CE1  doub Y N 142 
HIS ND1 HD1  sing N N 143 
HIS CD2 NE2  sing Y N 144 
HIS CD2 HD2  sing N N 145 
HIS CE1 NE2  sing Y N 146 
HIS CE1 HE1  sing N N 147 
HIS NE2 HE2  sing N N 148 
HIS OXT HXT  sing N N 149 
HOH O   H1   sing N N 150 
HOH O   H2   sing N N 151 
ILE N   CA   sing N N 152 
ILE N   H    sing N N 153 
ILE N   H2   sing N N 154 
ILE CA  C    sing N N 155 
ILE CA  CB   sing N N 156 
ILE CA  HA   sing N N 157 
ILE C   O    doub N N 158 
ILE C   OXT  sing N N 159 
ILE CB  CG1  sing N N 160 
ILE CB  CG2  sing N N 161 
ILE CB  HB   sing N N 162 
ILE CG1 CD1  sing N N 163 
ILE CG1 HG12 sing N N 164 
ILE CG1 HG13 sing N N 165 
ILE CG2 HG21 sing N N 166 
ILE CG2 HG22 sing N N 167 
ILE CG2 HG23 sing N N 168 
ILE CD1 HD11 sing N N 169 
ILE CD1 HD12 sing N N 170 
ILE CD1 HD13 sing N N 171 
ILE OXT HXT  sing N N 172 
LEU N   CA   sing N N 173 
LEU N   H    sing N N 174 
LEU N   H2   sing N N 175 
LEU CA  C    sing N N 176 
LEU CA  CB   sing N N 177 
LEU CA  HA   sing N N 178 
LEU C   O    doub N N 179 
LEU C   OXT  sing N N 180 
LEU CB  CG   sing N N 181 
LEU CB  HB2  sing N N 182 
LEU CB  HB3  sing N N 183 
LEU CG  CD1  sing N N 184 
LEU CG  CD2  sing N N 185 
LEU CG  HG   sing N N 186 
LEU CD1 HD11 sing N N 187 
LEU CD1 HD12 sing N N 188 
LEU CD1 HD13 sing N N 189 
LEU CD2 HD21 sing N N 190 
LEU CD2 HD22 sing N N 191 
LEU CD2 HD23 sing N N 192 
LEU OXT HXT  sing N N 193 
LYS N   CA   sing N N 194 
LYS N   H    sing N N 195 
LYS N   H2   sing N N 196 
LYS CA  C    sing N N 197 
LYS CA  CB   sing N N 198 
LYS CA  HA   sing N N 199 
LYS C   O    doub N N 200 
LYS C   OXT  sing N N 201 
LYS CB  CG   sing N N 202 
LYS CB  HB2  sing N N 203 
LYS CB  HB3  sing N N 204 
LYS CG  CD   sing N N 205 
LYS CG  HG2  sing N N 206 
LYS CG  HG3  sing N N 207 
LYS CD  CE   sing N N 208 
LYS CD  HD2  sing N N 209 
LYS CD  HD3  sing N N 210 
LYS CE  NZ   sing N N 211 
LYS CE  HE2  sing N N 212 
LYS CE  HE3  sing N N 213 
LYS NZ  HZ1  sing N N 214 
LYS NZ  HZ2  sing N N 215 
LYS NZ  HZ3  sing N N 216 
LYS OXT HXT  sing N N 217 
MBO HG  CE1  sing N N 218 
MBO CE1 CE2  sing Y N 219 
MBO CE1 CE6  doub Y N 220 
MBO CE2 CE3  doub Y N 221 
MBO CE2 HE2  sing N N 222 
MBO CE3 CE4  sing Y N 223 
MBO CE3 HE3  sing N N 224 
MBO CE4 CE5  doub Y N 225 
MBO CE4 CZ   sing N N 226 
MBO CE5 CE6  sing Y N 227 
MBO CE5 HE5  sing N N 228 
MBO CE6 HE6  sing N N 229 
MBO CZ  OZ1  doub N N 230 
MBO CZ  OZ2  sing N N 231 
MBO OZ2 HZ2  sing N N 232 
MET N   CA   sing N N 233 
MET N   H    sing N N 234 
MET N   H2   sing N N 235 
MET CA  C    sing N N 236 
MET CA  CB   sing N N 237 
MET CA  HA   sing N N 238 
MET C   O    doub N N 239 
MET C   OXT  sing N N 240 
MET CB  CG   sing N N 241 
MET CB  HB2  sing N N 242 
MET CB  HB3  sing N N 243 
MET CG  SD   sing N N 244 
MET CG  HG2  sing N N 245 
MET CG  HG3  sing N N 246 
MET SD  CE   sing N N 247 
MET CE  HE1  sing N N 248 
MET CE  HE2  sing N N 249 
MET CE  HE3  sing N N 250 
MET OXT HXT  sing N N 251 
NAP PA  O1A  doub N N 252 
NAP PA  O2A  sing N N 253 
NAP PA  O5B  sing N N 254 
NAP PA  O3   sing N N 255 
NAP O2A HOA2 sing N N 256 
NAP O5B C5B  sing N N 257 
NAP C5B C4B  sing N N 258 
NAP C5B H51A sing N N 259 
NAP C5B H52A sing N N 260 
NAP C4B O4B  sing N N 261 
NAP C4B C3B  sing N N 262 
NAP C4B H4B  sing N N 263 
NAP O4B C1B  sing N N 264 
NAP C3B O3B  sing N N 265 
NAP C3B C2B  sing N N 266 
NAP C3B H3B  sing N N 267 
NAP O3B HO3A sing N N 268 
NAP C2B O2B  sing N N 269 
NAP C2B C1B  sing N N 270 
NAP C2B H2B  sing N N 271 
NAP O2B P2B  sing N N 272 
NAP C1B N9A  sing N N 273 
NAP C1B H1B  sing N N 274 
NAP N9A C8A  sing Y N 275 
NAP N9A C4A  sing Y N 276 
NAP C8A N7A  doub Y N 277 
NAP C8A H8A  sing N N 278 
NAP N7A C5A  sing Y N 279 
NAP C5A C6A  sing Y N 280 
NAP C5A C4A  doub Y N 281 
NAP C6A N6A  sing N N 282 
NAP C6A N1A  doub Y N 283 
NAP N6A H61A sing N N 284 
NAP N6A H62A sing N N 285 
NAP N1A C2A  sing Y N 286 
NAP C2A N3A  doub Y N 287 
NAP C2A H2A  sing N N 288 
NAP N3A C4A  sing Y N 289 
NAP O3  PN   sing N N 290 
NAP PN  O1N  doub N N 291 
NAP PN  O2N  sing N N 292 
NAP PN  O5D  sing N N 293 
NAP O5D C5D  sing N N 294 
NAP C5D C4D  sing N N 295 
NAP C5D H51N sing N N 296 
NAP C5D H52N sing N N 297 
NAP C4D O4D  sing N N 298 
NAP C4D C3D  sing N N 299 
NAP C4D H4D  sing N N 300 
NAP O4D C1D  sing N N 301 
NAP C3D O3D  sing N N 302 
NAP C3D C2D  sing N N 303 
NAP C3D H3D  sing N N 304 
NAP O3D HO3N sing N N 305 
NAP C2D O2D  sing N N 306 
NAP C2D C1D  sing N N 307 
NAP C2D H2D  sing N N 308 
NAP O2D HO2N sing N N 309 
NAP C1D N1N  sing N N 310 
NAP C1D H1D  sing N N 311 
NAP N1N C2N  sing Y N 312 
NAP N1N C6N  doub Y N 313 
NAP C2N C3N  doub Y N 314 
NAP C2N H2N  sing N N 315 
NAP C3N C7N  sing N N 316 
NAP C3N C4N  sing Y N 317 
NAP C7N O7N  doub N N 318 
NAP C7N N7N  sing N N 319 
NAP N7N H71N sing N N 320 
NAP N7N H72N sing N N 321 
NAP C4N C5N  doub Y N 322 
NAP C4N H4N  sing N N 323 
NAP C5N C6N  sing Y N 324 
NAP C5N H5N  sing N N 325 
NAP C6N H6N  sing N N 326 
NAP P2B O1X  doub N N 327 
NAP P2B O2X  sing N N 328 
NAP P2B O3X  sing N N 329 
NAP O2X HOP2 sing N N 330 
NAP O3X HOP3 sing N N 331 
PHE N   CA   sing N N 332 
PHE N   H    sing N N 333 
PHE N   H2   sing N N 334 
PHE CA  C    sing N N 335 
PHE CA  CB   sing N N 336 
PHE CA  HA   sing N N 337 
PHE C   O    doub N N 338 
PHE C   OXT  sing N N 339 
PHE CB  CG   sing N N 340 
PHE CB  HB2  sing N N 341 
PHE CB  HB3  sing N N 342 
PHE CG  CD1  doub Y N 343 
PHE CG  CD2  sing Y N 344 
PHE CD1 CE1  sing Y N 345 
PHE CD1 HD1  sing N N 346 
PHE CD2 CE2  doub Y N 347 
PHE CD2 HD2  sing N N 348 
PHE CE1 CZ   doub Y N 349 
PHE CE1 HE1  sing N N 350 
PHE CE2 CZ   sing Y N 351 
PHE CE2 HE2  sing N N 352 
PHE CZ  HZ   sing N N 353 
PHE OXT HXT  sing N N 354 
PRO N   CA   sing N N 355 
PRO N   CD   sing N N 356 
PRO N   H    sing N N 357 
PRO CA  C    sing N N 358 
PRO CA  CB   sing N N 359 
PRO CA  HA   sing N N 360 
PRO C   O    doub N N 361 
PRO C   OXT  sing N N 362 
PRO CB  CG   sing N N 363 
PRO CB  HB2  sing N N 364 
PRO CB  HB3  sing N N 365 
PRO CG  CD   sing N N 366 
PRO CG  HG2  sing N N 367 
PRO CG  HG3  sing N N 368 
PRO CD  HD2  sing N N 369 
PRO CD  HD3  sing N N 370 
PRO OXT HXT  sing N N 371 
SER N   CA   sing N N 372 
SER N   H    sing N N 373 
SER N   H2   sing N N 374 
SER CA  C    sing N N 375 
SER CA  CB   sing N N 376 
SER CA  HA   sing N N 377 
SER C   O    doub N N 378 
SER C   OXT  sing N N 379 
SER CB  OG   sing N N 380 
SER CB  HB2  sing N N 381 
SER CB  HB3  sing N N 382 
SER OG  HG   sing N N 383 
SER OXT HXT  sing N N 384 
THR N   CA   sing N N 385 
THR N   H    sing N N 386 
THR N   H2   sing N N 387 
THR CA  C    sing N N 388 
THR CA  CB   sing N N 389 
THR CA  HA   sing N N 390 
THR C   O    doub N N 391 
THR C   OXT  sing N N 392 
THR CB  OG1  sing N N 393 
THR CB  CG2  sing N N 394 
THR CB  HB   sing N N 395 
THR OG1 HG1  sing N N 396 
THR CG2 HG21 sing N N 397 
THR CG2 HG22 sing N N 398 
THR CG2 HG23 sing N N 399 
THR OXT HXT  sing N N 400 
TRP N   CA   sing N N 401 
TRP N   H    sing N N 402 
TRP N   H2   sing N N 403 
TRP CA  C    sing N N 404 
TRP CA  CB   sing N N 405 
TRP CA  HA   sing N N 406 
TRP C   O    doub N N 407 
TRP C   OXT  sing N N 408 
TRP CB  CG   sing N N 409 
TRP CB  HB2  sing N N 410 
TRP CB  HB3  sing N N 411 
TRP CG  CD1  doub Y N 412 
TRP CG  CD2  sing Y N 413 
TRP CD1 NE1  sing Y N 414 
TRP CD1 HD1  sing N N 415 
TRP CD2 CE2  doub Y N 416 
TRP CD2 CE3  sing Y N 417 
TRP NE1 CE2  sing Y N 418 
TRP NE1 HE1  sing N N 419 
TRP CE2 CZ2  sing Y N 420 
TRP CE3 CZ3  doub Y N 421 
TRP CE3 HE3  sing N N 422 
TRP CZ2 CH2  doub Y N 423 
TRP CZ2 HZ2  sing N N 424 
TRP CZ3 CH2  sing Y N 425 
TRP CZ3 HZ3  sing N N 426 
TRP CH2 HH2  sing N N 427 
TRP OXT HXT  sing N N 428 
TYR N   CA   sing N N 429 
TYR N   H    sing N N 430 
TYR N   H2   sing N N 431 
TYR CA  C    sing N N 432 
TYR CA  CB   sing N N 433 
TYR CA  HA   sing N N 434 
TYR C   O    doub N N 435 
TYR C   OXT  sing N N 436 
TYR CB  CG   sing N N 437 
TYR CB  HB2  sing N N 438 
TYR CB  HB3  sing N N 439 
TYR CG  CD1  doub Y N 440 
TYR CG  CD2  sing Y N 441 
TYR CD1 CE1  sing Y N 442 
TYR CD1 HD1  sing N N 443 
TYR CD2 CE2  doub Y N 444 
TYR CD2 HD2  sing N N 445 
TYR CE1 CZ   doub Y N 446 
TYR CE1 HE1  sing N N 447 
TYR CE2 CZ   sing Y N 448 
TYR CE2 HE2  sing N N 449 
TYR CZ  OH   sing N N 450 
TYR OH  HH   sing N N 451 
TYR OXT HXT  sing N N 452 
VAL N   CA   sing N N 453 
VAL N   H    sing N N 454 
VAL N   H2   sing N N 455 
VAL CA  C    sing N N 456 
VAL CA  CB   sing N N 457 
VAL CA  HA   sing N N 458 
VAL C   O    doub N N 459 
VAL C   OXT  sing N N 460 
VAL CB  CG1  sing N N 461 
VAL CB  CG2  sing N N 462 
VAL CB  HB   sing N N 463 
VAL CG1 HG11 sing N N 464 
VAL CG1 HG12 sing N N 465 
VAL CG1 HG13 sing N N 466 
VAL CG2 HG21 sing N N 467 
VAL CG2 HG22 sing N N 468 
VAL CG2 HG23 sing N N 469 
VAL OXT HXT  sing N N 470 
# 
_atom_sites.entry_id                    1DR7 
_atom_sites.fract_transf_matrix[1][1]   -0.00672405 
_atom_sites.fract_transf_matrix[1][2]   -0.01140774 
_atom_sites.fract_transf_matrix[1][3]   0.00335464 
_atom_sites.fract_transf_matrix[2][1]   -0.01218655 
_atom_sites.fract_transf_matrix[2][2]   0.01084269 
_atom_sites.fract_transf_matrix[2][3]   0.01244473 
_atom_sites.fract_transf_matrix[3][1]   -0.01523944 
_atom_sites.fract_transf_matrix[3][2]   -0.00656225 
_atom_sites.fract_transf_matrix[3][3]   -0.00920580 
_atom_sites.fract_transf_vector[1]      0.233758 
_atom_sites.fract_transf_vector[2]      0.078105 
_atom_sites.fract_transf_vector[3]      0.203831 
# 
loop_
_atom_sites_footnote.id 
_atom_sites_footnote.text 
1  'SEE REMARK 6.' 
2  'RESIDUES 21-26 (NLPWPP) FORM LEFT-HANDED POLYPROLINE HELIX.' 
3  'CIS PROLINE - PRO 66' 
4  'RESIDUES 108 AND 109 PARTICIPATE IN BOTH HELIX EP AND BETA STRAND E.' 
5  'RESIDUES 110 AND 111 FORM A BETA-BULGE IN STRAND E.' 
6  'RESIDUES 115 AND 116 FORM A BETA-BULGE IN STRAND E.' 
7  'PEPTIDE BOND DEVIATES SIGNIFICANTLY FROM TRANS CONFORMATION GLY 116 - GLY 117 5.680' 
8  
;TIGHT TURN 7 (RESIDUES 162-165) DISRUPT LAST STRAND OF SHEET INTO 2 STRANDS 8 AND 9. THIS STRAND IS CONTINUOUS IN E. COLI. A BETA BULGE IS PRESENT HERE IN L. CASEI.
;
9  'RESIDUES 172 AND 175 PARTICIPATE IN BOTH TIGHT-TURN 8 AND BETA STRANDS 7 AND 9.' 
10 'RESIDUE 200 (CALCIUM ION) LIES ON THE CRYSTALLOGRAPHIC TWO-FOLD AT ONE-HALF OCCUPANCY.' 
# 
loop_
_atom_type.symbol 
C  
CA 
HG 
N  
O  
P  
S  
# 
loop_
_atom_site.group_PDB 
_atom_site.id 
_atom_site.type_symbol 
_atom_site.label_atom_id 
_atom_site.label_alt_id 
_atom_site.label_comp_id 
_atom_site.label_asym_id 
_atom_site.label_entity_id 
_atom_site.label_seq_id 
_atom_site.pdbx_PDB_ins_code 
_atom_site.Cartn_x 
_atom_site.Cartn_y 
_atom_site.Cartn_z 
_atom_site.occupancy 
_atom_site.B_iso_or_equiv 
_atom_site.pdbx_formal_charge 
_atom_site.auth_seq_id 
_atom_site.auth_comp_id 
_atom_site.auth_asym_id 
_atom_site.auth_atom_id 
_atom_site.pdbx_PDB_model_num 
ATOM   1    N  N   . VAL A 1 1   ? -4.088  2.264   -16.205 1.00 78.41  ? 1   VAL A N   1 
ATOM   2    C  CA  . VAL A 1 1   ? -3.409  3.486   -15.683 1.00 76.52  ? 1   VAL A CA  1 
ATOM   3    C  C   . VAL A 1 1   ? -1.936  3.473   -16.073 1.00 73.84  ? 1   VAL A C   1 
ATOM   4    O  O   . VAL A 1 1   ? -1.428  2.514   -16.707 1.00 72.49  ? 1   VAL A O   1 
ATOM   5    C  CB  . VAL A 1 1   ? -3.752  3.691   -14.202 1.00 74.06  ? 1   VAL A CB  1 
ATOM   6    C  CG1 . VAL A 1 1   ? -5.250  3.500   -13.906 1.00 71.73  ? 1   VAL A CG1 1 
ATOM   7    C  CG2 . VAL A 1 1   ? -2.966  2.776   -13.268 1.00 73.15  ? 1   VAL A CG2 1 
ATOM   8    N  N   . ARG A 1 2   ? -1.238  4.555   -15.741 1.00 69.81  ? 2   ARG A N   1 
ATOM   9    C  CA  . ARG A 1 2   ? 0.186   4.661   -16.078 1.00 68.33  ? 2   ARG A CA  1 
ATOM   10   C  C   . ARG A 1 2   ? 1.034   3.678   -15.274 1.00 65.15  ? 2   ARG A C   1 
ATOM   11   O  O   . ARG A 1 2   ? 1.805   2.864   -15.834 1.00 65.56  ? 2   ARG A O   1 
ATOM   12   N  N   . SER A 1 3   ? 0.915   3.762   -13.953 1.00 58.65  ? 3   SER A N   1 
ATOM   13   C  CA  . SER A 1 3   ? 1.809   2.965   -13.064 1.00 53.19  ? 3   SER A CA  1 
ATOM   14   C  C   . SER A 1 3   ? 1.183   2.816   -11.693 1.00 46.70  ? 3   SER A C   1 
ATOM   15   O  O   . SER A 1 3   ? 0.490   3.743   -11.236 1.00 47.46  ? 3   SER A O   1 
ATOM   16   C  CB  . SER A 1 3   ? 3.079   3.857   -12.863 1.00 57.05  ? 3   SER A CB  1 
ATOM   17   O  OG  . SER A 1 3   ? 2.726   5.134   -12.342 1.00 55.10  ? 3   SER A OG  1 
ATOM   18   N  N   . LEU A 1 4   ? 1.520   1.735   -11.043 1.00 41.88  ? 4   LEU A N   1 
ATOM   19   C  CA  . LEU A 1 4   ? 0.978   1.575   -9.644  1.00 33.04  ? 4   LEU A CA  1 
ATOM   20   C  C   . LEU A 1 4   ? 2.131   1.837   -8.690  1.00 34.54  ? 4   LEU A C   1 
ATOM   21   O  O   . LEU A 1 4   ? 3.335   1.818   -9.070  1.00 33.05  ? 4   LEU A O   1 
ATOM   22   C  CB  . LEU A 1 4   ? 0.507   0.122   -9.653  1.00 33.59  ? 4   LEU A CB  1 
ATOM   23   C  CG  . LEU A 1 4   ? -0.631  -0.141  -10.639 1.00 36.09  ? 4   LEU A CG  1 
ATOM   24   C  CD1 . LEU A 1 4   ? -0.731  -1.663  -10.832 1.00 37.87  ? 4   LEU A CD1 1 
ATOM   25   C  CD2 . LEU A 1 4   ? -1.908  0.412   -10.003 1.00 33.21  ? 4   LEU A CD2 1 
ATOM   26   N  N   . ASN A 1 5   ? 1.757   2.021   -7.448  1.00 30.56  ? 5   ASN A N   1 
ATOM   27   C  CA  . ASN A 1 5   ? 2.683   2.155   -6.322  1.00 29.18  ? 5   ASN A CA  1 
ATOM   28   C  C   . ASN A 1 5   ? 2.123   1.177   -5.256  1.00 29.93  ? 5   ASN A C   1 
ATOM   29   O  O   . ASN A 1 5   ? 0.911   1.217   -5.017  1.00 31.82  ? 5   ASN A O   1 
ATOM   30   C  CB  . ASN A 1 5   ? 2.715   3.563   -5.691  1.00 28.34  ? 5   ASN A CB  1 
ATOM   31   C  CG  . ASN A 1 5   ? 3.155   4.552   -6.758  1.00 35.59  ? 5   ASN A CG  1 
ATOM   32   O  OD1 . ASN A 1 5   ? 4.366   4.673   -7.023  1.00 33.73  ? 5   ASN A OD1 1 
ATOM   33   N  ND2 . ASN A 1 5   ? 2.119   5.123   -7.384  1.00 31.86  ? 5   ASN A ND2 1 
ATOM   34   N  N   . SER A 1 6   ? 3.043   0.521   -4.622  1.00 25.35  ? 6   SER A N   1 
ATOM   35   C  CA  . SER A 1 6   ? 2.679   -0.386  -3.525  1.00 20.06  ? 6   SER A CA  1 
ATOM   36   C  C   . SER A 1 6   ? 3.551   0.020   -2.356  1.00 25.68  ? 6   SER A C   1 
ATOM   37   O  O   . SER A 1 6   ? 4.752   0.238   -2.592  1.00 32.62  ? 6   SER A O   1 
ATOM   38   C  CB  . SER A 1 6   ? 3.137   -1.794  -3.971  1.00 24.62  ? 6   SER A CB  1 
ATOM   39   O  OG  . SER A 1 6   ? 2.086   -2.189  -4.898  1.00 31.68  ? 6   SER A OG  1 
ATOM   40   N  N   . ILE A 1 7   ? 2.941   -0.018  -1.189  1.00 24.72  ? 7   ILE A N   1 
ATOM   41   C  CA  . ILE A 1 7   ? 3.719   0.261   0.031   1.00 26.74  ? 7   ILE A CA  1 
ATOM   42   C  C   . ILE A 1 7   ? 3.376   -0.840  1.044   1.00 28.45  ? 7   ILE A C   1 
ATOM   43   O  O   . ILE A 1 7   ? 2.171   -1.082  1.239   1.00 23.37  ? 7   ILE A O   1 
ATOM   44   C  CB  . ILE A 1 7   ? 3.404   1.707   0.554   1.00 25.91  ? 7   ILE A CB  1 
ATOM   45   C  CG1 . ILE A 1 7   ? 4.332   2.028   1.763   1.00 24.31  ? 7   ILE A CG1 1 
ATOM   46   C  CG2 . ILE A 1 7   ? 1.913   1.876   0.898   1.00 24.38  ? 7   ILE A CG2 1 
ATOM   47   C  CD1 . ILE A 1 7   ? 4.072   3.423   2.392   1.00 28.83  ? 7   ILE A CD1 1 
ATOM   48   N  N   . VAL A 1 8   ? 4.439   -1.389  1.618   1.00 22.98  ? 8   VAL A N   1 
ATOM   49   C  CA  . VAL A 1 8   ? 4.234   -2.387  2.708   1.00 23.62  ? 8   VAL A CA  1 
ATOM   50   C  C   . VAL A 1 8   ? 5.384   -2.257  3.737   1.00 20.58  ? 8   VAL A C   1 
ATOM   51   O  O   . VAL A 1 8   ? 6.502   -1.907  3.374   1.00 23.11  ? 8   VAL A O   1 
ATOM   52   C  CB  . VAL A 1 8   ? 4.313   -3.766  1.992   1.00 18.11  ? 8   VAL A CB  1 
ATOM   53   C  CG1 . VAL A 1 8   ? 5.659   -3.997  1.349   1.00 19.80  ? 8   VAL A CG1 1 
ATOM   54   C  CG2 . VAL A 1 8   ? 3.898   -4.900  2.894   1.00 18.01  ? 8   VAL A CG2 1 
ATOM   55   N  N   . ALA A 1 9   ? 5.152   -2.704  4.909   1.00 22.84  ? 9   ALA A N   1 
ATOM   56   C  CA  . ALA A 1 9   ? 6.160   -2.903  5.988   1.00 23.13  ? 9   ALA A CA  1 
ATOM   57   C  C   . ALA A 1 9   ? 6.281   -4.419  6.242   1.00 26.93  ? 9   ALA A C   1 
ATOM   58   O  O   . ALA A 1 9   ? 5.236   -5.084  6.464   1.00 31.33  ? 9   ALA A O   1 
ATOM   59   C  CB  . ALA A 1 9   ? 5.544   -2.257  7.228   1.00 17.75  ? 9   ALA A CB  1 
ATOM   60   N  N   . VAL A 1 10  ? 7.455   -4.998  6.246   1.00 28.20  ? 10  VAL A N   1 
ATOM   61   C  CA  . VAL A 1 10  ? 7.625   -6.443  6.493   1.00 30.04  ? 10  VAL A CA  1 
ATOM   62   C  C   . VAL A 1 10  ? 8.721   -6.663  7.558   1.00 31.08  ? 10  VAL A C   1 
ATOM   63   O  O   . VAL A 1 10  ? 9.703   -5.935  7.621   1.00 26.21  ? 10  VAL A O   1 
ATOM   64   C  CB  . VAL A 1 10  ? 7.996   -7.163  5.172   1.00 28.59  ? 10  VAL A CB  1 
ATOM   65   C  CG1 . VAL A 1 10  ? 6.981   -7.093  4.079   1.00 30.20  ? 10  VAL A CG1 1 
ATOM   66   C  CG2 . VAL A 1 10  ? 9.367   -6.714  4.690   1.00 27.65  ? 10  VAL A CG2 1 
ATOM   67   N  N   . CYS A 1 11  ? 8.501   -7.714  8.329   1.00 33.97  ? 11  CYS A N   1 
ATOM   68   C  CA  . CYS A 1 11  ? 9.477   -8.145  9.367   1.00 32.03  ? 11  CYS A CA  1 
ATOM   69   C  C   . CYS A 1 11  ? 10.334  -9.156  8.680   1.00 36.24  ? 11  CYS A C   1 
ATOM   70   O  O   . CYS A 1 11  ? 10.173  -9.261  7.422   1.00 40.00  ? 11  CYS A O   1 
ATOM   71   C  CB  A CYS A 1 11  ? 8.880   -8.424  10.683  0.65 31.56  ? 11  CYS A CB  1 
ATOM   72   C  CB  B CYS A 1 11  ? 9.053   -8.224  10.820  0.35 36.19  ? 11  CYS A CB  1 
ATOM   73   S  SG  A CYS A 1 11  ? 7.634   -9.708  10.734  0.65 35.44  ? 11  CYS A SG  1 
ATOM   74   S  SG  B CYS A 1 11  ? 7.435   -8.948  11.180  0.35 36.49  ? 11  CYS A SG  1 
ATOM   75   N  N   . GLN A 1 12  ? 11.202  -9.866  9.338   1.00 43.98  ? 12  GLN A N   1 
ATOM   76   C  CA  . GLN A 1 12  ? 12.145  -10.797 8.712   1.00 45.31  ? 12  GLN A CA  1 
ATOM   77   C  C   . GLN A 1 12  ? 11.669  -11.895 7.849   1.00 39.66  ? 12  GLN A C   1 
ATOM   78   O  O   . GLN A 1 12  ? 12.245  -12.243 6.793   1.00 39.87  ? 12  GLN A O   1 
ATOM   79   C  CB  . GLN A 1 12  ? 13.381  -11.072 9.586   1.00 51.84  ? 12  GLN A CB  1 
ATOM   80   C  CG  . GLN A 1 12  ? 14.583  -10.439 8.865   1.00 61.95  ? 12  GLN A CG  1 
ATOM   81   C  CD  . GLN A 1 12  ? 15.732  -10.091 9.744   1.00 69.01  ? 12  GLN A CD  1 
ATOM   82   O  OE1 . GLN A 1 12  ? 16.837  -9.815  9.243   1.00 72.70  ? 12  GLN A OE1 1 
ATOM   83   N  NE2 . GLN A 1 12  ? 15.504  -10.101 11.065  1.00 73.48  ? 12  GLN A NE2 1 
ATOM   84   N  N   . ASN A 1 13  ? 10.593  -12.565 8.204   1.00 42.29  ? 13  ASN A N   1 
ATOM   85   C  CA  . ASN A 1 13  ? 10.025  -13.646 7.401   1.00 45.82  ? 13  ASN A CA  1 
ATOM   86   C  C   . ASN A 1 13  ? 9.105   -13.116 6.309   1.00 45.90  ? 13  ASN A C   1 
ATOM   87   O  O   . ASN A 1 13  ? 8.457   -13.946 5.655   1.00 47.59  ? 13  ASN A O   1 
ATOM   88   C  CB  . ASN A 1 13  ? 9.397   -14.698 8.283   1.00 50.29  ? 13  ASN A CB  1 
ATOM   89   N  N   . MET A 1 14  ? 9.021   -11.817 6.086   1.00 44.92  ? 14  MET A N   1 
ATOM   90   C  CA  . MET A 1 14  ? 8.094   -11.246 5.091   1.00 36.37  ? 14  MET A CA  1 
ATOM   91   C  C   . MET A 1 14  ? 6.683   -11.208 5.688   1.00 28.47  ? 14  MET A C   1 
ATOM   92   O  O   . MET A 1 14  ? 5.724   -11.179 4.919   1.00 33.40  ? 14  MET A O   1 
ATOM   93   C  CB  . MET A 1 14  ? 7.985   -12.062 3.800   1.00 38.65  ? 14  MET A CB  1 
ATOM   94   C  CG  . MET A 1 14  ? 9.256   -12.100 2.991   1.00 45.91  ? 14  MET A CG  1 
ATOM   95   S  SD  . MET A 1 14  ? 10.040  -10.494 2.918   1.00 51.25  ? 14  MET A SD  1 
ATOM   96   C  CE  . MET A 1 14  ? 8.682   -9.447  2.469   1.00 57.06  ? 14  MET A CE  1 
ATOM   97   N  N   . GLY A 1 15  ? 6.577   -11.285 6.988   1.00 25.25  ? 15  GLY A N   1 
ATOM   98   C  CA  . GLY A 1 15  ? 5.202   -11.248 7.596   1.00 23.93  ? 15  GLY A CA  1 
ATOM   99   C  C   . GLY A 1 15  ? 4.754   -9.773  7.599   1.00 26.11  ? 15  GLY A C   1 
ATOM   100  O  O   . GLY A 1 15  ? 5.565   -8.848  7.839   1.00 26.45  ? 15  GLY A O   1 
ATOM   101  N  N   . ILE A 1 16  ? 3.463   -9.563  7.422   1.00 23.27  ? 16  ILE A N   1 
ATOM   102  C  CA  . ILE A 1 16  ? 2.876   -8.231  7.344   1.00 20.42  ? 16  ILE A CA  1 
ATOM   103  C  C   . ILE A 1 16  ? 1.733   -8.020  8.304   1.00 22.77  ? 16  ILE A C   1 
ATOM   104  O  O   . ILE A 1 16  ? 1.267   -6.894  8.533   1.00 24.35  ? 16  ILE A O   1 
ATOM   105  C  CB  . ILE A 1 16  ? 2.441   -8.053  5.834   1.00 20.79  ? 16  ILE A CB  1 
ATOM   106  C  CG1 . ILE A 1 16  ? 1.233   -8.980  5.569   1.00 19.40  ? 16  ILE A CG1 1 
ATOM   107  C  CG2 . ILE A 1 16  ? 3.597   -8.250  4.859   1.00 23.53  ? 16  ILE A CG2 1 
ATOM   108  C  CD1 . ILE A 1 16  ? 0.509   -8.598  4.233   1.00 21.26  ? 16  ILE A CD1 1 
ATOM   109  N  N   . GLY A 1 17  ? 1.256   -9.114  8.892   1.00 23.29  ? 17  GLY A N   1 
ATOM   110  C  CA  . GLY A 1 17  ? 0.184   -9.038  9.890   1.00 23.40  ? 17  GLY A CA  1 
ATOM   111  C  C   . GLY A 1 17  ? 0.132   -10.253 10.804  1.00 27.28  ? 17  GLY A C   1 
ATOM   112  O  O   . GLY A 1 17  ? 0.722   -11.330 10.582  1.00 25.07  ? 17  GLY A O   1 
ATOM   113  N  N   . LYS A 1 18  ? -0.693  -10.043 11.827  1.00 26.59  ? 18  LYS A N   1 
ATOM   114  C  CA  . LYS A 1 18  ? -0.939  -11.056 12.851  1.00 29.56  ? 18  LYS A CA  1 
ATOM   115  C  C   . LYS A 1 18  ? -2.256  -10.732 13.532  1.00 32.27  ? 18  LYS A C   1 
ATOM   116  O  O   . LYS A 1 18  ? -2.422  -9.608  14.038  1.00 31.18  ? 18  LYS A O   1 
ATOM   117  C  CB  . LYS A 1 18  ? 0.165   -11.059 13.912  1.00 30.59  ? 18  LYS A CB  1 
ATOM   118  C  CG  . LYS A 1 18  ? -0.255  -11.662 15.233  1.00 38.42  ? 18  LYS A CG  1 
ATOM   119  C  CD  . LYS A 1 18  ? 0.615   -12.841 15.634  1.00 48.70  ? 18  LYS A CD  1 
ATOM   120  C  CE  . LYS A 1 18  ? -0.230  -14.106 15.880  1.00 51.97  ? 18  LYS A CE  1 
ATOM   121  N  NZ  . LYS A 1 18  ? 0.542   -15.314 15.449  1.00 57.17  ? 18  LYS A NZ  1 
ATOM   122  N  N   . ASP A 1 19  ? -3.155  -11.711 13.440  1.00 35.92  ? 19  ASP A N   1 
ATOM   123  C  CA  . ASP A 1 19  ? -4.451  -11.575 14.096  1.00 43.67  ? 19  ASP A CA  1 
ATOM   124  C  C   . ASP A 1 19  ? -5.179  -10.312 13.672  1.00 43.80  ? 19  ASP A C   1 
ATOM   125  O  O   . ASP A 1 19  ? -5.757  -9.630  14.565  1.00 54.93  ? 19  ASP A O   1 
ATOM   126  C  CB  . ASP A 1 19  ? -4.326  -11.609 15.641  1.00 45.36  ? 19  ASP A CB  1 
ATOM   127  C  CG  . ASP A 1 19  ? -3.949  -12.976 16.164  1.00 53.97  ? 19  ASP A CG  1 
ATOM   128  O  OD1 . ASP A 1 19  ? -4.190  -14.013 15.509  1.00 55.89  ? 19  ASP A OD1 1 
ATOM   129  O  OD2 . ASP A 1 19  ? -3.372  -12.979 17.285  1.00 60.55  ? 19  ASP A OD2 1 
ATOM   130  N  N   . GLY A 1 20  ? -5.199  -10.025 12.398  1.00 40.76  ? 20  GLY A N   1 
ATOM   131  C  CA  . GLY A 1 20  ? -5.987  -8.850  11.966  1.00 37.54  ? 20  GLY A CA  1 
ATOM   132  C  C   . GLY A 1 20  ? -5.278  -7.553  12.241  1.00 38.00  ? 20  GLY A C   1 
ATOM   133  O  O   . GLY A 1 20  ? -5.866  -6.475  11.956  1.00 42.46  ? 20  GLY A O   1 
ATOM   134  N  N   . ASN A 1 21  ? -4.069  -7.591  12.776  1.00 39.61  ? 21  ASN A N   1 
ATOM   135  C  CA  . ASN A 1 21  ? -3.346  -6.330  12.994  1.00 38.42  ? 21  ASN A CA  1 
ATOM   136  C  C   . ASN A 1 21  ? -1.929  -6.442  12.504  1.00 31.59  ? 21  ASN A C   1 
ATOM   137  O  O   . ASN A 1 21  ? -1.591  -7.474  11.908  1.00 31.36  ? 21  ASN A O   1 
ATOM   138  C  CB  . ASN A 1 21  ? -3.478  -5.712  14.381  1.00 50.10  ? 21  ASN A CB  1 
ATOM   139  C  CG  . ASN A 1 21  ? -3.255  -4.188  14.188  1.00 64.97  ? 21  ASN A CG  1 
ATOM   140  O  OD1 . ASN A 1 21  ? -3.993  -3.564  13.384  1.00 73.64  ? 21  ASN A OD1 1 
ATOM   141  N  ND2 . ASN A 1 21  ? -2.249  -3.592  14.796  1.00 67.68  ? 21  ASN A ND2 1 
ATOM   142  N  N   . LEU A 1 22  ? -1.137  -5.436  12.852  1.00 29.10  ? 22  LEU A N   1 
ATOM   143  C  CA  . LEU A 1 22  ? 0.309   -5.523  12.527  1.00 27.83  ? 22  LEU A CA  1 
ATOM   144  C  C   . LEU A 1 22  ? 0.995   -6.383  13.597  1.00 27.37  ? 22  LEU A C   1 
ATOM   145  O  O   . LEU A 1 22  ? 0.513   -6.492  14.733  1.00 28.92  ? 22  LEU A O   1 
ATOM   146  C  CB  . LEU A 1 22  ? 0.879   -4.144  12.411  1.00 27.38  ? 22  LEU A CB  1 
ATOM   147  C  CG  . LEU A 1 22  ? 0.195   -3.176  11.466  1.00 34.02  ? 22  LEU A CG  1 
ATOM   148  C  CD1 . LEU A 1 22  ? 1.075   -1.904  11.490  1.00 38.47  ? 22  LEU A CD1 1 
ATOM   149  C  CD2 . LEU A 1 22  ? 0.209   -3.752  10.056  1.00 35.86  ? 22  LEU A CD2 1 
ATOM   150  N  N   . PRO A 1 23  ? 2.094   -6.975  13.181  1.00 28.66  ? 23  PRO A N   1 
ATOM   151  C  CA  . PRO A 1 23  ? 2.895   -7.803  14.063  1.00 27.17  ? 23  PRO A CA  1 
ATOM   152  C  C   . PRO A 1 23  ? 3.637   -7.011  15.100  1.00 29.24  ? 23  PRO A C   1 
ATOM   153  O  O   . PRO A 1 23  ? 3.922   -7.662  16.129  1.00 31.97  ? 23  PRO A O   1 
ATOM   154  C  CB  . PRO A 1 23  ? 3.838   -8.582  13.171  1.00 27.46  ? 23  PRO A CB  1 
ATOM   155  C  CG  . PRO A 1 23  ? 3.482   -8.234  11.772  1.00 32.16  ? 23  PRO A CG  1 
ATOM   156  C  CD  . PRO A 1 23  ? 2.660   -6.933  11.812  1.00 27.04  ? 23  PRO A CD  1 
ATOM   157  N  N   . TRP A 1 24  ? 3.925   -5.738  14.905  1.00 30.82  ? 24  TRP A N   1 
ATOM   158  C  CA  . TRP A 1 24  ? 4.713   -4.989  15.934  1.00 27.53  ? 24  TRP A CA  1 
ATOM   159  C  C   . TRP A 1 24  ? 3.850   -3.903  16.550  1.00 24.70  ? 24  TRP A C   1 
ATOM   160  O  O   . TRP A 1 24  ? 2.915   -3.429  15.909  1.00 30.55  ? 24  TRP A O   1 
ATOM   161  C  CB  . TRP A 1 24  ? 5.948   -4.350  15.239  1.00 28.87  ? 24  TRP A CB  1 
ATOM   162  C  CG  . TRP A 1 24  ? 5.552   -3.788  13.908  1.00 28.56  ? 24  TRP A CG  1 
ATOM   163  C  CD1 . TRP A 1 24  ? 4.939   -2.606  13.627  1.00 30.33  ? 24  TRP A CD1 1 
ATOM   164  C  CD2 . TRP A 1 24  ? 5.618   -4.495  12.661  1.00 27.62  ? 24  TRP A CD2 1 
ATOM   165  N  NE1 . TRP A 1 24  ? 4.668   -2.496  12.275  1.00 27.37  ? 24  TRP A NE1 1 
ATOM   166  C  CE2 . TRP A 1 24  ? 5.070   -3.649  11.675  1.00 27.28  ? 24  TRP A CE2 1 
ATOM   167  C  CE3 . TRP A 1 24  ? 6.120   -5.744  12.317  1.00 32.89  ? 24  TRP A CE3 1 
ATOM   168  C  CZ2 . TRP A 1 24  ? 5.002   -4.022  10.348  1.00 30.13  ? 24  TRP A CZ2 1 
ATOM   169  C  CZ3 . TRP A 1 24  ? 6.082   -6.131  10.984  1.00 33.85  ? 24  TRP A CZ3 1 
ATOM   170  C  CH2 . TRP A 1 24  ? 5.543   -5.267  10.023  1.00 34.18  ? 24  TRP A CH2 1 
ATOM   171  N  N   . PRO A 1 25  ? 4.222   -3.501  17.748  1.00 26.22  ? 25  PRO A N   1 
ATOM   172  C  CA  . PRO A 1 25  ? 3.556   -2.372  18.436  1.00 30.20  ? 25  PRO A CA  1 
ATOM   173  C  C   . PRO A 1 25  ? 3.940   -1.164  17.575  1.00 33.05  ? 25  PRO A C   1 
ATOM   174  O  O   . PRO A 1 25  ? 4.755   -1.345  16.655  1.00 30.57  ? 25  PRO A O   1 
ATOM   175  C  CB  . PRO A 1 25  ? 4.090   -2.330  19.825  1.00 30.72  ? 25  PRO A CB  1 
ATOM   176  C  CG  . PRO A 1 25  ? 5.314   -3.179  19.801  1.00 30.47  ? 25  PRO A CG  1 
ATOM   177  C  CD  . PRO A 1 25  ? 5.395   -3.937  18.501  1.00 27.84  ? 25  PRO A CD  1 
ATOM   178  N  N   . PRO A 1 26  ? 3.318   -0.041  17.856  1.00 35.01  ? 26  PRO A N   1 
ATOM   179  C  CA  . PRO A 1 26  ? 3.435   1.114   16.976  1.00 31.81  ? 26  PRO A CA  1 
ATOM   180  C  C   . PRO A 1 26  ? 4.805   1.737   16.969  1.00 34.52  ? 26  PRO A C   1 
ATOM   181  O  O   . PRO A 1 26  ? 5.413   1.877   18.043  1.00 36.99  ? 26  PRO A O   1 
ATOM   182  C  CB  . PRO A 1 26  ? 2.314   2.042   17.360  1.00 32.64  ? 26  PRO A CB  1 
ATOM   183  C  CG  . PRO A 1 26  ? 1.565   1.377   18.470  1.00 37.01  ? 26  PRO A CG  1 
ATOM   184  C  CD  . PRO A 1 26  ? 2.351   0.169   18.955  1.00 34.76  ? 26  PRO A CD  1 
ATOM   185  N  N   . LEU A 1 27  ? 5.282   2.048   15.793  1.00 32.61  ? 27  LEU A N   1 
ATOM   186  C  CA  . LEU A 1 27  ? 6.458   2.819   15.440  1.00 32.89  ? 27  LEU A CA  1 
ATOM   187  C  C   . LEU A 1 27  ? 5.888   4.145   14.825  1.00 37.79  ? 27  LEU A C   1 
ATOM   188  O  O   . LEU A 1 27  ? 5.277   4.119   13.725  1.00 42.68  ? 27  LEU A O   1 
ATOM   189  C  CB  . LEU A 1 27  ? 7.234   2.061   14.343  1.00 29.82  ? 27  LEU A CB  1 
ATOM   190  C  CG  . LEU A 1 27  ? 7.649   0.637   14.668  1.00 34.60  ? 27  LEU A CG  1 
ATOM   191  C  CD1 . LEU A 1 27  ? 8.317   -0.112  13.536  1.00 26.87  ? 27  LEU A CD1 1 
ATOM   192  C  CD2 . LEU A 1 27  ? 8.606   0.754   15.866  1.00 31.67  ? 27  LEU A CD2 1 
ATOM   193  N  N   . ARG A 1 28  ? 6.121   5.220   15.517  1.00 42.84  ? 28  ARG A N   1 
ATOM   194  C  CA  . ARG A 1 28  ? 5.674   6.575   15.118  1.00 47.51  ? 28  ARG A CA  1 
ATOM   195  C  C   . ARG A 1 28  ? 6.120   6.936   13.709  1.00 50.13  ? 28  ARG A C   1 
ATOM   196  O  O   . ARG A 1 28  ? 5.358   7.235   12.771  1.00 50.06  ? 28  ARG A O   1 
ATOM   197  C  CB  . ARG A 1 28  ? 6.208   7.607   16.106  1.00 47.29  ? 28  ARG A CB  1 
ATOM   198  C  CG  . ARG A 1 28  ? 5.337   8.859   16.210  1.00 58.51  ? 28  ARG A CG  1 
ATOM   199  C  CD  . ARG A 1 28  ? 6.056   9.920   16.992  1.00 68.69  ? 28  ARG A CD  1 
ATOM   200  N  NE  . ARG A 1 28  ? 6.144   11.207  16.268  1.00 77.22  ? 28  ARG A NE  1 
ATOM   201  N  N   . ASN A 1 29  ? 7.417   6.894   13.531  1.00 50.11  ? 29  ASN A N   1 
ATOM   202  C  CA  . ASN A 1 29  ? 8.094   7.240   12.301  1.00 56.22  ? 29  ASN A CA  1 
ATOM   203  C  C   . ASN A 1 29  ? 7.703   6.443   11.108  1.00 58.35  ? 29  ASN A C   1 
ATOM   204  O  O   . ASN A 1 29  ? 7.668   6.948   9.945   1.00 61.63  ? 29  ASN A O   1 
ATOM   205  C  CB  . ASN A 1 29  ? 9.559   7.557   12.630  1.00 61.46  ? 29  ASN A CB  1 
ATOM   206  C  CG  . ASN A 1 29  ? 9.525   8.888   13.421  1.00 63.50  ? 29  ASN A CG  1 
ATOM   207  O  OD1 . ASN A 1 29  ? 9.290   9.929   12.798  1.00 63.78  ? 29  ASN A OD1 1 
ATOM   208  N  ND2 . ASN A 1 29  ? 9.575   8.767   14.741  1.00 68.17  ? 29  ASN A ND2 1 
ATOM   209  N  N   . GLU A 1 30  ? 7.353   5.197   11.330  1.00 57.98  ? 30  GLU A N   1 
ATOM   210  C  CA  . GLU A 1 30  ? 6.925   4.302   10.230  1.00 57.17  ? 30  GLU A CA  1 
ATOM   211  C  C   . GLU A 1 30  ? 5.563   4.791   9.724   1.00 53.95  ? 30  GLU A C   1 
ATOM   212  O  O   . GLU A 1 30  ? 5.309   4.977   8.509   1.00 44.28  ? 30  GLU A O   1 
ATOM   213  C  CB  . GLU A 1 30  ? 6.750   2.899   10.809  1.00 64.61  ? 30  GLU A CB  1 
ATOM   214  C  CG  . GLU A 1 30  ? 7.227   1.776   9.839   1.00 68.33  ? 30  GLU A CG  1 
ATOM   215  C  CD  . GLU A 1 30  ? 6.260   1.730   8.658   1.00 72.84  ? 30  GLU A CD  1 
ATOM   216  O  OE1 . GLU A 1 30  ? 5.111   1.411   9.060   1.00 70.51  ? 30  GLU A OE1 1 
ATOM   217  O  OE2 . GLU A 1 30  ? 6.608   2.049   7.497   1.00 73.93  ? 30  GLU A OE2 1 
ATOM   218  N  N   . TYR A 1 31  ? 4.721   5.047   10.713  1.00 48.59  ? 31  TYR A N   1 
ATOM   219  C  CA  . TYR A 1 31  ? 3.380   5.563   10.492  1.00 48.58  ? 31  TYR A CA  1 
ATOM   220  C  C   . TYR A 1 31  ? 3.328   6.809   9.639   1.00 51.91  ? 31  TYR A C   1 
ATOM   221  O  O   . TYR A 1 31  ? 2.641   6.867   8.599   1.00 58.31  ? 31  TYR A O   1 
ATOM   222  C  CB  . TYR A 1 31  ? 2.702   5.847   11.849  1.00 53.09  ? 31  TYR A CB  1 
ATOM   223  C  CG  . TYR A 1 31  ? 1.300   6.366   11.704  1.00 62.53  ? 31  TYR A CG  1 
ATOM   224  C  CD1 . TYR A 1 31  ? 0.407   5.706   10.849  1.00 69.74  ? 31  TYR A CD1 1 
ATOM   225  C  CD2 . TYR A 1 31  ? 0.824   7.475   12.402  1.00 68.38  ? 31  TYR A CD2 1 
ATOM   226  C  CE1 . TYR A 1 31  ? -0.912  6.137   10.679  1.00 74.94  ? 31  TYR A CE1 1 
ATOM   227  C  CE2 . TYR A 1 31  ? -0.491  7.926   12.251  1.00 73.98  ? 31  TYR A CE2 1 
ATOM   228  C  CZ  . TYR A 1 31  ? -1.357  7.254   11.381  1.00 76.35  ? 31  TYR A CZ  1 
ATOM   229  O  OH  . TYR A 1 31  ? -2.660  7.646   11.187  1.00 79.70  ? 31  TYR A OH  1 
ATOM   230  N  N   . LYS A 1 32  ? 3.981   7.872   10.111  1.00 51.70  ? 32  LYS A N   1 
ATOM   231  C  CA  . LYS A 1 32  ? 4.043   9.153   9.411   1.00 41.34  ? 32  LYS A CA  1 
ATOM   232  C  C   . LYS A 1 32  ? 4.570   8.936   7.988   1.00 35.52  ? 32  LYS A C   1 
ATOM   233  O  O   . LYS A 1 32  ? 4.141   9.653   7.062   1.00 39.12  ? 32  LYS A O   1 
ATOM   234  C  CB  . LYS A 1 32  ? 4.752   10.261  10.069  1.00 44.58  ? 32  LYS A CB  1 
ATOM   235  C  CG  . LYS A 1 32  ? 4.915   10.461  11.531  1.00 53.02  ? 32  LYS A CG  1 
ATOM   236  C  CD  . LYS A 1 32  ? 5.505   11.845  11.845  1.00 62.11  ? 32  LYS A CD  1 
ATOM   237  C  CE  . LYS A 1 32  ? 5.968   12.036  13.280  1.00 64.96  ? 32  LYS A CE  1 
ATOM   238  N  NZ  . LYS A 1 32  ? 7.373   11.499  13.383  1.00 69.13  ? 32  LYS A NZ  1 
ATOM   239  N  N   . TYR A 1 33  ? 5.436   7.978   7.796   1.00 32.35  ? 33  TYR A N   1 
ATOM   240  C  CA  . TYR A 1 33  ? 5.986   7.664   6.465   1.00 35.11  ? 33  TYR A CA  1 
ATOM   241  C  C   . TYR A 1 33  ? 4.856   7.238   5.511   1.00 39.45  ? 33  TYR A C   1 
ATOM   242  O  O   . TYR A 1 33  ? 4.819   7.591   4.305   1.00 37.48  ? 33  TYR A O   1 
ATOM   243  C  CB  . TYR A 1 33  ? 7.058   6.586   6.569   1.00 36.58  ? 33  TYR A CB  1 
ATOM   244  C  CG  . TYR A 1 33  ? 7.688   6.155   5.259   1.00 37.99  ? 33  TYR A CG  1 
ATOM   245  C  CD1 . TYR A 1 33  ? 8.492   7.044   4.541   1.00 37.77  ? 33  TYR A CD1 1 
ATOM   246  C  CD2 . TYR A 1 33  ? 7.490   4.889   4.726   1.00 36.44  ? 33  TYR A CD2 1 
ATOM   247  C  CE1 . TYR A 1 33  ? 9.102   6.669   3.353   1.00 40.37  ? 33  TYR A CE1 1 
ATOM   248  C  CE2 . TYR A 1 33  ? 8.088   4.496   3.515   1.00 38.21  ? 33  TYR A CE2 1 
ATOM   249  C  CZ  . TYR A 1 33  ? 8.888   5.392   2.836   1.00 41.49  ? 33  TYR A CZ  1 
ATOM   250  O  OH  . TYR A 1 33  ? 9.513   5.070   1.662   1.00 46.16  ? 33  TYR A OH  1 
ATOM   251  N  N   . PHE A 1 34  ? 3.931   6.493   6.094   1.00 39.74  ? 34  PHE A N   1 
ATOM   252  C  CA  . PHE A 1 34  ? 2.796   5.914   5.350   1.00 41.31  ? 34  PHE A CA  1 
ATOM   253  C  C   . PHE A 1 34  ? 1.798   6.991   4.937   1.00 36.13  ? 34  PHE A C   1 
ATOM   254  O  O   . PHE A 1 34  ? 1.446   7.059   3.760   1.00 34.83  ? 34  PHE A O   1 
ATOM   255  C  CB  . PHE A 1 34  ? 2.176   4.720   6.036   1.00 37.89  ? 34  PHE A CB  1 
ATOM   256  C  CG  . PHE A 1 34  ? 0.788   4.362   5.628   1.00 31.74  ? 34  PHE A CG  1 
ATOM   257  C  CD1 . PHE A 1 34  ? 0.621   3.502   4.541   1.00 32.80  ? 34  PHE A CD1 1 
ATOM   258  C  CD2 . PHE A 1 34  ? -0.298  4.899   6.299   1.00 31.27  ? 34  PHE A CD2 1 
ATOM   259  C  CE1 . PHE A 1 34  ? -0.670  3.211   4.087   1.00 34.81  ? 34  PHE A CE1 1 
ATOM   260  C  CE2 . PHE A 1 34  ? -1.608  4.557   5.890   1.00 37.33  ? 34  PHE A CE2 1 
ATOM   261  C  CZ  . PHE A 1 34  ? -1.773  3.738   4.741   1.00 30.33  ? 34  PHE A CZ  1 
ATOM   262  N  N   . GLN A 1 35  ? 1.393   7.745   5.925   1.00 39.22  ? 35  GLN A N   1 
ATOM   263  C  CA  . GLN A 1 35  ? 0.484   8.895   5.725   1.00 43.67  ? 35  GLN A CA  1 
ATOM   264  C  C   . GLN A 1 35  ? 1.071   9.843   4.689   1.00 43.90  ? 35  GLN A C   1 
ATOM   265  O  O   . GLN A 1 35  ? 0.495   10.179  3.634   1.00 43.65  ? 35  GLN A O   1 
ATOM   266  C  CB  . GLN A 1 35  ? 0.212   9.570   7.076   1.00 44.21  ? 35  GLN A CB  1 
ATOM   267  C  CG  . GLN A 1 35  ? -0.514  8.562   8.001   1.00 53.39  ? 35  GLN A CG  1 
ATOM   268  C  CD  . GLN A 1 35  ? -2.002  8.514   7.736   1.00 57.54  ? 35  GLN A CD  1 
ATOM   269  O  OE1 . GLN A 1 35  ? -2.836  8.955   8.541   1.00 60.86  ? 35  GLN A OE1 1 
ATOM   270  N  NE2 . GLN A 1 35  ? -2.387  7.991   6.558   1.00 55.69  ? 35  GLN A NE2 1 
ATOM   271  N  N   . ARG A 1 36  ? 2.317   10.221  4.941   1.00 41.13  ? 36  ARG A N   1 
ATOM   272  C  CA  . ARG A 1 36  ? 3.020   11.129  4.042   1.00 36.64  ? 36  ARG A CA  1 
ATOM   273  C  C   . ARG A 1 36  ? 3.103   10.588  2.654   1.00 30.74  ? 36  ARG A C   1 
ATOM   274  O  O   . ARG A 1 36  ? 2.752   11.278  1.700   1.00 30.43  ? 36  ARG A O   1 
ATOM   275  C  CB  . ARG A 1 36  ? 4.222   11.698  4.672   1.00 42.44  ? 36  ARG A CB  1 
ATOM   276  C  CG  . ARG A 1 36  ? 5.390   12.131  3.811   1.00 56.02  ? 36  ARG A CG  1 
ATOM   277  C  CD  . ARG A 1 36  ? 6.691   12.084  4.625   1.00 61.48  ? 36  ARG A CD  1 
ATOM   278  N  N   . MET A 1 37  ? 3.590   9.384   2.455   1.00 31.15  ? 37  MET A N   1 
ATOM   279  C  CA  . MET A 1 37  ? 3.744   8.794   1.122   1.00 29.29  ? 37  MET A CA  1 
ATOM   280  C  C   . MET A 1 37  ? 2.423   8.584   0.384   1.00 27.77  ? 37  MET A C   1 
ATOM   281  O  O   . MET A 1 37  ? 2.348   8.675   -0.874  1.00 27.21  ? 37  MET A O   1 
ATOM   282  C  CB  . MET A 1 37  ? 4.511   7.461   1.163   1.00 36.07  ? 37  MET A CB  1 
ATOM   283  C  CG  . MET A 1 37  ? 5.903   7.571   1.763   1.00 40.97  ? 37  MET A CG  1 
ATOM   284  S  SD  . MET A 1 37  ? 7.019   8.260   0.555   1.00 44.76  ? 37  MET A SD  1 
ATOM   285  C  CE  . MET A 1 37  ? 7.171   6.997   -0.656  1.00 42.15  ? 37  MET A CE  1 
ATOM   286  N  N   . THR A 1 38  ? 1.400   8.190   1.125   1.00 23.12  ? 38  THR A N   1 
ATOM   287  C  CA  . THR A 1 38  ? 0.112   7.873   0.478   1.00 30.81  ? 38  THR A CA  1 
ATOM   288  C  C   . THR A 1 38  ? -0.720  9.077   0.154   1.00 32.92  ? 38  THR A C   1 
ATOM   289  O  O   . THR A 1 38  ? -1.329  9.133   -0.925  1.00 36.40  ? 38  THR A O   1 
ATOM   290  C  CB  . THR A 1 38  ? -0.606  6.678   1.203   1.00 23.45  ? 38  THR A CB  1 
ATOM   291  O  OG1 . THR A 1 38  ? -0.898  7.160   2.550   1.00 24.61  ? 38  THR A OG1 1 
ATOM   292  C  CG2 . THR A 1 38  ? 0.371   5.480   1.338   1.00 29.00  ? 38  THR A CG2 1 
ATOM   293  N  N   . SER A 1 39  ? -0.751  10.069  0.995   1.00 36.58  ? 39  SER A N   1 
ATOM   294  C  CA  . SER A 1 39  ? -1.443  11.319  0.906   1.00 40.74  ? 39  SER A CA  1 
ATOM   295  C  C   . SER A 1 39  ? -0.848  12.355  -0.038  1.00 45.57  ? 39  SER A C   1 
ATOM   296  O  O   . SER A 1 39  ? -1.637  13.165  -0.580  1.00 49.51  ? 39  SER A O   1 
ATOM   297  C  CB  . SER A 1 39  ? -1.523  11.998  2.282   1.00 35.85  ? 39  SER A CB  1 
ATOM   298  O  OG  . SER A 1 39  ? -2.204  11.141  3.171   1.00 44.44  ? 39  SER A OG  1 
ATOM   299  N  N   . THR A 1 40  ? 0.465   12.451  -0.149  1.00 45.13  ? 40  THR A N   1 
ATOM   300  C  CA  . THR A 1 40  ? 1.088   13.489  -0.954  1.00 40.28  ? 40  THR A CA  1 
ATOM   301  C  C   . THR A 1 40  ? 0.908   13.317  -2.448  1.00 38.80  ? 40  THR A C   1 
ATOM   302  O  O   . THR A 1 40  ? 1.590   12.454  -3.002  1.00 36.10  ? 40  THR A O   1 
ATOM   303  C  CB  . THR A 1 40  ? 2.645   13.640  -0.678  1.00 40.71  ? 40  THR A CB  1 
ATOM   304  O  OG1 . THR A 1 40  ? 2.711   14.139  0.682   1.00 42.55  ? 40  THR A OG1 1 
ATOM   305  C  CG2 . THR A 1 40  ? 3.300   14.608  -1.677  1.00 37.58  ? 40  THR A CG2 1 
ATOM   306  N  N   . SER A 1 41  ? 0.203   14.240  -3.053  1.00 41.37  ? 41  SER A N   1 
ATOM   307  C  CA  . SER A 1 41  ? -0.021  14.372  -4.480  1.00 44.63  ? 41  SER A CA  1 
ATOM   308  C  C   . SER A 1 41  ? 0.883   15.448  -5.098  1.00 50.58  ? 41  SER A C   1 
ATOM   309  O  O   . SER A 1 41  ? 1.019   16.530  -4.472  1.00 57.53  ? 41  SER A O   1 
ATOM   310  C  CB  . SER A 1 41  ? -1.456  14.940  -4.732  1.00 47.44  ? 41  SER A CB  1 
ATOM   311  O  OG  . SER A 1 41  ? -1.500  15.045  -6.170  1.00 52.63  ? 41  SER A OG  1 
ATOM   312  N  N   . HIS A 1 42  ? 1.311   15.243  -6.312  1.00 53.13  ? 42  HIS A N   1 
ATOM   313  C  CA  . HIS A 1 42  ? 2.202   16.227  -6.972  1.00 61.80  ? 42  HIS A CA  1 
ATOM   314  C  C   . HIS A 1 42  ? 1.449   17.038  -7.997  1.00 64.63  ? 42  HIS A C   1 
ATOM   315  O  O   . HIS A 1 42  ? 1.989   17.414  -9.070  1.00 74.14  ? 42  HIS A O   1 
ATOM   316  C  CB  . HIS A 1 42  ? 3.402   15.485  -7.641  1.00 69.06  ? 42  HIS A CB  1 
ATOM   317  C  CG  . HIS A 1 42  ? 4.067   14.621  -6.596  1.00 77.37  ? 42  HIS A CG  1 
ATOM   318  N  ND1 . HIS A 1 42  ? 4.199   13.262  -6.668  1.00 78.90  ? 42  HIS A ND1 1 
ATOM   319  C  CD2 . HIS A 1 42  ? 4.617   15.007  -5.408  1.00 80.05  ? 42  HIS A CD2 1 
ATOM   320  C  CE1 . HIS A 1 42  ? 4.831   12.832  -5.580  1.00 80.14  ? 42  HIS A CE1 1 
ATOM   321  N  NE2 . HIS A 1 42  ? 5.089   13.859  -4.804  1.00 81.58  ? 42  HIS A NE2 1 
ATOM   322  N  N   . VAL A 1 43  ? 0.217   17.362  -7.679  1.00 57.85  ? 43  VAL A N   1 
ATOM   323  C  CA  . VAL A 1 43  ? -0.643  18.101  -8.617  1.00 54.17  ? 43  VAL A CA  1 
ATOM   324  C  C   . VAL A 1 43  ? -1.770  18.753  -7.837  1.00 59.33  ? 43  VAL A C   1 
ATOM   325  O  O   . VAL A 1 43  ? -2.429  18.136  -6.995  1.00 61.74  ? 43  VAL A O   1 
ATOM   326  C  CB  . VAL A 1 43  ? -1.139  17.107  -9.667  1.00 54.98  ? 43  VAL A CB  1 
ATOM   327  C  CG1 . VAL A 1 43  ? -2.293  17.649  -10.492 1.00 56.82  ? 43  VAL A CG1 1 
ATOM   328  C  CG2 . VAL A 1 43  ? -0.062  16.490  -10.533 1.00 52.39  ? 43  VAL A CG2 1 
ATOM   329  N  N   . GLU A 1 44  ? -1.969  20.024  -8.146  1.00 67.95  ? 44  GLU A N   1 
ATOM   330  C  CA  . GLU A 1 44  ? -2.994  20.800  -7.458  1.00 76.04  ? 44  GLU A CA  1 
ATOM   331  C  C   . GLU A 1 44  ? -4.401  20.340  -7.764  1.00 72.07  ? 44  GLU A C   1 
ATOM   332  O  O   . GLU A 1 44  ? -4.847  20.023  -8.892  1.00 70.69  ? 44  GLU A O   1 
ATOM   333  C  CB  . GLU A 1 44  ? -2.758  22.241  -7.303  1.00 85.86  ? 44  GLU A CB  1 
ATOM   334  C  CG  . GLU A 1 44  ? -2.947  23.390  -8.235  1.00 94.64  ? 44  GLU A CG  1 
ATOM   335  C  CD  . GLU A 1 44  ? -2.716  24.794  -7.740  1.00 99.29  ? 44  GLU A CD  1 
ATOM   336  O  OE1 . GLU A 1 44  ? -2.513  24.887  -6.500  1.00 101.97 ? 44  GLU A OE1 1 
ATOM   337  O  OE2 . GLU A 1 44  ? -2.721  25.807  -8.496  1.00 100.49 ? 44  GLU A OE2 1 
ATOM   338  N  N   . GLY A 1 45  ? -5.155  20.255  -6.657  1.00 67.10  ? 45  GLY A N   1 
ATOM   339  C  CA  . GLY A 1 45  ? -6.573  19.905  -6.744  1.00 67.80  ? 45  GLY A CA  1 
ATOM   340  C  C   . GLY A 1 45  ? -6.740  18.459  -7.169  1.00 67.67  ? 45  GLY A C   1 
ATOM   341  O  O   . GLY A 1 45  ? -7.854  18.063  -7.568  1.00 71.80  ? 45  GLY A O   1 
ATOM   342  N  N   . LYS A 1 46  ? -5.657  17.700  -7.071  1.00 65.04  ? 46  LYS A N   1 
ATOM   343  C  CA  . LYS A 1 46  ? -5.729  16.240  -7.302  1.00 55.87  ? 46  LYS A CA  1 
ATOM   344  C  C   . LYS A 1 46  ? -5.580  15.541  -5.963  1.00 53.52  ? 46  LYS A C   1 
ATOM   345  O  O   . LYS A 1 46  ? -5.169  16.171  -4.953  1.00 55.00  ? 46  LYS A O   1 
ATOM   346  C  CB  . LYS A 1 46  ? -4.949  15.683  -8.428  1.00 53.23  ? 46  LYS A CB  1 
ATOM   347  C  CG  . LYS A 1 46  ? -5.536  16.022  -9.804  1.00 54.02  ? 46  LYS A CG  1 
ATOM   348  C  CD  . LYS A 1 46  ? -4.755  15.370  -10.933 1.00 56.44  ? 46  LYS A CD  1 
ATOM   349  C  CE  . LYS A 1 46  ? -5.629  15.141  -12.160 1.00 59.96  ? 46  LYS A CE  1 
ATOM   350  N  NZ  . LYS A 1 46  ? -4.922  14.285  -13.179 1.00 62.92  ? 46  LYS A NZ  1 
ATOM   351  N  N   . GLN A 1 47  ? -6.089  14.329  -5.902  1.00 52.03  ? 47  GLN A N   1 
ATOM   352  C  CA  . GLN A 1 47  ? -6.082  13.498  -4.679  1.00 43.64  ? 47  GLN A CA  1 
ATOM   353  C  C   . GLN A 1 47  ? -5.530  12.132  -5.073  1.00 44.90  ? 47  GLN A C   1 
ATOM   354  O  O   . GLN A 1 47  ? -5.596  11.828  -6.284  1.00 42.69  ? 47  GLN A O   1 
ATOM   355  C  CB  . GLN A 1 47  ? -7.450  13.373  -4.071  1.00 44.99  ? 47  GLN A CB  1 
ATOM   356  C  CG  . GLN A 1 47  ? -7.465  13.982  -2.661  1.00 51.03  ? 47  GLN A CG  1 
ATOM   357  C  CD  . GLN A 1 47  ? -8.884  13.846  -2.131  1.00 56.70  ? 47  GLN A CD  1 
ATOM   358  O  OE1 . GLN A 1 47  ? -9.300  14.499  -1.182  1.00 63.00  ? 47  GLN A OE1 1 
ATOM   359  N  NE2 . GLN A 1 47  ? -9.582  12.961  -2.838  1.00 54.92  ? 47  GLN A NE2 1 
ATOM   360  N  N   . ASN A 1 48  ? -4.981  11.445  -4.083  1.00 41.10  ? 48  ASN A N   1 
ATOM   361  C  CA  . ASN A 1 48  ? -4.400  10.100  -4.401  1.00 38.43  ? 48  ASN A CA  1 
ATOM   362  C  C   . ASN A 1 48  ? -5.525  9.090   -4.034  1.00 34.75  ? 48  ASN A C   1 
ATOM   363  O  O   . ASN A 1 48  ? -6.296  9.454   -3.157  1.00 33.85  ? 48  ASN A O   1 
ATOM   364  C  CB  . ASN A 1 48  ? -3.157  9.813   -3.594  1.00 37.94  ? 48  ASN A CB  1 
ATOM   365  C  CG  . ASN A 1 48  ? -1.879  10.374  -4.153  1.00 34.38  ? 48  ASN A CG  1 
ATOM   366  O  OD1 . ASN A 1 48  ? -1.782  10.777  -5.295  1.00 35.49  ? 48  ASN A OD1 1 
ATOM   367  N  ND2 . ASN A 1 48  ? -0.873  10.385  -3.295  1.00 39.36  ? 48  ASN A ND2 1 
ATOM   368  N  N   . ALA A 1 49  ? -5.442  7.954   -4.667  1.00 32.59  ? 49  ALA A N   1 
ATOM   369  C  CA  . ALA A 1 49  ? -6.363  6.833   -4.426  1.00 34.92  ? 49  ALA A CA  1 
ATOM   370  C  C   . ALA A 1 49  ? -5.588  5.664   -3.774  1.00 34.85  ? 49  ALA A C   1 
ATOM   371  O  O   . ALA A 1 49  ? -4.453  5.336   -4.204  1.00 33.41  ? 49  ALA A O   1 
ATOM   372  C  CB  . ALA A 1 49  ? -6.901  6.332   -5.780  1.00 31.63  ? 49  ALA A CB  1 
ATOM   373  N  N   . VAL A 1 50  ? -6.226  5.099   -2.776  1.00 27.88  ? 50  VAL A N   1 
ATOM   374  C  CA  . VAL A 1 50  ? -5.638  3.937   -2.096  1.00 30.58  ? 50  VAL A CA  1 
ATOM   375  C  C   . VAL A 1 50  ? -6.604  2.753   -2.344  1.00 29.49  ? 50  VAL A C   1 
ATOM   376  O  O   . VAL A 1 50  ? -7.801  2.956   -2.178  1.00 24.84  ? 50  VAL A O   1 
ATOM   377  C  CB  . VAL A 1 50  ? -5.546  4.189   -0.570  1.00 30.50  ? 50  VAL A CB  1 
ATOM   378  C  CG1 . VAL A 1 50  ? -4.366  5.075   -0.211  1.00 28.78  ? 50  VAL A CG1 1 
ATOM   379  C  CG2 . VAL A 1 50  ? -6.868  4.688   -0.037  1.00 26.07  ? 50  VAL A CG2 1 
ATOM   380  N  N   . ILE A 1 51  ? -5.959  1.651   -2.607  1.00 26.60  ? 51  ILE A N   1 
ATOM   381  C  CA  . ILE A 1 51  ? -6.698  0.404   -2.815  1.00 29.73  ? 51  ILE A CA  1 
ATOM   382  C  C   . ILE A 1 51  ? -6.296  -0.624  -1.757  1.00 27.42  ? 51  ILE A C   1 
ATOM   383  O  O   . ILE A 1 51  ? -5.110  -0.754  -1.445  1.00 28.98  ? 51  ILE A O   1 
ATOM   384  C  CB  . ILE A 1 51  ? -6.496  -0.114  -4.267  1.00 32.53  ? 51  ILE A CB  1 
ATOM   385  C  CG1 . ILE A 1 51  ? -6.757  1.021   -5.294  1.00 32.99  ? 51  ILE A CG1 1 
ATOM   386  C  CG2 . ILE A 1 51  ? -7.505  -1.299  -4.553  1.00 31.38  ? 51  ILE A CG2 1 
ATOM   387  C  CD1 . ILE A 1 51  ? -6.383  0.633   -6.770  1.00 28.13  ? 51  ILE A CD1 1 
ATOM   388  N  N   . MET A 1 52  ? -7.313  -1.263  -1.194  1.00 21.11  ? 52  MET A N   1 
ATOM   389  C  CA  . MET A 1 52  ? -7.030  -2.293  -0.145  1.00 24.02  ? 52  MET A CA  1 
ATOM   390  C  C   . MET A 1 52  ? -8.190  -3.312  -0.129  1.00 28.09  ? 52  MET A C   1 
ATOM   391  O  O   . MET A 1 52  ? -9.302  -3.032  -0.573  1.00 25.43  ? 52  MET A O   1 
ATOM   392  C  CB  . MET A 1 52  ? -7.057  -1.599  1.211   1.00 20.64  ? 52  MET A CB  1 
ATOM   393  C  CG  . MET A 1 52  ? -8.431  -0.911  1.358   1.00 21.73  ? 52  MET A CG  1 
ATOM   394  S  SD  . MET A 1 52  ? -8.264  -0.074  2.976   1.00 32.86  ? 52  MET A SD  1 
ATOM   395  C  CE  . MET A 1 52  ? -7.998  1.599   2.376   1.00 29.29  ? 52  MET A CE  1 
ATOM   396  N  N   . GLY A 1 53  ? -7.851  -4.451  0.427   1.00 26.88  ? 53  GLY A N   1 
ATOM   397  C  CA  . GLY A 1 53  ? -8.771  -5.585  0.600   1.00 25.72  ? 53  GLY A CA  1 
ATOM   398  C  C   . GLY A 1 53  ? -9.688  -5.262  1.778   1.00 28.97  ? 53  GLY A C   1 
ATOM   399  O  O   . GLY A 1 53  ? -9.435  -4.225  2.420   1.00 30.53  ? 53  GLY A O   1 
ATOM   400  N  N   . LYS A 1 54  ? -10.649 -6.133  2.027   1.00 27.25  ? 54  LYS A N   1 
ATOM   401  C  CA  . LYS A 1 54  ? -11.682 -5.950  3.043   1.00 24.70  ? 54  LYS A CA  1 
ATOM   402  C  C   . LYS A 1 54  ? -11.118 -6.034  4.451   1.00 24.86  ? 54  LYS A C   1 
ATOM   403  O  O   . LYS A 1 54  ? -11.529 -5.299  5.380   1.00 27.44  ? 54  LYS A O   1 
ATOM   404  C  CB  . LYS A 1 54  ? -12.738 -7.061  2.894   1.00 25.33  ? 54  LYS A CB  1 
ATOM   405  C  CG  . LYS A 1 54  ? -14.086 -6.806  3.581   1.00 26.59  ? 54  LYS A CG  1 
ATOM   406  C  CD  . LYS A 1 54  ? -15.058 -7.953  3.166   1.00 29.89  ? 54  LYS A CD  1 
ATOM   407  C  CE  . LYS A 1 54  ? -14.668 -9.254  3.893   1.00 33.47  ? 54  LYS A CE  1 
ATOM   408  N  NZ  . LYS A 1 54  ? -15.260 -10.463 3.237   1.00 31.09  ? 54  LYS A NZ  1 
ATOM   409  N  N   . LYS A 1 55  ? -10.268 -7.028  4.634   1.00 24.41  ? 55  LYS A N   1 
ATOM   410  C  CA  . LYS A 1 55  ? -9.700  -7.276  5.989   1.00 23.76  ? 55  LYS A CA  1 
ATOM   411  C  C   . LYS A 1 55  ? -8.891  -6.073  6.401   1.00 26.71  ? 55  LYS A C   1 
ATOM   412  O  O   . LYS A 1 55  ? -9.080  -5.528  7.500   1.00 31.10  ? 55  LYS A O   1 
ATOM   413  C  CB  . LYS A 1 55  ? -8.999  -8.592  5.997   1.00 28.98  ? 55  LYS A CB  1 
ATOM   414  C  CG  . LYS A 1 55  ? -8.797  -9.170  7.382   1.00 46.06  ? 55  LYS A CG  1 
ATOM   415  C  CD  . LYS A 1 55  ? -8.516  -10.692 7.355   1.00 55.80  ? 55  LYS A CD  1 
ATOM   416  C  CE  . LYS A 1 55  ? -7.230  -10.941 8.185   1.00 59.69  ? 55  LYS A CE  1 
ATOM   417  N  NZ  . LYS A 1 55  ? -7.344  -12.158 9.018   1.00 61.94  ? 55  LYS A NZ  1 
ATOM   418  N  N   . THR A 1 56  ? -8.093  -5.509  5.481   1.00 27.04  ? 56  THR A N   1 
ATOM   419  C  CA  . THR A 1 56  ? -7.338  -4.280  5.776   1.00 24.83  ? 56  THR A CA  1 
ATOM   420  C  C   . THR A 1 56  ? -8.201  -3.098  6.123   1.00 27.12  ? 56  THR A C   1 
ATOM   421  O  O   . THR A 1 56  ? -7.877  -2.349  7.095   1.00 33.60  ? 56  THR A O   1 
ATOM   422  C  CB  . THR A 1 56  ? -6.315  -3.974  4.628   1.00 18.81  ? 56  THR A CB  1 
ATOM   423  O  OG1 . THR A 1 56  ? -5.362  -5.020  4.707   1.00 20.25  ? 56  THR A OG1 1 
ATOM   424  C  CG2 . THR A 1 56  ? -5.653  -2.631  4.590   1.00 20.79  ? 56  THR A CG2 1 
ATOM   425  N  N   . TRP A 1 57  ? -9.238  -2.824  5.365   1.00 28.78  ? 57  TRP A N   1 
ATOM   426  C  CA  . TRP A 1 57  ? -10.138 -1.677  5.641   1.00 29.18  ? 57  TRP A CA  1 
ATOM   427  C  C   . TRP A 1 57  ? -10.648 -1.713  7.076   1.00 30.11  ? 57  TRP A C   1 
ATOM   428  O  O   . TRP A 1 57  ? -10.657 -0.674  7.755   1.00 33.14  ? 57  TRP A O   1 
ATOM   429  C  CB  . TRP A 1 57  ? -11.273 -1.604  4.638   1.00 28.68  ? 57  TRP A CB  1 
ATOM   430  C  CG  . TRP A 1 57  ? -12.430 -0.746  5.014   1.00 30.36  ? 57  TRP A CG  1 
ATOM   431  C  CD1 . TRP A 1 57  ? -13.580 -1.148  5.656   1.00 31.73  ? 57  TRP A CD1 1 
ATOM   432  C  CD2 . TRP A 1 57  ? -12.605 0.650   4.756   1.00 29.17  ? 57  TRP A CD2 1 
ATOM   433  N  NE1 . TRP A 1 57  ? -14.412 -0.069  5.866   1.00 28.92  ? 57  TRP A NE1 1 
ATOM   434  C  CE2 . TRP A 1 57  ? -13.859 1.029   5.291   1.00 28.25  ? 57  TRP A CE2 1 
ATOM   435  C  CE3 . TRP A 1 57  ? -11.797 1.609   4.143   1.00 31.94  ? 57  TRP A CE3 1 
ATOM   436  C  CZ2 . TRP A 1 57  ? -14.334 2.334   5.239   1.00 26.36  ? 57  TRP A CZ2 1 
ATOM   437  C  CZ3 . TRP A 1 57  ? -12.255 2.926   4.114   1.00 30.23  ? 57  TRP A CZ3 1 
ATOM   438  C  CH2 . TRP A 1 57  ? -13.507 3.267   4.640   1.00 29.86  ? 57  TRP A CH2 1 
ATOM   439  N  N   . PHE A 1 58  ? -11.079 -2.893  7.496   1.00 31.27  ? 58  PHE A N   1 
ATOM   440  C  CA  . PHE A 1 58  ? -11.684 -3.114  8.803   1.00 33.24  ? 58  PHE A CA  1 
ATOM   441  C  C   . PHE A 1 58  ? -10.653 -3.076  9.916   1.00 36.97  ? 58  PHE A C   1 
ATOM   442  O  O   . PHE A 1 58  ? -10.997 -2.935  11.110  1.00 36.42  ? 58  PHE A O   1 
ATOM   443  C  CB  . PHE A 1 58  ? -12.566 -4.389  8.861   1.00 33.75  ? 58  PHE A CB  1 
ATOM   444  C  CG  . PHE A 1 58  ? -13.868 -4.246  8.128   1.00 33.06  ? 58  PHE A CG  1 
ATOM   445  C  CD1 . PHE A 1 58  ? -14.811 -3.319  8.587   1.00 33.41  ? 58  PHE A CD1 1 
ATOM   446  C  CD2 . PHE A 1 58  ? -14.113 -4.962  6.957   1.00 25.82  ? 58  PHE A CD2 1 
ATOM   447  C  CE1 . PHE A 1 58  ? -16.018 -3.097  7.908   1.00 30.99  ? 58  PHE A CE1 1 
ATOM   448  C  CE2 . PHE A 1 58  ? -15.306 -4.775  6.278   1.00 28.55  ? 58  PHE A CE2 1 
ATOM   449  C  CZ  . PHE A 1 58  ? -16.255 -3.840  6.759   1.00 30.41  ? 58  PHE A CZ  1 
ATOM   450  N  N   . SER A 1 59  ? -9.400  -3.247  9.496   1.00 38.15  ? 59  SER A N   1 
ATOM   451  C  CA  . SER A 1 59  ? -8.290  -3.236  10.482  1.00 41.05  ? 59  SER A CA  1 
ATOM   452  C  C   . SER A 1 59  ? -8.134  -1.807  10.990  1.00 40.66  ? 59  SER A C   1 
ATOM   453  O  O   . SER A 1 59  ? -7.707  -1.587  12.144  1.00 43.41  ? 59  SER A O   1 
ATOM   454  C  CB  . SER A 1 59  ? -7.048  -3.890  9.959   1.00 38.91  ? 59  SER A CB  1 
ATOM   455  O  OG  . SER A 1 59  ? -6.239  -3.024  9.179   1.00 37.74  ? 59  SER A OG  1 
ATOM   456  N  N   . ILE A 1 60  ? -8.560  -0.865  10.149  1.00 37.32  ? 60  ILE A N   1 
ATOM   457  C  CA  . ILE A 1 60  ? -8.483  0.564   10.526  1.00 35.03  ? 60  ILE A CA  1 
ATOM   458  C  C   . ILE A 1 60  ? -9.555  0.894   11.561  1.00 35.93  ? 60  ILE A C   1 
ATOM   459  O  O   . ILE A 1 60  ? -10.735 0.547   11.345  1.00 31.67  ? 60  ILE A O   1 
ATOM   460  C  CB  . ILE A 1 60  ? -8.598  1.448   9.254   1.00 37.10  ? 60  ILE A CB  1 
ATOM   461  C  CG1 . ILE A 1 60  ? -7.623  0.965   8.153   1.00 30.97  ? 60  ILE A CG1 1 
ATOM   462  C  CG2 . ILE A 1 60  ? -8.532  2.963   9.528   1.00 38.34  ? 60  ILE A CG2 1 
ATOM   463  C  CD1 . ILE A 1 60  ? -8.055  1.519   6.771   1.00 33.14  ? 60  ILE A CD1 1 
ATOM   464  N  N   . PRO A 1 61  ? -9.112  1.590   12.609  1.00 35.33  ? 61  PRO A N   1 
ATOM   465  C  CA  . PRO A 1 61  ? -10.068 2.016   13.680  1.00 35.97  ? 61  PRO A CA  1 
ATOM   466  C  C   . PRO A 1 61  ? -11.168 2.827   12.958  1.00 36.83  ? 61  PRO A C   1 
ATOM   467  O  O   . PRO A 1 61  ? -10.847 3.715   12.136  1.00 38.05  ? 61  PRO A O   1 
ATOM   468  C  CB  . PRO A 1 61  ? -9.204  2.862   14.623  1.00 28.54  ? 61  PRO A CB  1 
ATOM   469  C  CG  . PRO A 1 61  ? -7.823  2.266   14.419  1.00 31.89  ? 61  PRO A CG  1 
ATOM   470  C  CD  . PRO A 1 61  ? -7.752  2.026   12.914  1.00 26.42  ? 61  PRO A CD  1 
ATOM   471  N  N   . GLU A 1 62  ? -12.381 2.467   13.245  1.00 31.74  ? 62  GLU A N   1 
ATOM   472  C  CA  . GLU A 1 62  ? -13.594 2.959   12.677  1.00 39.26  ? 62  GLU A CA  1 
ATOM   473  C  C   . GLU A 1 62  ? -13.678 4.468   12.592  1.00 39.62  ? 62  GLU A C   1 
ATOM   474  O  O   . GLU A 1 62  ? -14.018 5.070   11.556  1.00 36.56  ? 62  GLU A O   1 
ATOM   475  C  CB  . GLU A 1 62  ? -14.824 2.455   13.395  1.00 46.37  ? 62  GLU A CB  1 
ATOM   476  C  CG  . GLU A 1 62  ? -16.180 3.093   13.099  1.00 63.96  ? 62  GLU A CG  1 
ATOM   477  C  CD  . GLU A 1 62  ? -17.327 2.453   13.861  1.00 75.92  ? 62  GLU A CD  1 
ATOM   478  O  OE1 . GLU A 1 62  ? -17.748 1.275   13.697  1.00 80.45  ? 62  GLU A OE1 1 
ATOM   479  O  OE2 . GLU A 1 62  ? -17.786 3.264   14.706  1.00 81.46  ? 62  GLU A OE2 1 
ATOM   480  N  N   . LYS A 1 63  ? -13.368 5.072   13.729  1.00 40.97  ? 63  LYS A N   1 
ATOM   481  C  CA  . LYS A 1 63  ? -13.433 6.548   13.779  1.00 43.55  ? 63  LYS A CA  1 
ATOM   482  C  C   . LYS A 1 63  ? -12.354 7.127   12.897  1.00 42.77  ? 63  LYS A C   1 
ATOM   483  O  O   . LYS A 1 63  ? -12.435 8.310   12.560  1.00 48.10  ? 63  LYS A O   1 
ATOM   484  C  CB  . LYS A 1 63  ? -13.491 7.144   15.135  1.00 43.47  ? 63  LYS A CB  1 
ATOM   485  C  CG  . LYS A 1 63  ? -14.754 6.903   15.953  1.00 40.00  ? 63  LYS A CG  1 
ATOM   486  C  CD  . LYS A 1 63  ? -15.918 6.451   15.083  1.00 42.90  ? 63  LYS A CD  1 
ATOM   487  C  CE  . LYS A 1 63  ? -17.168 6.383   16.005  1.00 42.12  ? 63  LYS A CE  1 
ATOM   488  N  NZ  . LYS A 1 63  ? -16.903 7.452   17.010  1.00 47.91  ? 63  LYS A NZ  1 
ATOM   489  N  N   . ASN A 1 64  ? -11.423 6.302   12.452  1.00 45.48  ? 64  ASN A N   1 
ATOM   490  C  CA  . ASN A 1 64  ? -10.326 6.755   11.600  1.00 42.22  ? 64  ASN A CA  1 
ATOM   491  C  C   . ASN A 1 64  ? -10.552 6.432   10.143  1.00 44.23  ? 64  ASN A C   1 
ATOM   492  O  O   . ASN A 1 64  ? -9.554  6.553   9.376   1.00 46.68  ? 64  ASN A O   1 
ATOM   493  C  CB  . ASN A 1 64  ? -8.949  6.435   12.117  1.00 48.08  ? 64  ASN A CB  1 
ATOM   494  C  CG  . ASN A 1 64  ? -8.466  7.006   13.421  1.00 53.94  ? 64  ASN A CG  1 
ATOM   495  O  OD1 . ASN A 1 64  ? -8.962  7.999   14.003  1.00 56.42  ? 64  ASN A OD1 1 
ATOM   496  N  ND2 . ASN A 1 64  ? -7.429  6.385   14.009  1.00 55.34  ? 64  ASN A ND2 1 
ATOM   497  N  N   . ARG A 1 65  ? -11.756 6.075   9.737   1.00 46.18  ? 65  ARG A N   1 
ATOM   498  C  CA  . ARG A 1 65  ? -11.987 5.710   8.293   1.00 43.36  ? 65  ARG A CA  1 
ATOM   499  C  C   . ARG A 1 65  ? -12.872 6.760   7.627   1.00 41.05  ? 65  ARG A C   1 
ATOM   500  O  O   . ARG A 1 65  ? -13.807 7.213   8.328   1.00 44.74  ? 65  ARG A O   1 
ATOM   501  C  CB  . ARG A 1 65  ? -12.814 4.417   8.203   1.00 39.35  ? 65  ARG A CB  1 
ATOM   502  C  CG  . ARG A 1 65  ? -12.053 3.143   8.478   1.00 39.33  ? 65  ARG A CG  1 
ATOM   503  C  CD  . ARG A 1 65  ? -13.033 1.993   8.395   1.00 35.93  ? 65  ARG A CD  1 
ATOM   504  N  NE  . ARG A 1 65  ? -12.646 1.027   9.399   1.00 38.42  ? 65  ARG A NE  1 
ATOM   505  C  CZ  . ARG A 1 65  ? -13.583 0.427   10.153  1.00 37.57  ? 65  ARG A CZ  1 
ATOM   506  N  NH1 . ARG A 1 65  ? -14.868 0.653   9.841   1.00 36.44  ? 65  ARG A NH1 1 
ATOM   507  N  NH2 . ARG A 1 65  ? -13.188 -0.374  11.143  1.00 35.16  ? 65  ARG A NH2 1 
ATOM   508  N  N   . PRO A 1 66  ? -12.705 6.990   6.345   1.00 39.46  ? 66  PRO A N   1 
ATOM   509  C  CA  . PRO A 1 66  ? -11.640 6.487   5.479   1.00 37.04  ? 66  PRO A CA  1 
ATOM   510  C  C   . PRO A 1 66  ? -10.376 7.346   5.687   1.00 34.71  ? 66  PRO A C   1 
ATOM   511  O  O   . PRO A 1 66  ? -10.399 8.411   6.295   1.00 30.80  ? 66  PRO A O   1 
ATOM   512  C  CB  . PRO A 1 66  ? -12.228 6.780   4.059   1.00 34.10  ? 66  PRO A CB  1 
ATOM   513  C  CG  . PRO A 1 66  ? -12.810 8.150   4.302   1.00 29.88  ? 66  PRO A CG  1 
ATOM   514  C  CD  . PRO A 1 66  ? -13.565 7.976   5.627   1.00 32.18  ? 66  PRO A CD  1 
ATOM   515  N  N   . LEU A 1 67  ? -9.267  6.800   5.220   1.00 34.57  ? 67  LEU A N   1 
ATOM   516  C  CA  . LEU A 1 67  ? -7.983  7.503   5.328   1.00 35.01  ? 67  LEU A CA  1 
ATOM   517  C  C   . LEU A 1 67  ? -8.258  8.895   4.718   1.00 36.19  ? 67  LEU A C   1 
ATOM   518  O  O   . LEU A 1 67  ? -8.466  8.970   3.515   1.00 36.84  ? 67  LEU A O   1 
ATOM   519  C  CB  . LEU A 1 67  ? -6.959  6.714   4.475   1.00 30.92  ? 67  LEU A CB  1 
ATOM   520  C  CG  . LEU A 1 67  ? -6.708  5.289   4.964   1.00 31.66  ? 67  LEU A CG  1 
ATOM   521  C  CD1 . LEU A 1 67  ? -5.549  4.654   4.216   1.00 30.26  ? 67  LEU A CD1 1 
ATOM   522  C  CD2 . LEU A 1 67  ? -6.388  5.358   6.459   1.00 29.04  ? 67  LEU A CD2 1 
ATOM   523  N  N   . LYS A 1 68  ? -8.178  9.881   5.555   1.00 43.04  ? 68  LYS A N   1 
ATOM   524  C  CA  . LYS A 1 68  ? -8.342  11.301  5.222   1.00 44.66  ? 68  LYS A CA  1 
ATOM   525  C  C   . LYS A 1 68  ? -7.501  11.691  4.022   1.00 40.14  ? 68  LYS A C   1 
ATOM   526  O  O   . LYS A 1 68  ? -6.358  11.223  3.904   1.00 39.53  ? 68  LYS A O   1 
ATOM   527  C  CB  . LYS A 1 68  ? -7.867  12.190  6.386   1.00 53.54  ? 68  LYS A CB  1 
ATOM   528  C  CG  . LYS A 1 68  ? -8.214  13.669  6.254   1.00 67.13  ? 68  LYS A CG  1 
ATOM   529  C  CD  . LYS A 1 68  ? -7.710  14.480  7.444   1.00 74.20  ? 68  LYS A CD  1 
ATOM   530  C  CE  . LYS A 1 68  ? -7.116  15.834  7.062   1.00 78.98  ? 68  LYS A CE  1 
ATOM   531  N  NZ  . LYS A 1 68  ? -5.710  15.931  7.625   1.00 82.12  ? 68  LYS A NZ  1 
ATOM   532  N  N   . ASP A 1 69  ? -8.094  12.516  3.176   1.00 36.86  ? 69  ASP A N   1 
ATOM   533  C  CA  . ASP A 1 69  ? -7.408  13.083  2.037   1.00 40.73  ? 69  ASP A CA  1 
ATOM   534  C  C   . ASP A 1 69  ? -7.032  12.147  0.921   1.00 39.66  ? 69  ASP A C   1 
ATOM   535  O  O   . ASP A 1 69  ? -6.186  12.567  0.074   1.00 38.17  ? 69  ASP A O   1 
ATOM   536  C  CB  . ASP A 1 69  ? -6.228  14.004  2.396   1.00 51.31  ? 69  ASP A CB  1 
ATOM   537  C  CG  . ASP A 1 69  ? -6.649  15.274  3.114   1.00 60.45  ? 69  ASP A CG  1 
ATOM   538  O  OD1 . ASP A 1 69  ? -7.346  16.163  2.569   1.00 63.62  ? 69  ASP A OD1 1 
ATOM   539  O  OD2 . ASP A 1 69  ? -6.236  15.351  4.301   1.00 63.11  ? 69  ASP A OD2 1 
ATOM   540  N  N   . ARG A 1 70  ? -7.629  10.989  0.889   1.00 39.77  ? 70  ARG A N   1 
ATOM   541  C  CA  . ARG A 1 70  ? -7.393  10.060  -0.259  1.00 39.39  ? 70  ARG A CA  1 
ATOM   542  C  C   . ARG A 1 70  ? -8.762  9.430   -0.580  1.00 38.99  ? 70  ARG A C   1 
ATOM   543  O  O   . ARG A 1 70  ? -9.659  9.441   0.293   1.00 38.80  ? 70  ARG A O   1 
ATOM   544  C  CB  . ARG A 1 70  ? -6.435  8.945   0.181   1.00 38.03  ? 70  ARG A CB  1 
ATOM   545  C  CG  . ARG A 1 70  ? -5.003  9.350   0.426   1.00 31.07  ? 70  ARG A CG  1 
ATOM   546  C  CD  . ARG A 1 70  ? -4.372  8.664   1.569   1.00 27.74  ? 70  ARG A CD  1 
ATOM   547  N  NE  . ARG A 1 70  ? -4.623  9.249   2.861   1.00 24.26  ? 70  ARG A NE  1 
ATOM   548  C  CZ  . ARG A 1 70  ? -3.997  8.858   3.971   1.00 27.91  ? 70  ARG A CZ  1 
ATOM   549  N  NH1 . ARG A 1 70  ? -3.059  7.907   4.015   1.00 27.83  ? 70  ARG A NH1 1 
ATOM   550  N  NH2 . ARG A 1 70  ? -4.370  9.423   5.142   1.00 26.44  ? 70  ARG A NH2 1 
ATOM   551  N  N   . ILE A 1 71  ? -8.865  8.951   -1.797  1.00 35.52  ? 71  ILE A N   1 
ATOM   552  C  CA  . ILE A 1 71  ? -10.032 8.190   -2.259  1.00 38.69  ? 71  ILE A CA  1 
ATOM   553  C  C   . ILE A 1 71  ? -9.788  6.707   -1.831  1.00 37.06  ? 71  ILE A C   1 
ATOM   554  O  O   . ILE A 1 71  ? -8.839  6.065   -2.313  1.00 37.39  ? 71  ILE A O   1 
ATOM   555  C  CB  . ILE A 1 71  ? -10.205 8.256   -3.797  1.00 39.85  ? 71  ILE A CB  1 
ATOM   556  C  CG1 . ILE A 1 71  ? -10.607 9.659   -4.309  1.00 42.54  ? 71  ILE A CG1 1 
ATOM   557  C  CG2 . ILE A 1 71  ? -11.195 7.207   -4.348  1.00 43.95  ? 71  ILE A CG2 1 
ATOM   558  C  CD1 . ILE A 1 71  ? -10.130 9.775   -5.820  1.00 46.56  ? 71  ILE A CD1 1 
ATOM   559  N  N   . ASN A 1 72  ? -10.602 6.266   -0.916  1.00 34.24  ? 72  ASN A N   1 
ATOM   560  C  CA  . ASN A 1 72  ? -10.581 4.913   -0.394  1.00 35.45  ? 72  ASN A CA  1 
ATOM   561  C  C   . ASN A 1 72  ? -11.443 3.980   -1.293  1.00 36.32  ? 72  ASN A C   1 
ATOM   562  O  O   . ASN A 1 72  ? -12.675 4.138   -1.349  1.00 36.54  ? 72  ASN A O   1 
ATOM   563  C  CB  . ASN A 1 72  ? -10.977 4.810   1.067   1.00 28.33  ? 72  ASN A CB  1 
ATOM   564  C  CG  . ASN A 1 72  ? -10.152 5.591   2.030   1.00 28.63  ? 72  ASN A CG  1 
ATOM   565  O  OD1 . ASN A 1 72  ? -9.844  5.108   3.116   1.00 31.04  ? 72  ASN A OD1 1 
ATOM   566  N  ND2 . ASN A 1 72  ? -9.798  6.824   1.736   1.00 30.09  ? 72  ASN A ND2 1 
ATOM   567  N  N   . ILE A 1 73  ? -10.748 2.999   -1.856  1.00 30.47  ? 73  ILE A N   1 
ATOM   568  C  CA  . ILE A 1 73  ? -11.352 1.914   -2.595  1.00 32.09  ? 73  ILE A CA  1 
ATOM   569  C  C   . ILE A 1 73  ? -11.076 0.565   -1.911  1.00 34.74  ? 73  ILE A C   1 
ATOM   570  O  O   . ILE A 1 73  ? -9.894  0.245   -1.704  1.00 35.98  ? 73  ILE A O   1 
ATOM   571  C  CB  . ILE A 1 73  ? -10.873 1.891   -4.080  1.00 31.56  ? 73  ILE A CB  1 
ATOM   572  C  CG1 . ILE A 1 73  ? -11.157 3.273   -4.709  1.00 35.70  ? 73  ILE A CG1 1 
ATOM   573  C  CG2 . ILE A 1 73  ? -11.535 0.739   -4.896  1.00 32.75  ? 73  ILE A CG2 1 
ATOM   574  C  CD1 . ILE A 1 73  ? -10.510 3.457   -6.126  1.00 32.96  ? 73  ILE A CD1 1 
ATOM   575  N  N   . VAL A 1 74  ? -12.148 -0.160  -1.610  1.00 33.60  ? 74  VAL A N   1 
ATOM   576  C  CA  . VAL A 1 74  ? -12.142 -1.492  -1.028  1.00 30.35  ? 74  VAL A CA  1 
ATOM   577  C  C   . VAL A 1 74  ? -12.498 -2.558  -2.096  1.00 35.39  ? 74  VAL A C   1 
ATOM   578  O  O   . VAL A 1 74  ? -13.472 -2.342  -2.843  1.00 36.47  ? 74  VAL A O   1 
ATOM   579  C  CB  . VAL A 1 74  ? -13.178 -1.650  0.125   1.00 29.09  ? 74  VAL A CB  1 
ATOM   580  C  CG1 . VAL A 1 74  ? -13.073 -3.063  0.729   1.00 27.45  ? 74  VAL A CG1 1 
ATOM   581  C  CG2 . VAL A 1 74  ? -12.976 -0.621  1.220   1.00 30.43  ? 74  VAL A CG2 1 
ATOM   582  N  N   . LEU A 1 75  ? -11.765 -3.657  -2.071  1.00 30.87  ? 75  LEU A N   1 
ATOM   583  C  CA  . LEU A 1 75  ? -12.027 -4.797  -2.944  1.00 27.42  ? 75  LEU A CA  1 
ATOM   584  C  C   . LEU A 1 75  ? -12.731 -5.892  -2.108  1.00 31.17  ? 75  LEU A C   1 
ATOM   585  O  O   . LEU A 1 75  ? -12.383 -6.107  -0.934  1.00 33.50  ? 75  LEU A O   1 
ATOM   586  C  CB  . LEU A 1 75  ? -10.809 -5.261  -3.635  1.00 27.98  ? 75  LEU A CB  1 
ATOM   587  C  CG  . LEU A 1 75  ? -9.864  -4.357  -4.376  1.00 33.52  ? 75  LEU A CG  1 
ATOM   588  C  CD1 . LEU A 1 75  ? -8.728  -5.206  -4.964  1.00 31.81  ? 75  LEU A CD1 1 
ATOM   589  C  CD2 . LEU A 1 75  ? -10.554 -3.627  -5.539  1.00 34.67  ? 75  LEU A CD2 1 
ATOM   590  N  N   . SER A 1 76  ? -13.719 -6.490  -2.693  1.00 28.60  ? 76  SER A N   1 
ATOM   591  C  CA  . SER A 1 76  ? -14.484 -7.560  -2.038  1.00 35.74  ? 76  SER A CA  1 
ATOM   592  C  C   . SER A 1 76  ? -15.402 -8.202  -3.099  1.00 39.97  ? 76  SER A C   1 
ATOM   593  O  O   . SER A 1 76  ? -16.134 -7.479  -3.790  1.00 37.28  ? 76  SER A O   1 
ATOM   594  C  CB  . SER A 1 76  ? -15.381 -7.065  -0.917  1.00 34.17  ? 76  SER A CB  1 
ATOM   595  O  OG  . SER A 1 76  ? -16.140 -8.135  -0.352  1.00 36.24  ? 76  SER A OG  1 
ATOM   596  N  N   . ARG A 1 77  ? -15.333 -9.515  -3.094  1.00 42.90  ? 77  ARG A N   1 
ATOM   597  C  CA  . ARG A 1 77  ? -16.196 -10.335 -3.948  1.00 42.64  ? 77  ARG A CA  1 
ATOM   598  C  C   . ARG A 1 77  ? -17.532 -10.546 -3.223  1.00 42.61  ? 77  ARG A C   1 
ATOM   599  O  O   . ARG A 1 77  ? -18.487 -10.932 -3.903  1.00 47.46  ? 77  ARG A O   1 
ATOM   600  C  CB  . ARG A 1 77  ? -15.581 -11.637 -4.361  1.00 47.32  ? 77  ARG A CB  1 
ATOM   601  C  CG  . ARG A 1 77  ? -14.352 -11.664 -5.226  1.00 57.24  ? 77  ARG A CG  1 
ATOM   602  C  CD  . ARG A 1 77  ? -13.559 -12.918 -5.024  1.00 70.59  ? 77  ARG A CD  1 
ATOM   603  N  NE  . ARG A 1 77  ? -12.149 -12.761 -5.360  1.00 83.18  ? 77  ARG A NE  1 
ATOM   604  C  CZ  . ARG A 1 77  ? -11.085 -12.995 -4.580  1.00 87.61  ? 77  ARG A CZ  1 
ATOM   605  N  NH1 . ARG A 1 77  ? -11.166 -13.299 -3.276  1.00 88.67  ? 77  ARG A NH1 1 
ATOM   606  N  NH2 . ARG A 1 77  ? -9.838  -12.925 -5.110  1.00 86.60  ? 77  ARG A NH2 1 
ATOM   607  N  N   . GLU A 1 78  ? -17.627 -10.265 -1.934  1.00 39.73  ? 78  GLU A N   1 
ATOM   608  C  CA  . GLU A 1 78  ? -18.825 -10.485 -1.166  1.00 37.12  ? 78  GLU A CA  1 
ATOM   609  C  C   . GLU A 1 78  ? -19.667 -9.279  -0.879  1.00 41.30  ? 78  GLU A C   1 
ATOM   610  O  O   . GLU A 1 78  ? -20.893 -9.456  -0.788  1.00 46.15  ? 78  GLU A O   1 
ATOM   611  C  CB  . GLU A 1 78  ? -18.680 -11.217 0.175   1.00 30.90  ? 78  GLU A CB  1 
ATOM   612  C  CG  . GLU A 1 78  ? -17.783 -12.441 0.241   1.00 31.99  ? 78  GLU A CG  1 
ATOM   613  C  CD  . GLU A 1 78  ? -17.499 -12.983 1.604   1.00 37.35  ? 78  GLU A CD  1 
ATOM   614  O  OE1 . GLU A 1 78  ? -18.222 -12.821 2.605   1.00 41.32  ? 78  GLU A OE1 1 
ATOM   615  O  OE2 . GLU A 1 78  ? -16.427 -13.657 1.718   1.00 41.16  ? 78  GLU A OE2 1 
ATOM   616  N  N   . LEU A 1 79  ? -19.113 -8.122  -0.583  1.00 45.71  ? 79  LEU A N   1 
ATOM   617  C  CA  . LEU A 1 79  ? -19.932 -6.948  -0.210  1.00 41.47  ? 79  LEU A CA  1 
ATOM   618  C  C   . LEU A 1 79  ? -20.757 -6.564  -1.441  1.00 45.63  ? 79  LEU A C   1 
ATOM   619  O  O   . LEU A 1 79  ? -20.299 -6.731  -2.578  1.00 39.87  ? 79  LEU A O   1 
ATOM   620  C  CB  . LEU A 1 79  ? -19.012 -5.806  0.248   1.00 43.83  ? 79  LEU A CB  1 
ATOM   621  C  CG  . LEU A 1 79  ? -18.332 -6.079  1.606   1.00 46.75  ? 79  LEU A CG  1 
ATOM   622  C  CD1 . LEU A 1 79  ? -17.816 -4.818  2.261   1.00 45.51  ? 79  LEU A CD1 1 
ATOM   623  C  CD2 . LEU A 1 79  ? -19.410 -6.749  2.451   1.00 40.30  ? 79  LEU A CD2 1 
ATOM   624  N  N   . LYS A 1 80  ? -21.900 -6.013  -1.101  1.00 54.19  ? 80  LYS A N   1 
ATOM   625  C  CA  . LYS A 1 80  ? -22.910 -5.583  -2.088  1.00 62.66  ? 80  LYS A CA  1 
ATOM   626  C  C   . LYS A 1 80  ? -22.685 -4.098  -2.403  1.00 63.46  ? 80  LYS A C   1 
ATOM   627  O  O   . LYS A 1 80  ? -22.692 -3.667  -3.566  1.00 68.12  ? 80  LYS A O   1 
ATOM   628  C  CB  . LYS A 1 80  ? -24.317 -5.724  -1.462  1.00 66.40  ? 80  LYS A CB  1 
ATOM   629  C  CG  . LYS A 1 80  ? -25.241 -6.668  -2.241  1.00 70.56  ? 80  LYS A CG  1 
ATOM   630  N  N   . GLU A 1 81  ? -22.492 -3.382  -1.320  1.00 61.48  ? 81  GLU A N   1 
ATOM   631  C  CA  . GLU A 1 81  ? -22.236 -1.935  -1.303  1.00 60.18  ? 81  GLU A CA  1 
ATOM   632  C  C   . GLU A 1 81  ? -20.950 -1.670  -0.507  1.00 58.96  ? 81  GLU A C   1 
ATOM   633  O  O   . GLU A 1 81  ? -20.508 -2.510  0.313   1.00 58.42  ? 81  GLU A O   1 
ATOM   634  C  CB  . GLU A 1 81  ? -23.426 -1.235  -0.607  1.00 57.68  ? 81  GLU A CB  1 
ATOM   635  N  N   . ALA A 1 82  ? -20.341 -0.527  -0.767  1.00 55.35  ? 82  ALA A N   1 
ATOM   636  C  CA  . ALA A 1 82  ? -19.126 -0.064  -0.097  1.00 52.32  ? 82  ALA A CA  1 
ATOM   637  C  C   . ALA A 1 82  ? -19.396 0.014   1.418   1.00 49.57  ? 82  ALA A C   1 
ATOM   638  O  O   . ALA A 1 82  ? -20.433 0.567   1.788   1.00 48.85  ? 82  ALA A O   1 
ATOM   639  C  CB  . ALA A 1 82  ? -18.787 1.378   -0.542  1.00 49.57  ? 82  ALA A CB  1 
ATOM   640  N  N   . PRO A 1 83  ? -18.433 -0.483  2.174   1.00 45.75  ? 83  PRO A N   1 
ATOM   641  C  CA  . PRO A 1 83  ? -18.523 -0.419  3.639   1.00 43.41  ? 83  PRO A CA  1 
ATOM   642  C  C   . PRO A 1 83  ? -18.634 1.092   3.970   1.00 47.58  ? 83  PRO A C   1 
ATOM   643  O  O   . PRO A 1 83  ? -18.051 1.927   3.268   1.00 50.65  ? 83  PRO A O   1 
ATOM   644  C  CB  . PRO A 1 83  ? -17.149 -0.872  4.110   1.00 43.28  ? 83  PRO A CB  1 
ATOM   645  C  CG  . PRO A 1 83  ? -16.491 -1.536  2.970   1.00 43.82  ? 83  PRO A CG  1 
ATOM   646  C  CD  . PRO A 1 83  ? -17.200 -1.122  1.714   1.00 43.79  ? 83  PRO A CD  1 
ATOM   647  N  N   . LYS A 1 84  ? -19.327 1.326   5.036   1.00 52.31  ? 84  LYS A N   1 
ATOM   648  C  CA  . LYS A 1 84  ? -19.554 2.661   5.636   1.00 53.25  ? 84  LYS A CA  1 
ATOM   649  C  C   . LYS A 1 84  ? -18.186 3.334   5.831   1.00 51.66  ? 84  LYS A C   1 
ATOM   650  O  O   . LYS A 1 84  ? -17.312 2.889   6.623   1.00 46.69  ? 84  LYS A O   1 
ATOM   651  C  CB  . LYS A 1 84  ? -20.283 2.545   6.976   1.00 57.25  ? 84  LYS A CB  1 
ATOM   652  C  CG  . LYS A 1 84  ? -20.571 3.783   7.784   1.00 62.83  ? 84  LYS A CG  1 
ATOM   653  C  CD  . LYS A 1 84  ? -21.134 4.945   6.985   1.00 65.70  ? 84  LYS A CD  1 
ATOM   654  N  N   . GLY A 1 85  ? -18.063 4.392   5.040   1.00 46.30  ? 85  GLY A N   1 
ATOM   655  C  CA  . GLY A 1 85  ? -16.851 5.201   5.015   1.00 41.18  ? 85  GLY A CA  1 
ATOM   656  C  C   . GLY A 1 85  ? -16.083 5.076   3.726   1.00 37.49  ? 85  GLY A C   1 
ATOM   657  O  O   . GLY A 1 85  ? -15.450 6.090   3.319   1.00 40.75  ? 85  GLY A O   1 
ATOM   658  N  N   . ALA A 1 86  ? -16.106 3.922   3.091   1.00 31.98  ? 86  ALA A N   1 
ATOM   659  C  CA  . ALA A 1 86  ? -15.343 3.791   1.817   1.00 32.87  ? 86  ALA A CA  1 
ATOM   660  C  C   . ALA A 1 86  ? -15.994 4.677   0.758   1.00 37.59  ? 86  ALA A C   1 
ATOM   661  O  O   . ALA A 1 86  ? -17.148 5.073   0.903   1.00 42.10  ? 86  ALA A O   1 
ATOM   662  C  CB  . ALA A 1 86  ? -15.202 2.332   1.463   1.00 31.20  ? 86  ALA A CB  1 
ATOM   663  N  N   . HIS A 1 87  ? -15.279 5.054   -0.280  1.00 38.90  ? 87  HIS A N   1 
ATOM   664  C  CA  . HIS A 1 87  ? -15.672 5.857   -1.393  1.00 34.41  ? 87  HIS A CA  1 
ATOM   665  C  C   . HIS A 1 87  ? -16.184 4.999   -2.541  1.00 39.18  ? 87  HIS A C   1 
ATOM   666  O  O   . HIS A 1 87  ? -17.041 5.461   -3.311  1.00 45.75  ? 87  HIS A O   1 
ATOM   667  C  CB  . HIS A 1 87  ? -14.480 6.686   -2.014  1.00 34.31  ? 87  HIS A CB  1 
ATOM   668  C  CG  . HIS A 1 87  ? -13.999 7.680   -1.008  1.00 39.62  ? 87  HIS A CG  1 
ATOM   669  N  ND1 . HIS A 1 87  ? -12.738 7.720   -0.484  1.00 43.34  ? 87  HIS A ND1 1 
ATOM   670  C  CD2 . HIS A 1 87  ? -14.691 8.650   -0.362  1.00 42.04  ? 87  HIS A CD2 1 
ATOM   671  C  CE1 . HIS A 1 87  ? -12.655 8.690   0.430   1.00 43.27  ? 87  HIS A CE1 1 
ATOM   672  N  NE2 . HIS A 1 87  ? -13.821 9.284   0.509   1.00 42.25  ? 87  HIS A NE2 1 
ATOM   673  N  N   . TYR A 1 88  ? -15.599 3.840   -2.716  1.00 37.67  ? 88  TYR A N   1 
ATOM   674  C  CA  . TYR A 1 88  ? -15.940 2.925   -3.792  1.00 35.76  ? 88  TYR A CA  1 
ATOM   675  C  C   . TYR A 1 88  ? -15.618 1.487   -3.370  1.00 39.33  ? 88  TYR A C   1 
ATOM   676  O  O   . TYR A 1 88  ? -14.654 1.254   -2.637  1.00 41.91  ? 88  TYR A O   1 
ATOM   677  C  CB  . TYR A 1 88  ? -15.122 3.180   -5.077  1.00 39.98  ? 88  TYR A CB  1 
ATOM   678  C  CG  . TYR A 1 88  ? -15.320 4.589   -5.561  1.00 50.79  ? 88  TYR A CG  1 
ATOM   679  C  CD1 . TYR A 1 88  ? -14.627 5.658   -5.019  1.00 53.32  ? 88  TYR A CD1 1 
ATOM   680  C  CD2 . TYR A 1 88  ? -16.299 4.853   -6.526  1.00 56.77  ? 88  TYR A CD2 1 
ATOM   681  C  CE1 . TYR A 1 88  ? -14.847 6.966   -5.467  1.00 57.87  ? 88  TYR A CE1 1 
ATOM   682  C  CE2 . TYR A 1 88  ? -16.535 6.151   -6.986  1.00 58.41  ? 88  TYR A CE2 1 
ATOM   683  C  CZ  . TYR A 1 88  ? -15.797 7.203   -6.457  1.00 60.19  ? 88  TYR A CZ  1 
ATOM   684  O  OH  . TYR A 1 88  ? -16.043 8.453   -6.938  1.00 61.40  ? 88  TYR A OH  1 
ATOM   685  N  N   . LEU A 1 89  ? -16.424 0.624   -3.923  1.00 34.04  ? 89  LEU A N   1 
ATOM   686  C  CA  . LEU A 1 89  ? -16.332 -0.809  -3.730  1.00 35.37  ? 89  LEU A CA  1 
ATOM   687  C  C   . LEU A 1 89  ? -16.071 -1.378  -5.122  1.00 39.23  ? 89  LEU A C   1 
ATOM   688  O  O   . LEU A 1 89  ? -16.609 -0.803  -6.081  1.00 41.45  ? 89  LEU A O   1 
ATOM   689  C  CB  . LEU A 1 89  ? -17.618 -1.293  -3.064  1.00 37.00  ? 89  LEU A CB  1 
ATOM   690  C  CG  . LEU A 1 89  ? -17.867 -2.795  -3.294  1.00 42.47  ? 89  LEU A CG  1 
ATOM   691  C  CD1 . LEU A 1 89  ? -16.578 -3.555  -2.999  1.00 39.10  ? 89  LEU A CD1 1 
ATOM   692  C  CD2 . LEU A 1 89  ? -18.972 -3.248  -2.333  1.00 47.47  ? 89  LEU A CD2 1 
ATOM   693  N  N   . SER A 1 90  ? -15.200 -2.357  -5.192  1.00 40.39  ? 90  SER A N   1 
ATOM   694  C  CA  . SER A 1 90  ? -14.838 -2.997  -6.448  1.00 38.23  ? 90  SER A CA  1 
ATOM   695  C  C   . SER A 1 90  ? -14.644 -4.492  -6.180  1.00 38.05  ? 90  SER A C   1 
ATOM   696  O  O   . SER A 1 90  ? -14.288 -4.888  -5.070  1.00 37.00  ? 90  SER A O   1 
ATOM   697  C  CB  . SER A 1 90  ? -13.661 -2.425  -7.178  1.00 44.15  ? 90  SER A CB  1 
ATOM   698  O  OG  . SER A 1 90  ? -13.754 -1.015  -7.286  1.00 48.33  ? 90  SER A OG  1 
ATOM   699  N  N   . LYS A 1 91  ? -14.899 -5.202  -7.247  1.00 37.19  ? 91  LYS A N   1 
ATOM   700  C  CA  . LYS A 1 91  ? -14.924 -6.657  -7.241  1.00 45.06  ? 91  LYS A CA  1 
ATOM   701  C  C   . LYS A 1 91  ? -13.589 -7.253  -7.599  1.00 42.47  ? 91  LYS A C   1 
ATOM   702  O  O   . LYS A 1 91  ? -13.367 -8.447  -7.249  1.00 46.31  ? 91  LYS A O   1 
ATOM   703  C  CB  . LYS A 1 91  ? -16.032 -7.218  -8.163  1.00 53.07  ? 91  LYS A CB  1 
ATOM   704  C  CG  . LYS A 1 91  ? -17.445 -6.873  -7.675  1.00 65.89  ? 91  LYS A CG  1 
ATOM   705  C  CD  . LYS A 1 91  ? -17.955 -5.561  -8.269  1.00 73.27  ? 91  LYS A CD  1 
ATOM   706  C  CE  . LYS A 1 91  ? -18.717 -4.696  -7.278  1.00 76.04  ? 91  LYS A CE  1 
ATOM   707  N  NZ  . LYS A 1 91  ? -18.516 -3.240  -7.596  1.00 76.87  ? 91  LYS A NZ  1 
ATOM   708  N  N   . SER A 1 92  ? -12.734 -6.484  -8.269  1.00 33.90  ? 92  SER A N   1 
ATOM   709  C  CA  . SER A 1 92  ? -11.411 -7.081  -8.619  1.00 35.77  ? 92  SER A CA  1 
ATOM   710  C  C   . SER A 1 92  ? -10.449 -5.910  -8.812  1.00 32.99  ? 92  SER A C   1 
ATOM   711  O  O   . SER A 1 92  ? -10.934 -4.789  -8.778  1.00 33.06  ? 92  SER A O   1 
ATOM   712  C  CB  . SER A 1 92  ? -11.559 -7.828  -9.949  1.00 35.97  ? 92  SER A CB  1 
ATOM   713  O  OG  . SER A 1 92  ? -11.555 -6.855  -10.960 1.00 43.04  ? 92  SER A OG  1 
ATOM   714  N  N   . LEU A 1 93  ? -9.190  -6.260  -9.024  1.00 35.46  ? 93  LEU A N   1 
ATOM   715  C  CA  . LEU A 1 93  ? -8.221  -5.138  -9.194  1.00 38.05  ? 93  LEU A CA  1 
ATOM   716  C  C   . LEU A 1 93  ? -8.592  -4.436  -10.496 1.00 36.16  ? 93  LEU A C   1 
ATOM   717  O  O   . LEU A 1 93  ? -8.654  -3.203  -10.545 1.00 36.47  ? 93  LEU A O   1 
ATOM   718  C  CB  . LEU A 1 93  ? -6.814  -5.633  -9.022  1.00 35.94  ? 93  LEU A CB  1 
ATOM   719  C  CG  . LEU A 1 93  ? -5.701  -4.582  -9.214  1.00 38.65  ? 93  LEU A CG  1 
ATOM   720  C  CD1 . LEU A 1 93  ? -5.855  -3.431  -8.237  1.00 32.66  ? 93  LEU A CD1 1 
ATOM   721  C  CD2 . LEU A 1 93  ? -4.353  -5.273  -9.058  1.00 36.92  ? 93  LEU A CD2 1 
ATOM   722  N  N   . ASP A 1 94  ? -8.873  -5.281  -11.471 1.00 35.53  ? 94  ASP A N   1 
ATOM   723  C  CA  . ASP A 1 94  ? -9.272  -4.792  -12.804 1.00 39.82  ? 94  ASP A CA  1 
ATOM   724  C  C   . ASP A 1 94  ? -10.398 -3.794  -12.731 1.00 40.83  ? 94  ASP A C   1 
ATOM   725  O  O   . ASP A 1 94  ? -10.250 -2.680  -13.280 1.00 47.48  ? 94  ASP A O   1 
ATOM   726  C  CB  . ASP A 1 94  ? -9.553  -5.947  -13.755 1.00 44.25  ? 94  ASP A CB  1 
ATOM   727  C  CG  . ASP A 1 94  ? -8.342  -6.882  -13.697 1.00 50.10  ? 94  ASP A CG  1 
ATOM   728  O  OD1 . ASP A 1 94  ? -8.314  -7.590  -12.663 1.00 59.33  ? 94  ASP A OD1 1 
ATOM   729  O  OD2 . ASP A 1 94  ? -7.451  -6.764  -14.518 1.00 54.02  ? 94  ASP A OD2 1 
ATOM   730  N  N   . ASP A 1 95  ? -11.463 -4.161  -12.066 1.00 38.65  ? 95  ASP A N   1 
ATOM   731  C  CA  . ASP A 1 95  ? -12.618 -3.243  -11.900 1.00 43.13  ? 95  ASP A CA  1 
ATOM   732  C  C   . ASP A 1 95  ? -12.134 -1.927  -11.306 1.00 44.53  ? 95  ASP A C   1 
ATOM   733  O  O   . ASP A 1 95  ? -12.462 -0.820  -11.759 1.00 46.33  ? 95  ASP A O   1 
ATOM   734  C  CB  . ASP A 1 95  ? -13.744 -3.949  -11.190 1.00 54.96  ? 95  ASP A CB  1 
ATOM   735  C  CG  . ASP A 1 95  ? -14.639 -4.879  -11.992 1.00 60.01  ? 95  ASP A CG  1 
ATOM   736  O  OD1 . ASP A 1 95  ? -14.571 -4.997  -13.227 1.00 60.29  ? 95  ASP A OD1 1 
ATOM   737  O  OD2 . ASP A 1 95  ? -15.498 -5.536  -11.329 1.00 62.39  ? 95  ASP A OD2 1 
ATOM   738  N  N   . ALA A 1 96  ? -11.307 -2.035  -10.272 1.00 43.86  ? 96  ALA A N   1 
ATOM   739  C  CA  . ALA A 1 96  ? -10.739 -0.873  -9.579  1.00 35.32  ? 96  ALA A CA  1 
ATOM   740  C  C   . ALA A 1 96  ? -10.002 -0.017  -10.611 1.00 32.35  ? 96  ALA A C   1 
ATOM   741  O  O   . ALA A 1 96  ? -10.160 1.207   -10.638 1.00 32.11  ? 96  ALA A O   1 
ATOM   742  C  CB  . ALA A 1 96  ? -9.742  -1.411  -8.545  1.00 36.78  ? 96  ALA A CB  1 
ATOM   743  N  N   . LEU A 1 97  ? -9.168  -0.651  -11.403 1.00 29.95  ? 97  LEU A N   1 
ATOM   744  C  CA  . LEU A 1 97  ? -8.343  0.123   -12.379 1.00 41.51  ? 97  LEU A CA  1 
ATOM   745  C  C   . LEU A 1 97  ? -9.208  0.909   -13.335 1.00 48.73  ? 97  LEU A C   1 
ATOM   746  O  O   . LEU A 1 97  ? -9.114  2.157   -13.493 1.00 48.16  ? 97  LEU A O   1 
ATOM   747  C  CB  . LEU A 1 97  ? -7.214  -0.783  -12.795 1.00 36.30  ? 97  LEU A CB  1 
ATOM   748  C  CG  . LEU A 1 97  ? -6.310  -1.225  -11.612 1.00 40.82  ? 97  LEU A CG  1 
ATOM   749  C  CD1 . LEU A 1 97  ? -5.180  -2.105  -12.125 1.00 40.20  ? 97  LEU A CD1 1 
ATOM   750  C  CD2 . LEU A 1 97  ? -5.711  0.041   -11.005 1.00 36.98  ? 97  LEU A CD2 1 
ATOM   751  N  N   . ALA A 1 98  ? -10.162 0.226   -13.948 1.00 48.95  ? 98  ALA A N   1 
ATOM   752  C  CA  . ALA A 1 98  ? -11.214 0.735   -14.807 1.00 46.45  ? 98  ALA A CA  1 
ATOM   753  C  C   . ALA A 1 98  ? -11.979 1.877   -14.136 1.00 48.90  ? 98  ALA A C   1 
ATOM   754  O  O   . ALA A 1 98  ? -12.148 2.995   -14.705 1.00 51.97  ? 98  ALA A O   1 
ATOM   755  C  CB  . ALA A 1 98  ? -12.176 -0.456  -15.092 1.00 46.07  ? 98  ALA A CB  1 
ATOM   756  N  N   . LEU A 1 99  ? -12.489 1.634   -12.932 1.00 42.91  ? 99  LEU A N   1 
ATOM   757  C  CA  . LEU A 1 99  ? -13.206 2.742   -12.242 1.00 43.92  ? 99  LEU A CA  1 
ATOM   758  C  C   . LEU A 1 99  ? -12.319 3.987   -12.306 1.00 48.52  ? 99  LEU A C   1 
ATOM   759  O  O   . LEU A 1 99  ? -12.723 5.114   -12.618 1.00 46.30  ? 99  LEU A O   1 
ATOM   760  C  CB  . LEU A 1 99  ? -13.494 2.243   -10.827 1.00 43.49  ? 99  LEU A CB  1 
ATOM   761  C  CG  . LEU A 1 99  ? -13.547 3.301   -9.745  1.00 46.39  ? 99  LEU A CG  1 
ATOM   762  C  CD1 . LEU A 1 99  ? -14.397 4.485   -10.188 1.00 50.97  ? 99  LEU A CD1 1 
ATOM   763  C  CD2 . LEU A 1 99  ? -14.211 2.698   -8.514  1.00 51.92  ? 99  LEU A CD2 1 
ATOM   764  N  N   . LEU A 1 100 ? -11.043 3.801   -11.945 1.00 52.98  ? 100 LEU A N   1 
ATOM   765  C  CA  . LEU A 1 100 ? -10.119 4.929   -11.871 1.00 53.96  ? 100 LEU A CA  1 
ATOM   766  C  C   . LEU A 1 100 ? -10.044 5.680   -13.189 1.00 59.37  ? 100 LEU A C   1 
ATOM   767  O  O   . LEU A 1 100 ? -10.049 6.928   -13.122 1.00 61.76  ? 100 LEU A O   1 
ATOM   768  C  CB  . LEU A 1 100 ? -8.829  4.545   -11.214 1.00 47.87  ? 100 LEU A CB  1 
ATOM   769  C  CG  . LEU A 1 100 ? -8.800  4.272   -9.729  1.00 46.30  ? 100 LEU A CG  1 
ATOM   770  C  CD1 . LEU A 1 100 ? -7.643  3.309   -9.441  1.00 50.17  ? 100 LEU A CD1 1 
ATOM   771  C  CD2 . LEU A 1 100 ? -8.603  5.579   -8.977  1.00 42.56  ? 100 LEU A CD2 1 
ATOM   772  N  N   . ASP A 1 101 ? -9.943  4.992   -14.304 1.00 61.63  ? 101 ASP A N   1 
ATOM   773  C  CA  . ASP A 1 101 ? -9.850  5.601   -15.632 1.00 69.01  ? 101 ASP A CA  1 
ATOM   774  C  C   . ASP A 1 101 ? -11.112 6.382   -16.027 1.00 71.05  ? 101 ASP A C   1 
ATOM   775  O  O   . ASP A 1 101 ? -11.028 7.246   -16.921 1.00 70.12  ? 101 ASP A O   1 
ATOM   776  C  CB  . ASP A 1 101 ? -9.371  4.689   -16.739 1.00 71.11  ? 101 ASP A CB  1 
ATOM   777  C  CG  . ASP A 1 101 ? -7.938  4.232   -16.693 1.00 77.66  ? 101 ASP A CG  1 
ATOM   778  O  OD1 . ASP A 1 101 ? -7.066  5.067   -16.352 1.00 78.89  ? 101 ASP A OD1 1 
ATOM   779  O  OD2 . ASP A 1 101 ? -7.620  3.054   -17.009 1.00 80.64  ? 101 ASP A OD2 1 
ATOM   780  N  N   . SER A 1 102 ? -12.225 6.102   -15.383 1.00 73.35  ? 102 SER A N   1 
ATOM   781  C  CA  . SER A 1 102 ? -13.503 6.754   -15.635 1.00 71.97  ? 102 SER A CA  1 
ATOM   782  C  C   . SER A 1 102 ? -13.388 8.266   -15.536 1.00 74.43  ? 102 SER A C   1 
ATOM   783  O  O   . SER A 1 102 ? -12.485 8.807   -14.883 1.00 70.68  ? 102 SER A O   1 
ATOM   784  C  CB  . SER A 1 102 ? -14.704 6.094   -15.086 1.00 71.21  ? 102 SER A CB  1 
ATOM   785  O  OG  . SER A 1 102 ? -15.203 6.507   -13.840 1.00 67.76  ? 102 SER A OG  1 
ATOM   786  N  N   . PRO A 1 103 ? -14.270 8.937   -16.279 1.00 78.56  ? 103 PRO A N   1 
ATOM   787  C  CA  . PRO A 1 103 ? -14.337 10.382  -16.414 1.00 77.10  ? 103 PRO A CA  1 
ATOM   788  C  C   . PRO A 1 103 ? -14.128 11.132  -15.107 1.00 77.64  ? 103 PRO A C   1 
ATOM   789  O  O   . PRO A 1 103 ? -13.144 11.867  -14.914 1.00 75.59  ? 103 PRO A O   1 
ATOM   790  C  CB  . PRO A 1 103 ? -15.731 10.636  -16.974 1.00 79.46  ? 103 PRO A CB  1 
ATOM   791  C  CG  . PRO A 1 103 ? -16.414 9.310   -17.161 1.00 77.57  ? 103 PRO A CG  1 
ATOM   792  C  CD  . PRO A 1 103 ? -15.335 8.275   -17.112 1.00 78.39  ? 103 PRO A CD  1 
ATOM   793  N  N   . GLU A 1 104 ? -15.090 10.951  -14.222 1.00 79.69  ? 104 GLU A N   1 
ATOM   794  C  CA  . GLU A 1 104 ? -15.171 11.529  -12.898 1.00 82.60  ? 104 GLU A CA  1 
ATOM   795  C  C   . GLU A 1 104 ? -13.966 11.287  -12.011 1.00 83.80  ? 104 GLU A C   1 
ATOM   796  O  O   . GLU A 1 104 ? -13.628 12.163  -11.165 1.00 89.12  ? 104 GLU A O   1 
ATOM   797  N  N   . LEU A 1 105 ? -13.335 10.125  -12.139 1.00 77.25  ? 105 LEU A N   1 
ATOM   798  C  CA  . LEU A 1 105 ? -12.156 9.766   -11.334 1.00 65.77  ? 105 LEU A CA  1 
ATOM   799  C  C   . LEU A 1 105 ? -10.893 10.209  -12.087 1.00 65.16  ? 105 LEU A C   1 
ATOM   800  O  O   . LEU A 1 105 ? -9.956  10.762  -11.503 1.00 63.20  ? 105 LEU A O   1 
ATOM   801  C  CB  . LEU A 1 105 ? -12.208 8.250   -11.067 1.00 57.33  ? 105 LEU A CB  1 
ATOM   802  C  CG  . LEU A 1 105 ? -12.880 7.845   -9.758  1.00 50.89  ? 105 LEU A CG  1 
ATOM   803  C  CD1 . LEU A 1 105 ? -12.095 6.791   -9.027  1.00 54.58  ? 105 LEU A CD1 1 
ATOM   804  C  CD2 . LEU A 1 105 ? -12.983 9.061   -8.883  1.00 50.57  ? 105 LEU A CD2 1 
ATOM   805  N  N   . LYS A 1 106 ? -10.939 9.919   -13.372 1.00 65.21  ? 106 LYS A N   1 
ATOM   806  C  CA  . LYS A 1 106 ? -9.838  10.199  -14.298 1.00 66.21  ? 106 LYS A CA  1 
ATOM   807  C  C   . LYS A 1 106 ? -9.125  11.461  -13.823 1.00 71.66  ? 106 LYS A C   1 
ATOM   808  O  O   . LYS A 1 106 ? -7.912  11.459  -13.559 1.00 78.48  ? 106 LYS A O   1 
ATOM   809  N  N   . SER A 1 107 ? -9.904  12.504  -13.641 1.00 71.23  ? 107 SER A N   1 
ATOM   810  C  CA  . SER A 1 107 ? -9.468  13.842  -13.305 1.00 70.95  ? 107 SER A CA  1 
ATOM   811  C  C   . SER A 1 107 ? -9.210  14.206  -11.872 1.00 67.38  ? 107 SER A C   1 
ATOM   812  O  O   . SER A 1 107 ? -8.464  15.198  -11.603 1.00 66.02  ? 107 SER A O   1 
ATOM   813  C  CB  . SER A 1 107 ? -10.364 14.878  -13.999 1.00 75.70  ? 107 SER A CB  1 
ATOM   814  O  OG  . SER A 1 107 ? -11.711 14.843  -13.557 1.00 81.28  ? 107 SER A OG  1 
ATOM   815  N  N   . LYS A 1 108 ? -9.799  13.507  -10.921 1.00 62.77  ? 108 LYS A N   1 
ATOM   816  C  CA  . LYS A 1 108 ? -9.686  13.791  -9.501  1.00 56.90  ? 108 LYS A CA  1 
ATOM   817  C  C   . LYS A 1 108 ? -8.533  13.071  -8.810  1.00 48.32  ? 108 LYS A C   1 
ATOM   818  O  O   . LYS A 1 108 ? -8.343  13.349  -7.615  1.00 41.03  ? 108 LYS A O   1 
ATOM   819  C  CB  . LYS A 1 108 ? -10.994 13.407  -8.758  1.00 60.24  ? 108 LYS A CB  1 
ATOM   820  C  CG  . LYS A 1 108 ? -11.014 13.946  -7.310  1.00 65.06  ? 108 LYS A CG  1 
ATOM   821  N  N   . VAL A 1 109 ? -7.836  12.207  -9.517  1.00 43.32  ? 109 VAL A N   1 
ATOM   822  C  CA  . VAL A 1 109 ? -6.854  11.315  -8.952  1.00 47.23  ? 109 VAL A CA  1 
ATOM   823  C  C   . VAL A 1 109 ? -5.438  11.444  -9.443  1.00 48.09  ? 109 VAL A C   1 
ATOM   824  O  O   . VAL A 1 109 ? -5.197  11.292  -10.662 1.00 54.86  ? 109 VAL A O   1 
ATOM   825  C  CB  . VAL A 1 109 ? -7.323  9.817   -9.129  1.00 49.96  ? 109 VAL A CB  1 
ATOM   826  C  CG1 . VAL A 1 109 ? -6.196  8.872   -8.685  1.00 49.03  ? 109 VAL A CG1 1 
ATOM   827  C  CG2 . VAL A 1 109 ? -8.565  9.564   -8.299  1.00 51.67  ? 109 VAL A CG2 1 
ATOM   828  N  N   . ASP A 1 110 ? -4.509  11.572  -8.502  1.00 42.47  ? 110 ASP A N   1 
ATOM   829  C  CA  . ASP A 1 110 ? -3.093  11.706  -8.869  1.00 40.63  ? 110 ASP A CA  1 
ATOM   830  C  C   . ASP A 1 110 ? -2.431  10.349  -8.960  1.00 40.29  ? 110 ASP A C   1 
ATOM   831  O  O   . ASP A 1 110 ? -2.274  9.748   -10.039 1.00 39.90  ? 110 ASP A O   1 
ATOM   832  C  CB  . ASP A 1 110 ? -2.364  12.777  -8.070  1.00 41.26  ? 110 ASP A CB  1 
ATOM   833  C  CG  . ASP A 1 110 ? -0.912  12.987  -8.472  1.00 40.90  ? 110 ASP A CG  1 
ATOM   834  O  OD1 . ASP A 1 110 ? -0.465  12.571  -9.553  1.00 36.51  ? 110 ASP A OD1 1 
ATOM   835  O  OD2 . ASP A 1 110 ? -0.175  13.607  -7.647  1.00 43.59  ? 110 ASP A OD2 1 
ATOM   836  N  N   . MET A 1 111 ? -1.973  9.892   -7.789  1.00 38.66  ? 111 MET A N   1 
ATOM   837  C  CA  . MET A 1 111 ? -1.237  8.593   -7.768  1.00 34.16  ? 111 MET A CA  1 
ATOM   838  C  C   . MET A 1 111 ? -2.189  7.535   -7.195  1.00 31.79  ? 111 MET A C   1 
ATOM   839  O  O   . MET A 1 111 ? -3.056  7.877   -6.383  1.00 32.83  ? 111 MET A O   1 
ATOM   840  C  CB  . MET A 1 111 ? -0.009  8.732   -6.914  1.00 40.96  ? 111 MET A CB  1 
ATOM   841  C  CG  . MET A 1 111 ? 0.577   10.092  -6.708  1.00 43.46  ? 111 MET A CG  1 
ATOM   842  S  SD  . MET A 1 111 ? 2.334   9.876   -6.249  1.00 48.85  ? 111 MET A SD  1 
ATOM   843  C  CE  . MET A 1 111 ? 2.246   10.468  -4.558  1.00 47.01  ? 111 MET A CE  1 
ATOM   844  N  N   . VAL A 1 112 ? -1.958  6.302   -7.622  1.00 31.30  ? 112 VAL A N   1 
ATOM   845  C  CA  . VAL A 1 112 ? -2.648  5.120   -7.135  1.00 29.56  ? 112 VAL A CA  1 
ATOM   846  C  C   . VAL A 1 112 ? -1.701  4.287   -6.246  1.00 31.49  ? 112 VAL A C   1 
ATOM   847  O  O   . VAL A 1 112 ? -0.651  3.861   -6.755  1.00 34.23  ? 112 VAL A O   1 
ATOM   848  C  CB  . VAL A 1 112 ? -3.134  4.220   -8.292  1.00 29.64  ? 112 VAL A CB  1 
ATOM   849  C  CG1 . VAL A 1 112 ? -3.906  3.019   -7.674  1.00 27.45  ? 112 VAL A CG1 1 
ATOM   850  C  CG2 . VAL A 1 112 ? -4.075  5.048   -9.181  1.00 30.27  ? 112 VAL A CG2 1 
ATOM   851  N  N   . TRP A 1 113 ? -2.132  4.038   -5.047  1.00 31.40  ? 113 TRP A N   1 
ATOM   852  C  CA  . TRP A 1 113 ? -1.357  3.254   -4.053  1.00 26.42  ? 113 TRP A CA  1 
ATOM   853  C  C   . TRP A 1 113 ? -2.146  2.013   -3.603  1.00 25.19  ? 113 TRP A C   1 
ATOM   854  O  O   . TRP A 1 113 ? -3.347  2.110   -3.246  1.00 27.64  ? 113 TRP A O   1 
ATOM   855  C  CB  . TRP A 1 113 ? -1.141  4.192   -2.841  1.00 30.56  ? 113 TRP A CB  1 
ATOM   856  C  CG  . TRP A 1 113 ? -0.148  5.281   -3.041  1.00 35.96  ? 113 TRP A CG  1 
ATOM   857  C  CD1 . TRP A 1 113 ? -0.403  6.564   -3.427  1.00 36.32  ? 113 TRP A CD1 1 
ATOM   858  C  CD2 . TRP A 1 113 ? 1.282   5.199   -2.863  1.00 38.22  ? 113 TRP A CD2 1 
ATOM   859  N  NE1 . TRP A 1 113 ? 0.775   7.296   -3.454  1.00 37.62  ? 113 TRP A NE1 1 
ATOM   860  C  CE2 . TRP A 1 113 ? 1.810   6.502   -3.096  1.00 37.18  ? 113 TRP A CE2 1 
ATOM   861  C  CE3 . TRP A 1 113 ? 2.137   4.173   -2.464  1.00 34.88  ? 113 TRP A CE3 1 
ATOM   862  C  CZ2 . TRP A 1 113 ? 3.155   6.812   -2.930  1.00 36.25  ? 113 TRP A CZ2 1 
ATOM   863  C  CZ3 . TRP A 1 113 ? 3.489   4.483   -2.321  1.00 33.87  ? 113 TRP A CZ3 1 
ATOM   864  C  CH2 . TRP A 1 113 ? 3.991   5.760   -2.545  1.00 33.96  ? 113 TRP A CH2 1 
ATOM   865  N  N   . ILE A 1 114 ? -1.487  0.873   -3.695  1.00 19.61  ? 114 ILE A N   1 
ATOM   866  C  CA  . ILE A 1 114 ? -1.923  -0.431  -3.232  1.00 19.64  ? 114 ILE A CA  1 
ATOM   867  C  C   . ILE A 1 114 ? -1.355  -0.588  -1.784  1.00 22.53  ? 114 ILE A C   1 
ATOM   868  O  O   . ILE A 1 114 ? -0.130  -0.597  -1.655  1.00 23.72  ? 114 ILE A O   1 
ATOM   869  C  CB  . ILE A 1 114 ? -1.361  -1.604  -4.082  1.00 24.57  ? 114 ILE A CB  1 
ATOM   870  C  CG1 . ILE A 1 114 ? -1.613  -1.361  -5.598  1.00 26.21  ? 114 ILE A CG1 1 
ATOM   871  C  CG2 . ILE A 1 114 ? -1.865  -3.002  -3.622  1.00 23.37  ? 114 ILE A CG2 1 
ATOM   872  C  CD1 . ILE A 1 114 ? -3.101  -1.158  -5.934  1.00 22.82  ? 114 ILE A CD1 1 
ATOM   873  N  N   . VAL A 1 115 ? -2.235  -0.677  -0.830  1.00 22.37  ? 115 VAL A N   1 
ATOM   874  C  CA  . VAL A 1 115 ? -1.987  -0.797  0.559   1.00 24.56  ? 115 VAL A CA  1 
ATOM   875  C  C   . VAL A 1 115 ? -2.300  -2.150  1.195   1.00 27.80  ? 115 VAL A C   1 
ATOM   876  O  O   . VAL A 1 115 ? -2.282  -2.173  2.449   1.00 27.23  ? 115 VAL A O   1 
ATOM   877  C  CB  . VAL A 1 115 ? -2.519  0.362   1.427   1.00 21.77  ? 115 VAL A CB  1 
ATOM   878  C  CG1 . VAL A 1 115 ? -2.003  1.695   0.944   1.00 18.19  ? 115 VAL A CG1 1 
ATOM   879  C  CG2 . VAL A 1 115 ? -4.013  0.254   1.620   1.00 22.69  ? 115 VAL A CG2 1 
ATOM   880  N  N   . GLY A 1 116 ? -2.466  -3.179  0.390   1.00 29.72  ? 116 GLY A N   1 
ATOM   881  C  CA  . GLY A 1 116 ? -2.627  -4.567  0.794   1.00 25.84  ? 116 GLY A CA  1 
ATOM   882  C  C   . GLY A 1 116 ? -4.069  -5.011  0.932   1.00 28.51  ? 116 GLY A C   1 
ATOM   883  O  O   . GLY A 1 116 ? -5.022  -4.207  0.708   1.00 26.08  ? 116 GLY A O   1 
ATOM   884  N  N   . GLY A 1 117 ? -4.267  -6.257  1.366   1.00 23.55  ? 117 GLY A N   1 
ATOM   885  C  CA  . GLY A 1 117 ? -3.340  -7.248  1.837   1.00 12.05  ? 117 GLY A CA  1 
ATOM   886  C  C   . GLY A 1 117 ? -2.718  -8.076  0.750   1.00 16.72  ? 117 GLY A C   1 
ATOM   887  O  O   . GLY A 1 117 ? -2.558  -7.691  -0.399  1.00 19.65  ? 117 GLY A O   1 
ATOM   888  N  N   . THR A 1 118 ? -2.291  -9.285  1.130   1.00 22.67  ? 118 THR A N   1 
ATOM   889  C  CA  . THR A 1 118 ? -1.585  -10.249 0.308   1.00 24.60  ? 118 THR A CA  1 
ATOM   890  C  C   . THR A 1 118 ? -2.102  -10.334 -1.112  1.00 26.84  ? 118 THR A C   1 
ATOM   891  O  O   . THR A 1 118 ? -1.333  -10.113 -2.070  1.00 33.29  ? 118 THR A O   1 
ATOM   892  C  CB  . THR A 1 118 ? -1.570  -11.673 1.022   1.00 23.37  ? 118 THR A CB  1 
ATOM   893  O  OG1 . THR A 1 118 ? -0.848  -11.476 2.278   1.00 31.82  ? 118 THR A OG1 1 
ATOM   894  C  CG2 . THR A 1 118 ? -0.795  -12.710 0.189   1.00 23.63  ? 118 THR A CG2 1 
ATOM   895  N  N   . ALA A 1 119 ? -3.368  -10.692 -1.255  1.00 27.86  ? 119 ALA A N   1 
ATOM   896  C  CA  . ALA A 1 119 ? -4.023  -10.857 -2.569  1.00 27.58  ? 119 ALA A CA  1 
ATOM   897  C  C   . ALA A 1 119 ? -4.014  -9.565  -3.366  1.00 24.27  ? 119 ALA A C   1 
ATOM   898  O  O   . ALA A 1 119 ? -3.865  -9.620  -4.608  1.00 30.27  ? 119 ALA A O   1 
ATOM   899  C  CB  . ALA A 1 119 ? -5.487  -11.284 -2.369  1.00 28.80  ? 119 ALA A CB  1 
ATOM   900  N  N   . VAL A 1 120 ? -4.248  -8.444  -2.721  1.00 19.91  ? 120 VAL A N   1 
ATOM   901  C  CA  . VAL A 1 120 ? -4.182  -7.153  -3.481  1.00 19.09  ? 120 VAL A CA  1 
ATOM   902  C  C   . VAL A 1 120 ? -2.793  -6.931  -4.047  1.00 26.03  ? 120 VAL A C   1 
ATOM   903  O  O   . VAL A 1 120 ? -2.602  -6.702  -5.252  1.00 31.21  ? 120 VAL A O   1 
ATOM   904  C  CB  . VAL A 1 120 ? -4.617  -6.046  -2.526  1.00 20.18  ? 120 VAL A CB  1 
ATOM   905  C  CG1 . VAL A 1 120 ? -4.559  -4.728  -3.261  1.00 21.33  ? 120 VAL A CG1 1 
ATOM   906  C  CG2 . VAL A 1 120 ? -6.032  -6.399  -2.017  1.00 23.37  ? 120 VAL A CG2 1 
ATOM   907  N  N   . TYR A 1 121 ? -1.789  -7.042  -3.187  1.00 25.06  ? 121 TYR A N   1 
ATOM   908  C  CA  . TYR A 1 121 ? -0.399  -6.880  -3.584  1.00 24.82  ? 121 TYR A CA  1 
ATOM   909  C  C   . TYR A 1 121 ? -0.091  -7.792  -4.768  1.00 26.46  ? 121 TYR A C   1 
ATOM   910  O  O   . TYR A 1 121 ? 0.547   -7.390  -5.735  1.00 28.86  ? 121 TYR A O   1 
ATOM   911  C  CB  . TYR A 1 121 ? 0.553   -7.268  -2.423  1.00 22.29  ? 121 TYR A CB  1 
ATOM   912  C  CG  . TYR A 1 121 ? 0.654   -6.255  -1.322  1.00 24.89  ? 121 TYR A CG  1 
ATOM   913  C  CD1 . TYR A 1 121 ? 0.972   -4.913  -1.549  1.00 22.29  ? 121 TYR A CD1 1 
ATOM   914  C  CD2 . TYR A 1 121 ? 0.513   -6.654  0.014   1.00 25.19  ? 121 TYR A CD2 1 
ATOM   915  C  CE1 . TYR A 1 121 ? 1.014   -3.983  -0.506  1.00 16.80  ? 121 TYR A CE1 1 
ATOM   916  C  CE2 . TYR A 1 121 ? 0.601   -5.763  1.068   1.00 20.02  ? 121 TYR A CE2 1 
ATOM   917  C  CZ  . TYR A 1 121 ? 0.873   -4.415  0.785   1.00 23.67  ? 121 TYR A CZ  1 
ATOM   918  O  OH  . TYR A 1 121 ? 0.965   -3.562  1.857   1.00 26.44  ? 121 TYR A OH  1 
ATOM   919  N  N   . LYS A 1 122 ? -0.432  -9.063  -4.602  1.00 30.25  ? 122 LYS A N   1 
ATOM   920  C  CA  . LYS A 1 122 ? -0.112  -10.084 -5.597  1.00 32.84  ? 122 LYS A CA  1 
ATOM   921  C  C   . LYS A 1 122 ? -0.633  -9.740  -6.991  1.00 34.23  ? 122 LYS A C   1 
ATOM   922  O  O   . LYS A 1 122 ? 0.038   -9.892  -8.020  1.00 36.92  ? 122 LYS A O   1 
ATOM   923  C  CB  . LYS A 1 122 ? -0.778  -11.437 -5.247  1.00 36.25  ? 122 LYS A CB  1 
ATOM   924  C  CG  . LYS A 1 122 ? -0.449  -12.435 -6.366  1.00 44.48  ? 122 LYS A CG  1 
ATOM   925  C  CD  . LYS A 1 122 ? 0.021   -13.775 -5.875  1.00 55.11  ? 122 LYS A CD  1 
ATOM   926  C  CE  . LYS A 1 122 ? 0.810   -14.522 -6.974  1.00 64.68  ? 122 LYS A CE  1 
ATOM   927  N  NZ  . LYS A 1 122 ? -0.185  -15.331 -7.768  1.00 71.83  ? 122 LYS A NZ  1 
ATOM   928  N  N   . ALA A 1 123 ? -1.909  -9.408  -6.979  1.00 33.40  ? 123 ALA A N   1 
ATOM   929  C  CA  . ALA A 1 123 ? -2.672  -9.023  -8.157  1.00 31.69  ? 123 ALA A CA  1 
ATOM   930  C  C   . ALA A 1 123 ? -1.986  -7.841  -8.830  1.00 34.68  ? 123 ALA A C   1 
ATOM   931  O  O   . ALA A 1 123 ? -1.684  -7.920  -10.033 1.00 38.25  ? 123 ALA A O   1 
ATOM   932  C  CB  . ALA A 1 123 ? -4.125  -8.746  -7.786  1.00 25.12  ? 123 ALA A CB  1 
ATOM   933  N  N   . ALA A 1 124 ? -1.721  -6.801  -8.037  1.00 36.36  ? 124 ALA A N   1 
ATOM   934  C  CA  . ALA A 1 124 ? -1.042  -5.601  -8.574  1.00 31.62  ? 124 ALA A CA  1 
ATOM   935  C  C   . ALA A 1 124 ? 0.308   -5.988  -9.148  1.00 31.77  ? 124 ALA A C   1 
ATOM   936  O  O   . ALA A 1 124 ? 0.726   -5.528  -10.215 1.00 32.11  ? 124 ALA A O   1 
ATOM   937  C  CB  . ALA A 1 124 ? -0.940  -4.527  -7.529  1.00 28.13  ? 124 ALA A CB  1 
ATOM   938  N  N   . MET A 1 125 ? 1.007   -6.869  -8.457  1.00 33.33  ? 125 MET A N   1 
ATOM   939  C  CA  . MET A 1 125 ? 2.349   -7.279  -8.864  1.00 37.38  ? 125 MET A CA  1 
ATOM   940  C  C   . MET A 1 125 ? 2.400   -7.859  -10.239 1.00 37.91  ? 125 MET A C   1 
ATOM   941  O  O   . MET A 1 125 ? 3.273   -7.522  -11.075 1.00 40.91  ? 125 MET A O   1 
ATOM   942  C  CB  . MET A 1 125 ? 3.169   -7.949  -7.771  1.00 39.15  ? 125 MET A CB  1 
ATOM   943  C  CG  . MET A 1 125 ? 3.456   -6.880  -6.678  1.00 48.20  ? 125 MET A CG  1 
ATOM   944  S  SD  . MET A 1 125 ? 4.882   -7.310  -5.681  1.00 50.94  ? 125 MET A SD  1 
ATOM   945  C  CE  . MET A 1 125 ? 4.234   -8.819  -4.911  1.00 50.80  ? 125 MET A CE  1 
ATOM   946  N  N   . GLU A 1 126 ? 1.479   -8.738  -10.540 1.00 41.13  ? 126 GLU A N   1 
ATOM   947  C  CA  . GLU A 1 126 ? 1.382   -9.391  -11.832 1.00 46.55  ? 126 GLU A CA  1 
ATOM   948  C  C   . GLU A 1 126 ? 0.948   -8.532  -12.988 1.00 45.48  ? 126 GLU A C   1 
ATOM   949  O  O   . GLU A 1 126 ? 1.155   -8.992  -14.139 1.00 47.61  ? 126 GLU A O   1 
ATOM   950  C  CB  . GLU A 1 126 ? 0.354   -10.533 -11.755 1.00 47.87  ? 126 GLU A CB  1 
ATOM   951  C  CG  . GLU A 1 126 ? 0.776   -11.535 -10.675 1.00 56.76  ? 126 GLU A CG  1 
ATOM   952  C  CD  . GLU A 1 126 ? -0.307  -12.581 -10.471 1.00 61.31  ? 126 GLU A CD  1 
ATOM   953  O  OE1 . GLU A 1 126 ? -1.494  -12.386 -10.848 1.00 61.67  ? 126 GLU A OE1 1 
ATOM   954  O  OE2 . GLU A 1 126 ? 0.238   -13.559 -9.913  1.00 62.69  ? 126 GLU A OE2 1 
ATOM   955  N  N   . LYS A 1 127 ? 0.265   -7.438  -12.765 1.00 44.18  ? 127 LYS A N   1 
ATOM   956  C  CA  . LYS A 1 127 ? -0.166  -6.574  -13.895 1.00 43.38  ? 127 LYS A CA  1 
ATOM   957  C  C   . LYS A 1 127 ? 1.141   -6.089  -14.557 1.00 49.32  ? 127 LYS A C   1 
ATOM   958  O  O   . LYS A 1 127 ? 2.119   -5.775  -13.864 1.00 49.75  ? 127 LYS A O   1 
ATOM   959  C  CB  . LYS A 1 127 ? -1.032  -5.429  -13.508 1.00 40.84  ? 127 LYS A CB  1 
ATOM   960  C  CG  . LYS A 1 127 ? -2.423  -5.775  -13.036 1.00 42.63  ? 127 LYS A CG  1 
ATOM   961  C  CD  . LYS A 1 127 ? -3.478  -5.881  -14.073 1.00 42.62  ? 127 LYS A CD  1 
ATOM   962  N  N   . PRO A 1 128 ? 1.136   -6.167  -15.881 1.00 48.88  ? 128 PRO A N   1 
ATOM   963  C  CA  . PRO A 1 128 ? 2.292   -5.752  -16.691 1.00 47.32  ? 128 PRO A CA  1 
ATOM   964  C  C   . PRO A 1 128 ? 2.168   -4.244  -16.921 1.00 48.09  ? 128 PRO A C   1 
ATOM   965  O  O   . PRO A 1 128 ? 1.880   -3.765  -18.004 1.00 48.12  ? 128 PRO A O   1 
ATOM   966  C  CB  . PRO A 1 128 ? 2.115   -6.545  -17.963 1.00 46.43  ? 128 PRO A CB  1 
ATOM   967  C  CG  . PRO A 1 128 ? 0.636   -6.691  -18.120 1.00 49.74  ? 128 PRO A CG  1 
ATOM   968  C  CD  . PRO A 1 128 ? 0.037   -6.612  -16.737 1.00 50.23  ? 128 PRO A CD  1 
ATOM   969  N  N   . ILE A 1 129 ? 2.301   -3.545  -15.799 1.00 48.71  ? 129 ILE A N   1 
ATOM   970  C  CA  . ILE A 1 129 ? 2.296   -2.097  -15.790 1.00 46.74  ? 129 ILE A CA  1 
ATOM   971  C  C   . ILE A 1 129 ? 3.496   -1.668  -14.913 1.00 45.37  ? 129 ILE A C   1 
ATOM   972  O  O   . ILE A 1 129 ? 3.982   -2.446  -14.091 1.00 46.14  ? 129 ILE A O   1 
ATOM   973  C  CB  . ILE A 1 129 ? 1.006   -1.384  -15.381 1.00 48.73  ? 129 ILE A CB  1 
ATOM   974  C  CG1 . ILE A 1 129 ? 1.329   -0.280  -14.329 1.00 50.67  ? 129 ILE A CG1 1 
ATOM   975  C  CG2 . ILE A 1 129 ? -0.187  -2.250  -14.956 1.00 53.48  ? 129 ILE A CG2 1 
ATOM   976  C  CD1 . ILE A 1 129 ? 0.145   0.035   -13.392 1.00 53.15  ? 129 ILE A CD1 1 
ATOM   977  N  N   . ASN A 1 130 ? 3.881   -0.476  -15.215 1.00 43.21  ? 130 ASN A N   1 
ATOM   978  C  CA  . ASN A 1 130 ? 4.950   0.233   -14.478 1.00 44.74  ? 130 ASN A CA  1 
ATOM   979  C  C   . ASN A 1 130 ? 4.453   0.241   -13.030 1.00 41.25  ? 130 ASN A C   1 
ATOM   980  O  O   . ASN A 1 130 ? 3.260   0.457   -12.741 1.00 40.18  ? 130 ASN A O   1 
ATOM   981  C  CB  . ASN A 1 130 ? 5.304   1.520   -15.203 1.00 50.41  ? 130 ASN A CB  1 
ATOM   982  C  CG  . ASN A 1 130 ? 6.300   1.311   -16.343 1.00 57.24  ? 130 ASN A CG  1 
ATOM   983  O  OD1 . ASN A 1 130 ? 6.179   0.419   -17.204 1.00 64.98  ? 130 ASN A OD1 1 
ATOM   984  N  ND2 . ASN A 1 130 ? 7.399   2.066   -16.355 1.00 61.53  ? 130 ASN A ND2 1 
ATOM   985  N  N   . HIS A 1 131 ? 5.405   -0.063  -12.162 1.00 38.17  ? 131 HIS A N   1 
ATOM   986  C  CA  . HIS A 1 131 ? 5.083   -0.246  -10.714 1.00 33.38  ? 131 HIS A CA  1 
ATOM   987  C  C   . HIS A 1 131 ? 6.343   -0.062  -9.856  1.00 29.08  ? 131 HIS A C   1 
ATOM   988  O  O   . HIS A 1 131 ? 7.425   -0.593  -10.151 1.00 25.55  ? 131 HIS A O   1 
ATOM   989  C  CB  . HIS A 1 131 ? 4.662   -1.740  -10.554 1.00 30.06  ? 131 HIS A CB  1 
ATOM   990  C  CG  . HIS A 1 131 ? 3.927   -2.076  -9.317  1.00 31.32  ? 131 HIS A CG  1 
ATOM   991  N  ND1 . HIS A 1 131 ? 3.115   -3.193  -9.212  1.00 33.80  ? 131 HIS A ND1 1 
ATOM   992  C  CD2 . HIS A 1 131 ? 3.901   -1.536  -8.097  1.00 32.06  ? 131 HIS A CD2 1 
ATOM   993  C  CE1 . HIS A 1 131 ? 2.566   -3.239  -8.021  1.00 32.88  ? 131 HIS A CE1 1 
ATOM   994  N  NE2 . HIS A 1 131 ? 3.027   -2.249  -7.319  1.00 30.64  ? 131 HIS A NE2 1 
ATOM   995  N  N   . ARG A 1 132 ? 6.127   0.642   -8.762  1.00 28.75  ? 132 ARG A N   1 
ATOM   996  C  CA  . ARG A 1 132 ? 7.159   0.953   -7.772  1.00 33.86  ? 132 ARG A CA  1 
ATOM   997  C  C   . ARG A 1 132 ? 6.665   0.479   -6.407  1.00 31.17  ? 132 ARG A C   1 
ATOM   998  O  O   . ARG A 1 132 ? 5.529   0.770   -6.020  1.00 31.25  ? 132 ARG A O   1 
ATOM   999  C  CB  . ARG A 1 132 ? 7.458   2.458   -7.668  1.00 40.75  ? 132 ARG A CB  1 
ATOM   1000 C  CG  . ARG A 1 132 ? 8.559   2.830   -8.657  1.00 52.83  ? 132 ARG A CG  1 
ATOM   1001 C  CD  . ARG A 1 132 ? 9.208   4.100   -8.264  1.00 64.68  ? 132 ARG A CD  1 
ATOM   1002 N  NE  . ARG A 1 132 ? 8.344   5.248   -8.512  1.00 74.18  ? 132 ARG A NE  1 
ATOM   1003 C  CZ  . ARG A 1 132 ? 8.610   6.104   -9.518  1.00 77.37  ? 132 ARG A CZ  1 
ATOM   1004 N  NH1 . ARG A 1 132 ? 9.566   5.872   -10.403 1.00 74.31  ? 132 ARG A NH1 1 
ATOM   1005 N  NH2 . ARG A 1 132 ? 7.863   7.207   -9.554  1.00 81.26  ? 132 ARG A NH2 1 
ATOM   1006 N  N   . LEU A 1 133 ? 7.555   -0.235  -5.776  1.00 28.30  ? 133 LEU A N   1 
ATOM   1007 C  CA  . LEU A 1 133 ? 7.269   -0.885  -4.507  1.00 24.09  ? 133 LEU A CA  1 
ATOM   1008 C  C   . LEU A 1 133 ? 8.160   -0.254  -3.444  1.00 25.28  ? 133 LEU A C   1 
ATOM   1009 O  O   . LEU A 1 133 ? 9.383   -0.328  -3.570  1.00 28.72  ? 133 LEU A O   1 
ATOM   1010 C  CB  . LEU A 1 133 ? 7.570   -2.386  -4.750  1.00 25.90  ? 133 LEU A CB  1 
ATOM   1011 C  CG  . LEU A 1 133 ? 7.492   -3.272  -3.505  1.00 31.34  ? 133 LEU A CG  1 
ATOM   1012 C  CD1 . LEU A 1 133 ? 6.061   -3.240  -2.938  1.00 27.97  ? 133 LEU A CD1 1 
ATOM   1013 C  CD2 . LEU A 1 133 ? 7.904   -4.691  -3.888  1.00 30.56  ? 133 LEU A CD2 1 
ATOM   1014 N  N   . PHE A 1 134 ? 7.519   0.299   -2.473  1.00 23.67  ? 134 PHE A N   1 
ATOM   1015 C  CA  . PHE A 1 134 ? 8.110   0.951   -1.317  1.00 21.63  ? 134 PHE A CA  1 
ATOM   1016 C  C   . PHE A 1 134 ? 7.958   -0.023  -0.139  1.00 27.47  ? 134 PHE A C   1 
ATOM   1017 O  O   . PHE A 1 134 ? 6.841   -0.256  0.328   1.00 30.17  ? 134 PHE A O   1 
ATOM   1018 C  CB  . PHE A 1 134 ? 7.334   2.265   -1.013  1.00 24.40  ? 134 PHE A CB  1 
ATOM   1019 C  CG  . PHE A 1 134 ? 7.631   3.333   -2.026  1.00 29.06  ? 134 PHE A CG  1 
ATOM   1020 C  CD1 . PHE A 1 134 ? 6.924   3.349   -3.227  1.00 33.09  ? 134 PHE A CD1 1 
ATOM   1021 C  CD2 . PHE A 1 134 ? 8.614   4.296   -1.783  1.00 31.19  ? 134 PHE A CD2 1 
ATOM   1022 C  CE1 . PHE A 1 134 ? 7.172   4.281   -4.231  1.00 31.52  ? 134 PHE A CE1 1 
ATOM   1023 C  CE2 . PHE A 1 134 ? 8.883   5.252   -2.770  1.00 31.68  ? 134 PHE A CE2 1 
ATOM   1024 C  CZ  . PHE A 1 134 ? 8.153   5.243   -3.967  1.00 33.10  ? 134 PHE A CZ  1 
ATOM   1025 N  N   . VAL A 1 135 ? 9.084   -0.593  0.262   1.00 29.20  ? 135 VAL A N   1 
ATOM   1026 C  CA  . VAL A 1 135 ? 9.126   -1.572  1.340   1.00 29.35  ? 135 VAL A CA  1 
ATOM   1027 C  C   . VAL A 1 135 ? 9.857   -1.038  2.566   1.00 28.30  ? 135 VAL A C   1 
ATOM   1028 O  O   . VAL A 1 135 ? 10.983  -0.539  2.382   1.00 33.19  ? 135 VAL A O   1 
ATOM   1029 C  CB  . VAL A 1 135 ? 9.868   -2.875  0.852   1.00 28.75  ? 135 VAL A CB  1 
ATOM   1030 C  CG1 . VAL A 1 135 ? 9.880   -3.874  2.013   1.00 34.06  ? 135 VAL A CG1 1 
ATOM   1031 C  CG2 . VAL A 1 135 ? 9.245   -3.518  -0.371  1.00 26.15  ? 135 VAL A CG2 1 
ATOM   1032 N  N   . THR A 1 136 ? 9.300   -1.206  3.741   1.00 24.95  ? 136 THR A N   1 
ATOM   1033 C  CA  . THR A 1 136 ? 10.031  -0.925  4.988   1.00 25.46  ? 136 THR A CA  1 
ATOM   1034 C  C   . THR A 1 136 ? 10.454  -2.290  5.537   1.00 26.34  ? 136 THR A C   1 
ATOM   1035 O  O   . THR A 1 136 ? 9.512   -3.002  5.903   1.00 27.19  ? 136 THR A O   1 
ATOM   1036 C  CB  . THR A 1 136 ? 9.142   -0.199  6.046   1.00 24.76  ? 136 THR A CB  1 
ATOM   1037 O  OG1 . THR A 1 136 ? 8.664   0.988   5.333   1.00 26.31  ? 136 THR A OG1 1 
ATOM   1038 C  CG2 . THR A 1 136 ? 9.862   0.153   7.361   1.00 21.92  ? 136 THR A CG2 1 
ATOM   1039 N  N   . ARG A 1 137 ? 11.722  -2.606  5.529   1.00 29.57  ? 137 ARG A N   1 
ATOM   1040 C  CA  . ARG A 1 137 ? 12.195  -3.863  6.128   1.00 28.07  ? 137 ARG A CA  1 
ATOM   1041 C  C   . ARG A 1 137 ? 12.516  -3.684  7.616   1.00 29.66  ? 137 ARG A C   1 
ATOM   1042 O  O   . ARG A 1 137 ? 13.591  -3.092  7.923   1.00 36.65  ? 137 ARG A O   1 
ATOM   1043 C  CB  . ARG A 1 137 ? 13.425  -4.465  5.519   1.00 31.82  ? 137 ARG A CB  1 
ATOM   1044 C  CG  . ARG A 1 137 ? 13.475  -4.502  4.011   1.00 41.49  ? 137 ARG A CG  1 
ATOM   1045 C  CD  . ARG A 1 137 ? 14.096  -5.844  3.634   1.00 42.25  ? 137 ARG A CD  1 
ATOM   1046 N  NE  . ARG A 1 137 ? 13.674  -6.072  2.219   1.00 49.78  ? 137 ARG A NE  1 
ATOM   1047 C  CZ  . ARG A 1 137 ? 13.104  -7.268  1.955   1.00 54.21  ? 137 ARG A CZ  1 
ATOM   1048 N  NH1 . ARG A 1 137 ? 12.879  -8.050  3.037   1.00 55.24  ? 137 ARG A NH1 1 
ATOM   1049 N  NH2 . ARG A 1 137 ? 12.811  -7.622  0.709   1.00 56.42  ? 137 ARG A NH2 1 
ATOM   1050 N  N   . ILE A 1 138 ? 11.680  -4.244  8.450   1.00 24.60  ? 138 ILE A N   1 
ATOM   1051 C  CA  . ILE A 1 138 ? 11.868  -4.191  9.918   1.00 25.56  ? 138 ILE A CA  1 
ATOM   1052 C  C   . ILE A 1 138 ? 12.792  -5.349  10.279  1.00 28.32  ? 138 ILE A C   1 
ATOM   1053 O  O   . ILE A 1 138 ? 12.403  -6.503  10.084  1.00 31.87  ? 138 ILE A O   1 
ATOM   1054 C  CB  . ILE A 1 138 ? 10.454  -4.224  10.595  1.00 23.86  ? 138 ILE A CB  1 
ATOM   1055 C  CG1 . ILE A 1 138 ? 9.681   -2.943  10.231  1.00 25.40  ? 138 ILE A CG1 1 
ATOM   1056 C  CG2 . ILE A 1 138 ? 10.507  -4.484  12.092  1.00 22.05  ? 138 ILE A CG2 1 
ATOM   1057 C  CD1 . ILE A 1 138 ? 8.374   -2.701  10.948  1.00 29.59  ? 138 ILE A CD1 1 
ATOM   1058 N  N   . LEU A 1 139 ? 14.001  -5.071  10.710  1.00 34.86  ? 139 LEU A N   1 
ATOM   1059 C  CA  . LEU A 1 139 ? 15.045  -6.054  10.953  1.00 39.80  ? 139 LEU A CA  1 
ATOM   1060 C  C   . LEU A 1 139 ? 14.818  -6.920  12.173  1.00 41.85  ? 139 LEU A C   1 
ATOM   1061 O  O   . LEU A 1 139 ? 15.791  -7.277  12.857  1.00 46.32  ? 139 LEU A O   1 
ATOM   1062 C  CB  . LEU A 1 139 ? 16.441  -5.399  10.871  1.00 34.45  ? 139 LEU A CB  1 
ATOM   1063 C  CG  . LEU A 1 139 ? 16.766  -4.478  9.713   1.00 33.14  ? 139 LEU A CG  1 
ATOM   1064 C  CD1 . LEU A 1 139 ? 18.215  -3.993  9.763   1.00 31.70  ? 139 LEU A CD1 1 
ATOM   1065 C  CD2 . LEU A 1 139 ? 16.553  -5.248  8.403   1.00 29.21  ? 139 LEU A CD2 1 
ATOM   1066 N  N   . HIS A 1 140 ? 13.603  -7.344  12.429  1.00 47.52  ? 140 HIS A N   1 
ATOM   1067 C  CA  . HIS A 1 140 ? 13.324  -8.199  13.595  1.00 50.96  ? 140 HIS A CA  1 
ATOM   1068 C  C   . HIS A 1 140 ? 12.305  -9.248  13.259  1.00 55.63  ? 140 HIS A C   1 
ATOM   1069 O  O   . HIS A 1 140 ? 11.611  -9.208  12.217  1.00 57.55  ? 140 HIS A O   1 
ATOM   1070 C  CB  . HIS A 1 140 ? 13.050  -7.421  14.886  1.00 56.79  ? 140 HIS A CB  1 
ATOM   1071 C  CG  . HIS A 1 140 ? 14.093  -6.349  15.074  1.00 69.32  ? 140 HIS A CG  1 
ATOM   1072 N  ND1 . HIS A 1 140 ? 15.035  -6.355  16.083  1.00 75.56  ? 140 HIS A ND1 1 
ATOM   1073 C  CD2 . HIS A 1 140 ? 14.387  -5.279  14.297  1.00 72.77  ? 140 HIS A CD2 1 
ATOM   1074 C  CE1 . HIS A 1 140 ? 15.841  -5.307  15.916  1.00 74.79  ? 140 HIS A CE1 1 
ATOM   1075 N  NE2 . HIS A 1 140 ? 15.473  -4.630  14.855  1.00 73.88  ? 140 HIS A NE2 1 
ATOM   1076 N  N   . GLU A 1 141 ? 12.268  -10.254 14.126  1.00 56.44  ? 141 GLU A N   1 
ATOM   1077 C  CA  . GLU A 1 141 ? 11.366  -11.414 13.945  1.00 55.55  ? 141 GLU A CA  1 
ATOM   1078 C  C   . GLU A 1 141 ? 10.176  -11.251 14.889  1.00 54.16  ? 141 GLU A C   1 
ATOM   1079 O  O   . GLU A 1 141 ? 10.331  -11.437 16.102  1.00 56.61  ? 141 GLU A O   1 
ATOM   1080 C  CB  . GLU A 1 141 ? 12.062  -12.705 14.381  1.00 59.08  ? 141 GLU A CB  1 
ATOM   1081 C  CG  . GLU A 1 141 ? 13.580  -12.620 14.703  1.00 63.03  ? 141 GLU A CG  1 
ATOM   1082 N  N   . PHE A 1 142 ? 9.062   -10.843 14.325  1.00 50.31  ? 142 PHE A N   1 
ATOM   1083 C  CA  . PHE A 1 142 ? 7.804   -10.788 15.131  1.00 41.90  ? 142 PHE A CA  1 
ATOM   1084 C  C   . PHE A 1 142 ? 6.978   -11.917 14.456  1.00 43.80  ? 142 PHE A C   1 
ATOM   1085 O  O   . PHE A 1 142 ? 7.114   -11.993 13.211  1.00 43.96  ? 142 PHE A O   1 
ATOM   1086 C  CB  . PHE A 1 142 ? 7.075   -9.494  14.971  1.00 33.72  ? 142 PHE A CB  1 
ATOM   1087 C  CG  . PHE A 1 142 ? 7.784   -8.261  15.399  1.00 34.81  ? 142 PHE A CG  1 
ATOM   1088 C  CD1 . PHE A 1 142 ? 8.621   -7.585  14.524  1.00 37.11  ? 142 PHE A CD1 1 
ATOM   1089 C  CD2 . PHE A 1 142 ? 7.593   -7.769  16.695  1.00 32.05  ? 142 PHE A CD2 1 
ATOM   1090 C  CE1 . PHE A 1 142 ? 9.222   -6.384  14.923  1.00 36.47  ? 142 PHE A CE1 1 
ATOM   1091 C  CE2 . PHE A 1 142 ? 8.144   -6.574  17.116  1.00 32.40  ? 142 PHE A CE2 1 
ATOM   1092 C  CZ  . PHE A 1 142 ? 8.939   -5.872  16.211  1.00 38.35  ? 142 PHE A CZ  1 
ATOM   1093 N  N   . GLU A 1 143 ? 6.236   -12.623 15.278  1.00 41.07  ? 143 GLU A N   1 
ATOM   1094 C  CA  . GLU A 1 143 ? 5.343   -13.666 14.712  1.00 45.26  ? 143 GLU A CA  1 
ATOM   1095 C  C   . GLU A 1 143 ? 4.218   -13.007 13.905  1.00 36.60  ? 143 GLU A C   1 
ATOM   1096 O  O   . GLU A 1 143 ? 3.550   -12.045 14.302  1.00 32.57  ? 143 GLU A O   1 
ATOM   1097 C  CB  . GLU A 1 143 ? 4.744   -14.601 15.710  1.00 55.98  ? 143 GLU A CB  1 
ATOM   1098 C  CG  . GLU A 1 143 ? 3.708   -14.025 16.677  1.00 72.83  ? 143 GLU A CG  1 
ATOM   1099 C  CD  . GLU A 1 143 ? 3.134   -15.080 17.600  1.00 84.98  ? 143 GLU A CD  1 
ATOM   1100 O  OE1 . GLU A 1 143 ? 3.549   -16.221 17.262  1.00 89.43  ? 143 GLU A OE1 1 
ATOM   1101 O  OE2 . GLU A 1 143 ? 2.345   -14.808 18.534  1.00 91.65  ? 143 GLU A OE2 1 
ATOM   1102 N  N   . SER A 1 144 ? 4.050   -13.596 12.745  1.00 32.98  ? 144 SER A N   1 
ATOM   1103 C  CA  . SER A 1 144 ? 3.072   -13.140 11.757  1.00 32.89  ? 144 SER A CA  1 
ATOM   1104 C  C   . SER A 1 144 ? 2.295   -14.353 11.266  1.00 33.18  ? 144 SER A C   1 
ATOM   1105 O  O   . SER A 1 144 ? 2.846   -15.449 11.204  1.00 33.07  ? 144 SER A O   1 
ATOM   1106 C  CB  . SER A 1 144 ? 3.881   -12.519 10.577  1.00 28.50  ? 144 SER A CB  1 
ATOM   1107 O  OG  . SER A 1 144 ? 4.865   -11.680 11.192  1.00 33.36  ? 144 SER A OG  1 
ATOM   1108 N  N   . ASP A 1 145 ? 1.066   -14.072 10.886  1.00 34.60  ? 145 ASP A N   1 
ATOM   1109 C  CA  . ASP A 1 145 ? 0.187   -15.117 10.314  1.00 33.89  ? 145 ASP A CA  1 
ATOM   1110 C  C   . ASP A 1 145 ? -0.141  -14.702 8.881   1.00 34.79  ? 145 ASP A C   1 
ATOM   1111 O  O   . ASP A 1 145 ? -0.835  -15.442 8.179   1.00 38.40  ? 145 ASP A O   1 
ATOM   1112 C  CB  . ASP A 1 145 ? -0.990  -15.336 11.254  1.00 29.05  ? 145 ASP A CB  1 
ATOM   1113 C  CG  . ASP A 1 145 ? -1.874  -14.123 11.411  1.00 34.89  ? 145 ASP A CG  1 
ATOM   1114 O  OD1 . ASP A 1 145 ? -1.852  -13.223 10.548  1.00 41.22  ? 145 ASP A OD1 1 
ATOM   1115 O  OD2 . ASP A 1 145 ? -2.630  -14.035 12.409  1.00 38.21  ? 145 ASP A OD2 1 
ATOM   1116 N  N   . THR A 1 146 ? 0.374   -13.556 8.451   1.00 32.10  ? 146 THR A N   1 
ATOM   1117 C  CA  . THR A 1 146 ? 0.091   -13.092 7.056   1.00 26.14  ? 146 THR A CA  1 
ATOM   1118 C  C   . THR A 1 146 ? 1.383   -12.609 6.456   1.00 26.97  ? 146 THR A C   1 
ATOM   1119 O  O   . THR A 1 146 ? 2.165   -11.952 7.177   1.00 29.56  ? 146 THR A O   1 
ATOM   1120 C  CB  . THR A 1 146 ? -0.998  -11.959 7.151   1.00 28.51  ? 146 THR A CB  1 
ATOM   1121 O  OG1 . THR A 1 146 ? -1.969  -12.494 8.101   1.00 30.22  ? 146 THR A OG1 1 
ATOM   1122 C  CG2 . THR A 1 146 ? -1.600  -11.457 5.865   1.00 25.39  ? 146 THR A CG2 1 
ATOM   1123 N  N   . PHE A 1 147 ? 1.586   -12.879 5.183   1.00 27.21  ? 147 PHE A N   1 
ATOM   1124 C  CA  . PHE A 1 147 ? 2.814   -12.607 4.486   1.00 25.59  ? 147 PHE A CA  1 
ATOM   1125 C  C   . PHE A 1 147 ? 2.682   -11.933 3.145   1.00 29.91  ? 147 PHE A C   1 
ATOM   1126 O  O   . PHE A 1 147 ? 1.694   -12.004 2.418   1.00 29.56  ? 147 PHE A O   1 
ATOM   1127 C  CB  . PHE A 1 147 ? 3.665   -13.901 4.254   1.00 26.82  ? 147 PHE A CB  1 
ATOM   1128 C  CG  . PHE A 1 147 ? 3.754   -14.654 5.564   1.00 33.17  ? 147 PHE A CG  1 
ATOM   1129 C  CD1 . PHE A 1 147 ? 2.615   -15.359 6.001   1.00 33.65  ? 147 PHE A CD1 1 
ATOM   1130 C  CD2 . PHE A 1 147 ? 4.883   -14.627 6.332   1.00 30.56  ? 147 PHE A CD2 1 
ATOM   1131 C  CE1 . PHE A 1 147 ? 2.627   -16.014 7.204   1.00 32.24  ? 147 PHE A CE1 1 
ATOM   1132 C  CE2 . PHE A 1 147 ? 4.896   -15.305 7.565   1.00 37.99  ? 147 PHE A CE2 1 
ATOM   1133 C  CZ  . PHE A 1 147 ? 3.760   -15.999 7.996   1.00 33.17  ? 147 PHE A CZ  1 
ATOM   1134 N  N   . PHE A 1 148 ? 3.849   -11.324 2.861   1.00 27.40  ? 148 PHE A N   1 
ATOM   1135 C  CA  . PHE A 1 148 ? 3.973   -10.575 1.600   1.00 26.05  ? 148 PHE A CA  1 
ATOM   1136 C  C   . PHE A 1 148 ? 4.242   -11.654 0.539   1.00 26.82  ? 148 PHE A C   1 
ATOM   1137 O  O   . PHE A 1 148 ? 5.099   -12.516 0.761   1.00 31.66  ? 148 PHE A O   1 
ATOM   1138 C  CB  . PHE A 1 148 ? 5.088   -9.531  1.674   1.00 22.53  ? 148 PHE A CB  1 
ATOM   1139 C  CG  . PHE A 1 148 ? 5.154   -8.653  0.458   1.00 18.66  ? 148 PHE A CG  1 
ATOM   1140 C  CD1 . PHE A 1 148 ? 4.205   -7.646  0.312   1.00 20.74  ? 148 PHE A CD1 1 
ATOM   1141 C  CD2 . PHE A 1 148 ? 6.084   -8.855  -0.525  1.00 21.14  ? 148 PHE A CD2 1 
ATOM   1142 C  CE1 . PHE A 1 148 ? 4.203   -6.811  -0.808  1.00 21.14  ? 148 PHE A CE1 1 
ATOM   1143 C  CE2 . PHE A 1 148 ? 6.094   -8.025  -1.687  1.00 23.23  ? 148 PHE A CE2 1 
ATOM   1144 C  CZ  . PHE A 1 148 ? 5.176   -6.991  -1.810  1.00 17.05  ? 148 PHE A CZ  1 
ATOM   1145 N  N   . PRO A 1 149 ? 3.528   -11.529 -0.560  1.00 26.46  ? 149 PRO A N   1 
ATOM   1146 C  CA  . PRO A 1 149 ? 3.766   -12.406 -1.713  1.00 26.89  ? 149 PRO A CA  1 
ATOM   1147 C  C   . PRO A 1 149 ? 5.260   -12.374 -2.092  1.00 27.57  ? 149 PRO A C   1 
ATOM   1148 O  O   . PRO A 1 149 ? 5.977   -11.410 -1.781  1.00 34.00  ? 149 PRO A O   1 
ATOM   1149 C  CB  . PRO A 1 149 ? 2.916   -11.785 -2.818  1.00 20.84  ? 149 PRO A CB  1 
ATOM   1150 C  CG  . PRO A 1 149 ? 2.336   -10.520 -2.282  1.00 25.78  ? 149 PRO A CG  1 
ATOM   1151 C  CD  . PRO A 1 149 ? 2.498   -10.498 -0.800  1.00 22.59  ? 149 PRO A CD  1 
ATOM   1152 N  N   . GLU A 1 150 ? 5.721   -13.367 -2.832  1.00 31.78  ? 150 GLU A N   1 
ATOM   1153 C  CA  . GLU A 1 150 ? 7.085   -13.483 -3.331  1.00 35.07  ? 150 GLU A CA  1 
ATOM   1154 C  C   . GLU A 1 150 ? 7.231   -12.494 -4.513  1.00 35.24  ? 150 GLU A C   1 
ATOM   1155 O  O   . GLU A 1 150 ? 6.396   -12.480 -5.401  1.00 34.99  ? 150 GLU A O   1 
ATOM   1156 C  CB  . GLU A 1 150 ? 7.416   -14.854 -3.899  1.00 39.13  ? 150 GLU A CB  1 
ATOM   1157 C  CG  . GLU A 1 150 ? 8.064   -15.926 -3.072  1.00 52.68  ? 150 GLU A CG  1 
ATOM   1158 C  CD  . GLU A 1 150 ? 8.869   -17.011 -3.719  1.00 59.05  ? 150 GLU A CD  1 
ATOM   1159 O  OE1 . GLU A 1 150 ? 9.312   -17.024 -4.896  1.00 60.29  ? 150 GLU A OE1 1 
ATOM   1160 O  OE2 . GLU A 1 150 ? 9.107   -17.974 -2.919  1.00 65.78  ? 150 GLU A OE2 1 
ATOM   1161 N  N   . ILE A 1 151 ? 8.277   -11.717 -4.459  1.00 40.65  ? 151 ILE A N   1 
ATOM   1162 C  CA  . ILE A 1 151 ? 8.606   -10.704 -5.477  1.00 41.26  ? 151 ILE A CA  1 
ATOM   1163 C  C   . ILE A 1 151 ? 9.617   -11.281 -6.469  1.00 40.33  ? 151 ILE A C   1 
ATOM   1164 O  O   . ILE A 1 151 ? 10.616  -11.909 -6.071  1.00 42.45  ? 151 ILE A O   1 
ATOM   1165 C  CB  . ILE A 1 151 ? 9.005   -9.384  -4.815  1.00 43.62  ? 151 ILE A CB  1 
ATOM   1166 C  CG1 . ILE A 1 151 ? 10.060  -8.544  -5.581  1.00 41.35  ? 151 ILE A CG1 1 
ATOM   1167 C  CG2 . ILE A 1 151 ? 9.283   -9.351  -3.284  1.00 44.20  ? 151 ILE A CG2 1 
ATOM   1168 C  CD1 . ILE A 1 151 ? 10.078  -7.120  -4.857  1.00 45.26  ? 151 ILE A CD1 1 
ATOM   1169 N  N   . ASP A 1 152 ? 9.354   -11.021 -7.749  1.00 36.36  ? 152 ASP A N   1 
ATOM   1170 C  CA  . ASP A 1 152 ? 10.181  -11.403 -8.851  1.00 30.08  ? 152 ASP A CA  1 
ATOM   1171 C  C   . ASP A 1 152 ? 11.384  -10.458 -9.005  1.00 31.49  ? 152 ASP A C   1 
ATOM   1172 O  O   . ASP A 1 152 ? 11.278  -9.414  -9.642  1.00 34.53  ? 152 ASP A O   1 
ATOM   1173 C  CB  . ASP A 1 152 ? 9.495   -11.777 -10.130 1.00 29.63  ? 152 ASP A CB  1 
ATOM   1174 C  CG  . ASP A 1 152 ? 10.476  -12.350 -11.151 1.00 33.84  ? 152 ASP A CG  1 
ATOM   1175 O  OD1 . ASP A 1 152 ? 11.688  -12.116 -11.090 1.00 39.21  ? 152 ASP A OD1 1 
ATOM   1176 O  OD2 . ASP A 1 152 ? 10.032  -12.985 -12.114 1.00 41.42  ? 152 ASP A OD2 1 
ATOM   1177 N  N   . TYR A 1 153 ? 12.488  -10.900 -8.416  1.00 30.90  ? 153 TYR A N   1 
ATOM   1178 C  CA  . TYR A 1 153 ? 13.743  -10.209 -8.447  1.00 34.95  ? 153 TYR A CA  1 
ATOM   1179 C  C   . TYR A 1 153 ? 14.235  -9.960  -9.856  1.00 38.37  ? 153 TYR A C   1 
ATOM   1180 O  O   . TYR A 1 153 ? 15.221  -9.174  -9.989  1.00 44.63  ? 153 TYR A O   1 
ATOM   1181 C  CB  . TYR A 1 153 ? 14.853  -10.806 -7.574  1.00 31.43  ? 153 TYR A CB  1 
ATOM   1182 C  CG  . TYR A 1 153 ? 14.584  -10.600 -6.103  1.00 30.46  ? 153 TYR A CG  1 
ATOM   1183 C  CD1 . TYR A 1 153 ? 13.761  -9.559  -5.677  1.00 32.11  ? 153 TYR A CD1 1 
ATOM   1184 C  CD2 . TYR A 1 153 ? 15.173  -11.423 -5.156  1.00 28.83  ? 153 TYR A CD2 1 
ATOM   1185 C  CE1 . TYR A 1 153 ? 13.523  -9.322  -4.322  1.00 32.20  ? 153 TYR A CE1 1 
ATOM   1186 C  CE2 . TYR A 1 153 ? 14.920  -11.224 -3.803  1.00 32.63  ? 153 TYR A CE2 1 
ATOM   1187 C  CZ  . TYR A 1 153 ? 14.088  -10.190 -3.396  1.00 35.13  ? 153 TYR A CZ  1 
ATOM   1188 O  OH  . TYR A 1 153 ? 13.882  -10.036 -2.058  1.00 37.56  ? 153 TYR A OH  1 
ATOM   1189 N  N   . LYS A 1 154 ? 13.640  -10.606 -10.833 1.00 36.39  ? 154 LYS A N   1 
ATOM   1190 C  CA  . LYS A 1 154 ? 14.038  -10.336 -12.235 1.00 37.43  ? 154 LYS A CA  1 
ATOM   1191 C  C   . LYS A 1 154 ? 13.282  -9.127  -12.759 1.00 40.57  ? 154 LYS A C   1 
ATOM   1192 O  O   . LYS A 1 154 ? 13.782  -8.376  -13.610 1.00 44.27  ? 154 LYS A O   1 
ATOM   1193 C  CB  . LYS A 1 154 ? 13.836  -11.502 -13.157 1.00 36.93  ? 154 LYS A CB  1 
ATOM   1194 C  CG  . LYS A 1 154 ? 14.940  -12.566 -12.953 1.00 43.50  ? 154 LYS A CG  1 
ATOM   1195 C  CD  . LYS A 1 154 ? 14.364  -13.922 -13.330 1.00 48.77  ? 154 LYS A CD  1 
ATOM   1196 C  CE  . LYS A 1 154 ? 12.834  -13.835 -13.243 1.00 51.76  ? 154 LYS A CE  1 
ATOM   1197 N  NZ  . LYS A 1 154 ? 12.347  -14.937 -12.385 1.00 53.03  ? 154 LYS A NZ  1 
ATOM   1198 N  N   . ASP A 1 155 ? 12.081  -8.949  -12.238 1.00 40.85  ? 155 ASP A N   1 
ATOM   1199 C  CA  . ASP A 1 155 ? 11.212  -7.863  -12.661 1.00 40.01  ? 155 ASP A CA  1 
ATOM   1200 C  C   . ASP A 1 155 ? 11.397  -6.611  -11.845 1.00 43.14  ? 155 ASP A C   1 
ATOM   1201 O  O   . ASP A 1 155 ? 11.503  -5.493  -12.394 1.00 48.53  ? 155 ASP A O   1 
ATOM   1202 C  CB  . ASP A 1 155 ? 9.779   -8.365  -12.748 1.00 49.30  ? 155 ASP A CB  1 
ATOM   1203 C  CG  . ASP A 1 155 ? 9.616   -9.306  -13.928 1.00 58.62  ? 155 ASP A CG  1 
ATOM   1204 O  OD1 . ASP A 1 155 ? 10.426  -9.177  -14.873 1.00 65.13  ? 155 ASP A OD1 1 
ATOM   1205 O  OD2 . ASP A 1 155 ? 8.740   -10.173 -13.903 1.00 66.16  ? 155 ASP A OD2 1 
ATOM   1206 N  N   . PHE A 1 156 ? 11.364  -6.777  -10.536 1.00 39.38  ? 156 PHE A N   1 
ATOM   1207 C  CA  . PHE A 1 156 ? 11.524  -5.633  -9.623  1.00 34.19  ? 156 PHE A CA  1 
ATOM   1208 C  C   . PHE A 1 156 ? 12.980  -5.420  -9.293  1.00 37.20  ? 156 PHE A C   1 
ATOM   1209 O  O   . PHE A 1 156 ? 13.522  -6.225  -8.491  1.00 43.74  ? 156 PHE A O   1 
ATOM   1210 C  CB  . PHE A 1 156 ? 10.675  -5.861  -8.365  1.00 30.89  ? 156 PHE A CB  1 
ATOM   1211 C  CG  . PHE A 1 156 ? 9.208   -5.660  -8.610  1.00 30.66  ? 156 PHE A CG  1 
ATOM   1212 C  CD1 . PHE A 1 156 ? 8.434   -6.705  -9.118  1.00 35.02  ? 156 PHE A CD1 1 
ATOM   1213 C  CD2 . PHE A 1 156 ? 8.602   -4.451  -8.358  1.00 30.90  ? 156 PHE A CD2 1 
ATOM   1214 C  CE1 . PHE A 1 156 ? 7.063   -6.559  -9.334  1.00 33.49  ? 156 PHE A CE1 1 
ATOM   1215 C  CE2 . PHE A 1 156 ? 7.239   -4.273  -8.550  1.00 33.42  ? 156 PHE A CE2 1 
ATOM   1216 C  CZ  . PHE A 1 156 ? 6.463   -5.317  -9.061  1.00 31.49  ? 156 PHE A CZ  1 
ATOM   1217 N  N   . LYS A 1 157 ? 13.558  -4.344  -9.794  1.00 40.16  ? 157 LYS A N   1 
ATOM   1218 C  CA  . LYS A 1 157 ? 14.974  -4.022  -9.463  1.00 37.70  ? 157 LYS A CA  1 
ATOM   1219 C  C   . LYS A 1 157 ? 14.976  -3.046  -8.285  1.00 33.78  ? 157 LYS A C   1 
ATOM   1220 O  O   . LYS A 1 157 ? 14.171  -2.118  -8.250  1.00 34.22  ? 157 LYS A O   1 
ATOM   1221 C  CB  . LYS A 1 157 ? 15.668  -3.322  -10.609 1.00 43.85  ? 157 LYS A CB  1 
ATOM   1222 C  CG  . LYS A 1 157 ? 15.390  -3.970  -11.966 1.00 54.59  ? 157 LYS A CG  1 
ATOM   1223 C  CD  . LYS A 1 157 ? 15.917  -5.392  -12.022 1.00 60.97  ? 157 LYS A CD  1 
ATOM   1224 C  CE  . LYS A 1 157 ? 16.042  -5.904  -13.447 1.00 67.53  ? 157 LYS A CE  1 
ATOM   1225 N  NZ  . LYS A 1 157 ? 16.913  -7.137  -13.454 1.00 74.75  ? 157 LYS A NZ  1 
ATOM   1226 N  N   . LEU A 1 158 ? 15.852  -3.355  -7.380  1.00 33.64  ? 158 LEU A N   1 
ATOM   1227 C  CA  . LEU A 1 158 ? 16.062  -2.570  -6.140  1.00 37.45  ? 158 LEU A CA  1 
ATOM   1228 C  C   . LEU A 1 158 ? 16.809  -1.289  -6.558  1.00 39.50  ? 158 LEU A C   1 
ATOM   1229 O  O   . LEU A 1 158 ? 17.866  -1.474  -7.182  1.00 42.15  ? 158 LEU A O   1 
ATOM   1230 C  CB  . LEU A 1 158 ? 17.044  -3.414  -5.274  1.00 33.14  ? 158 LEU A CB  1 
ATOM   1231 C  CG  . LEU A 1 158 ? 17.413  -2.813  -3.919  1.00 37.30  ? 158 LEU A CG  1 
ATOM   1232 C  CD1 . LEU A 1 158 ? 16.194  -2.199  -3.230  1.00 26.07  ? 158 LEU A CD1 1 
ATOM   1233 C  CD2 . LEU A 1 158 ? 17.930  -3.989  -3.035  1.00 35.49  ? 158 LEU A CD2 1 
ATOM   1234 N  N   . LEU A 1 159 ? 16.249  -0.152  -6.278  1.00 38.05  ? 159 LEU A N   1 
ATOM   1235 C  CA  . LEU A 1 159 ? 16.962  1.109   -6.563  1.00 41.27  ? 159 LEU A CA  1 
ATOM   1236 C  C   . LEU A 1 159 ? 18.009  1.280   -5.434  1.00 47.03  ? 159 LEU A C   1 
ATOM   1237 O  O   . LEU A 1 159 ? 17.751  0.934   -4.277  1.00 50.16  ? 159 LEU A O   1 
ATOM   1238 C  CB  . LEU A 1 159 ? 15.951  2.250   -6.528  1.00 38.70  ? 159 LEU A CB  1 
ATOM   1239 C  CG  . LEU A 1 159 ? 14.810  2.128   -7.527  1.00 40.37  ? 159 LEU A CG  1 
ATOM   1240 C  CD1 . LEU A 1 159 ? 14.007  3.425   -7.556  1.00 40.22  ? 159 LEU A CD1 1 
ATOM   1241 C  CD2 . LEU A 1 159 ? 15.422  1.811   -8.886  1.00 39.48  ? 159 LEU A CD2 1 
ATOM   1242 N  N   . THR A 1 160 ? 19.120  1.848   -5.833  1.00 50.86  ? 160 THR A N   1 
ATOM   1243 C  CA  . THR A 1 160 ? 20.192  2.172   -4.856  1.00 53.83  ? 160 THR A CA  1 
ATOM   1244 C  C   . THR A 1 160 ? 19.877  3.509   -4.202  1.00 51.19  ? 160 THR A C   1 
ATOM   1245 O  O   . THR A 1 160 ? 20.247  3.718   -3.034  1.00 55.35  ? 160 THR A O   1 
ATOM   1246 C  CB  . THR A 1 160 ? 21.609  2.153   -5.550  1.00 54.92  ? 160 THR A CB  1 
ATOM   1247 O  OG1 . THR A 1 160 ? 21.595  3.350   -6.429  1.00 57.84  ? 160 THR A OG1 1 
ATOM   1248 C  CG2 . THR A 1 160 ? 21.820  0.863   -6.364  1.00 56.14  ? 160 THR A CG2 1 
ATOM   1249 N  N   . GLU A 1 161 ? 19.157  4.388   -4.880  1.00 52.01  ? 161 GLU A N   1 
ATOM   1250 C  CA  . GLU A 1 161 ? 18.747  5.650   -4.257  1.00 53.98  ? 161 GLU A CA  1 
ATOM   1251 C  C   . GLU A 1 161 ? 17.403  6.128   -4.805  1.00 47.82  ? 161 GLU A C   1 
ATOM   1252 O  O   . GLU A 1 161 ? 17.035  5.828   -5.941  1.00 46.39  ? 161 GLU A O   1 
ATOM   1253 C  CB  . GLU A 1 161 ? 19.718  6.801   -4.557  1.00 65.48  ? 161 GLU A CB  1 
ATOM   1254 C  CG  . GLU A 1 161 ? 19.020  8.189   -4.465  1.00 77.01  ? 161 GLU A CG  1 
ATOM   1255 C  CD  . GLU A 1 161 ? 19.603  9.242   -5.362  1.00 84.04  ? 161 GLU A CD  1 
ATOM   1256 O  OE1 . GLU A 1 161 ? 20.793  8.975   -5.671  1.00 86.60  ? 161 GLU A OE1 1 
ATOM   1257 O  OE2 . GLU A 1 161 ? 18.966  10.252  -5.757  1.00 88.07  ? 161 GLU A OE2 1 
ATOM   1258 N  N   . TYR A 1 162 ? 16.733  6.918   -3.981  1.00 43.00  ? 162 TYR A N   1 
ATOM   1259 C  CA  . TYR A 1 162 ? 15.453  7.498   -4.401  1.00 44.34  ? 162 TYR A CA  1 
ATOM   1260 C  C   . TYR A 1 162 ? 15.202  8.720   -3.521  1.00 48.66  ? 162 TYR A C   1 
ATOM   1261 O  O   . TYR A 1 162 ? 15.322  8.642   -2.307  1.00 54.77  ? 162 TYR A O   1 
ATOM   1262 C  CB  . TYR A 1 162 ? 14.277  6.510   -4.227  1.00 42.89  ? 162 TYR A CB  1 
ATOM   1263 C  CG  . TYR A 1 162 ? 12.977  6.885   -4.888  1.00 36.50  ? 162 TYR A CG  1 
ATOM   1264 C  CD1 . TYR A 1 162 ? 12.768  6.548   -6.236  1.00 40.30  ? 162 TYR A CD1 1 
ATOM   1265 C  CD2 . TYR A 1 162 ? 11.958  7.538   -4.220  1.00 35.31  ? 162 TYR A CD2 1 
ATOM   1266 C  CE1 . TYR A 1 162 ? 11.583  6.858   -6.901  1.00 36.91  ? 162 TYR A CE1 1 
ATOM   1267 C  CE2 . TYR A 1 162 ? 10.765  7.881   -4.865  1.00 38.92  ? 162 TYR A CE2 1 
ATOM   1268 C  CZ  . TYR A 1 162 ? 10.596  7.529   -6.209  1.00 42.02  ? 162 TYR A CZ  1 
ATOM   1269 O  OH  . TYR A 1 162 ? 9.397   7.857   -6.818  1.00 49.96  ? 162 TYR A OH  1 
ATOM   1270 N  N   . PRO A 1 163 ? 14.810  9.779   -4.178  1.00 56.28  ? 163 PRO A N   1 
ATOM   1271 C  CA  . PRO A 1 163 ? 14.462  11.047  -3.569  1.00 57.64  ? 163 PRO A CA  1 
ATOM   1272 C  C   . PRO A 1 163 ? 13.529  11.057  -2.375  1.00 55.58  ? 163 PRO A C   1 
ATOM   1273 O  O   . PRO A 1 163 ? 12.262  10.981  -2.452  1.00 55.92  ? 163 PRO A O   1 
ATOM   1274 C  CB  . PRO A 1 163 ? 13.821  11.842  -4.738  1.00 59.58  ? 163 PRO A CB  1 
ATOM   1275 C  CG  . PRO A 1 163 ? 13.587  10.845  -5.836  1.00 57.53  ? 163 PRO A CG  1 
ATOM   1276 C  CD  . PRO A 1 163 ? 14.724  9.839   -5.680  1.00 56.43  ? 163 PRO A CD  1 
ATOM   1277 N  N   . GLY A 1 164 ? 14.116  11.364  -1.230  1.00 51.18  ? 164 GLY A N   1 
ATOM   1278 C  CA  . GLY A 1 164 ? 13.331  11.550  -0.004  1.00 58.55  ? 164 GLY A CA  1 
ATOM   1279 C  C   . GLY A 1 164 ? 13.105  10.273  0.767   1.00 64.84  ? 164 GLY A C   1 
ATOM   1280 O  O   . GLY A 1 164 ? 12.173  10.193  1.611   1.00 73.81  ? 164 GLY A O   1 
ATOM   1281 N  N   . VAL A 1 165 ? 13.948  9.283   0.503   1.00 59.80  ? 165 VAL A N   1 
ATOM   1282 C  CA  . VAL A 1 165 ? 13.942  7.993   1.197   1.00 47.80  ? 165 VAL A CA  1 
ATOM   1283 C  C   . VAL A 1 165 ? 15.353  7.820   1.783   1.00 46.14  ? 165 VAL A C   1 
ATOM   1284 O  O   . VAL A 1 165 ? 16.317  7.574   1.061   1.00 49.59  ? 165 VAL A O   1 
ATOM   1285 C  CB  . VAL A 1 165 ? 13.532  6.828   0.292   1.00 41.89  ? 165 VAL A CB  1 
ATOM   1286 C  CG1 . VAL A 1 165 ? 13.889  5.483   0.915   1.00 42.61  ? 165 VAL A CG1 1 
ATOM   1287 C  CG2 . VAL A 1 165 ? 12.105  6.947   -0.127  1.00 36.45  ? 165 VAL A CG2 1 
ATOM   1288 N  N   . PRO A 1 166 ? 15.380  8.017   3.086   1.00 44.41  ? 166 PRO A N   1 
ATOM   1289 C  CA  . PRO A 1 166 ? 16.672  7.881   3.821   1.00 42.69  ? 166 PRO A CA  1 
ATOM   1290 C  C   . PRO A 1 166 ? 17.271  6.580   3.332   1.00 44.61  ? 166 PRO A C   1 
ATOM   1291 O  O   . PRO A 1 166 ? 16.465  5.662   3.062   1.00 51.20  ? 166 PRO A O   1 
ATOM   1292 C  CB  . PRO A 1 166 ? 16.252  7.837   5.256   1.00 41.56  ? 166 PRO A CB  1 
ATOM   1293 C  CG  . PRO A 1 166 ? 14.758  7.931   5.311   1.00 43.80  ? 166 PRO A CG  1 
ATOM   1294 C  CD  . PRO A 1 166 ? 14.254  8.333   3.966   1.00 40.97  ? 166 PRO A CD  1 
ATOM   1295 N  N   . ALA A 1 167 ? 18.566  6.458   3.269   1.00 50.05  ? 167 ALA A N   1 
ATOM   1296 C  CA  . ALA A 1 167 ? 19.165  5.184   2.793   1.00 51.92  ? 167 ALA A CA  1 
ATOM   1297 C  C   . ALA A 1 167 ? 19.775  4.360   3.904   1.00 52.75  ? 167 ALA A C   1 
ATOM   1298 O  O   . ALA A 1 167 ? 20.054  3.139   3.752   1.00 50.94  ? 167 ALA A O   1 
ATOM   1299 C  CB  . ALA A 1 167 ? 20.161  5.508   1.685   1.00 55.00  ? 167 ALA A CB  1 
ATOM   1300 N  N   . ASP A 1 168 ? 20.046  5.022   5.019   1.00 52.96  ? 168 ASP A N   1 
ATOM   1301 C  CA  . ASP A 1 168 ? 20.691  4.372   6.166   1.00 53.34  ? 168 ASP A CA  1 
ATOM   1302 C  C   . ASP A 1 168 ? 19.616  3.539   6.921   1.00 45.46  ? 168 ASP A C   1 
ATOM   1303 O  O   . ASP A 1 168 ? 18.431  3.883   6.881   1.00 42.84  ? 168 ASP A O   1 
ATOM   1304 C  CB  . ASP A 1 168 ? 21.243  5.414   7.136   1.00 66.03  ? 168 ASP A CB  1 
ATOM   1305 C  CG  . ASP A 1 168 ? 21.956  6.631   6.718   1.00 77.63  ? 168 ASP A CG  1 
ATOM   1306 O  OD1 . ASP A 1 168 ? 22.567  6.770   5.638   1.00 81.88  ? 168 ASP A OD1 1 
ATOM   1307 O  OD2 . ASP A 1 168 ? 21.978  7.586   7.582   1.00 85.31  ? 168 ASP A OD2 1 
ATOM   1308 N  N   . ILE A 1 169 ? 20.147  2.614   7.694   1.00 36.53  ? 169 ILE A N   1 
ATOM   1309 C  CA  . ILE A 1 169 ? 19.404  1.860   8.673   1.00 38.94  ? 169 ILE A CA  1 
ATOM   1310 C  C   . ILE A 1 169 ? 18.864  2.865   9.722   1.00 43.59  ? 169 ILE A C   1 
ATOM   1311 O  O   . ILE A 1 169 ? 19.624  3.653   10.282  1.00 46.93  ? 169 ILE A O   1 
ATOM   1312 C  CB  . ILE A 1 169 ? 20.313  0.839   9.429   1.00 39.91  ? 169 ILE A CB  1 
ATOM   1313 C  CG1 . ILE A 1 169 ? 20.897  -0.121  8.360   1.00 44.32  ? 169 ILE A CG1 1 
ATOM   1314 C  CG2 . ILE A 1 169 ? 19.494  0.046   10.490  1.00 44.95  ? 169 ILE A CG2 1 
ATOM   1315 C  CD1 . ILE A 1 169 ? 21.065  -1.574  8.918   1.00 49.37  ? 169 ILE A CD1 1 
ATOM   1316 N  N   . GLN A 1 170 ? 17.573  2.749   9.967   1.00 41.84  ? 170 GLN A N   1 
ATOM   1317 C  CA  . GLN A 1 170 ? 16.932  3.636   10.975  1.00 35.71  ? 170 GLN A CA  1 
ATOM   1318 C  C   . GLN A 1 170 ? 16.729  2.795   12.226  1.00 36.01  ? 170 GLN A C   1 
ATOM   1319 O  O   . GLN A 1 170 ? 16.936  1.560   12.174  1.00 39.17  ? 170 GLN A O   1 
ATOM   1320 C  CB  . GLN A 1 170 ? 15.645  4.152   10.371  1.00 39.06  ? 170 GLN A CB  1 
ATOM   1321 C  CG  . GLN A 1 170 ? 15.904  4.458   8.868   1.00 49.34  ? 170 GLN A CG  1 
ATOM   1322 C  CD  . GLN A 1 170 ? 16.373  5.908   8.800   1.00 54.80  ? 170 GLN A CD  1 
ATOM   1323 O  OE1 . GLN A 1 170 ? 15.532  6.757   9.125   1.00 58.59  ? 170 GLN A OE1 1 
ATOM   1324 N  NE2 . GLN A 1 170 ? 17.643  6.108   8.485   1.00 54.70  ? 170 GLN A NE2 1 
ATOM   1325 N  N   . GLU A 1 171 ? 16.360  3.447   13.292  1.00 31.87  ? 171 GLU A N   1 
ATOM   1326 C  CA  . GLU A 1 171 ? 16.042  2.844   14.580  1.00 33.50  ? 171 GLU A CA  1 
ATOM   1327 C  C   . GLU A 1 171 ? 15.033  3.729   15.321  1.00 29.40  ? 171 GLU A C   1 
ATOM   1328 O  O   . GLU A 1 171 ? 15.093  4.968   15.295  1.00 36.20  ? 171 GLU A O   1 
ATOM   1329 C  CB  . GLU A 1 171 ? 17.217  2.670   15.499  1.00 39.29  ? 171 GLU A CB  1 
ATOM   1330 C  CG  . GLU A 1 171 ? 17.025  1.900   16.799  1.00 51.88  ? 171 GLU A CG  1 
ATOM   1331 C  CD  . GLU A 1 171 ? 18.222  1.969   17.719  1.00 60.33  ? 171 GLU A CD  1 
ATOM   1332 O  OE1 . GLU A 1 171 ? 19.184  2.745   17.547  1.00 65.46  ? 171 GLU A OE1 1 
ATOM   1333 O  OE2 . GLU A 1 171 ? 18.138  1.196   18.692  1.00 68.74  ? 171 GLU A OE2 1 
ATOM   1334 N  N   . GLU A 1 172 ? 14.200  3.057   16.026  1.00 25.58  ? 172 GLU A N   1 
ATOM   1335 C  CA  . GLU A 1 172 ? 13.097  3.676   16.808  1.00 27.88  ? 172 GLU A CA  1 
ATOM   1336 C  C   . GLU A 1 172 ? 12.574  2.534   17.679  1.00 27.45  ? 172 GLU A C   1 
ATOM   1337 O  O   . GLU A 1 172 ? 12.622  1.369   17.246  1.00 28.82  ? 172 GLU A O   1 
ATOM   1338 C  CB  . GLU A 1 172 ? 12.077  4.130   15.814  1.00 34.65  ? 172 GLU A CB  1 
ATOM   1339 C  CG  . GLU A 1 172 ? 10.612  4.291   16.054  1.00 42.80  ? 172 GLU A CG  1 
ATOM   1340 C  CD  . GLU A 1 172 ? 9.868   5.029   14.948  1.00 50.08  ? 172 GLU A CD  1 
ATOM   1341 O  OE1 . GLU A 1 172 ? 10.111  4.994   13.716  1.00 48.38  ? 172 GLU A OE1 1 
ATOM   1342 O  OE2 . GLU A 1 172 ? 8.966   5.739   15.470  1.00 56.39  ? 172 GLU A OE2 1 
ATOM   1343 N  N   . ASP A 1 173 ? 12.312  2.840   18.909  1.00 26.63  ? 173 ASP A N   1 
ATOM   1344 C  CA  . ASP A 1 173 ? 11.825  1.919   19.920  1.00 27.64  ? 173 ASP A CA  1 
ATOM   1345 C  C   . ASP A 1 173 ? 12.681  0.675   19.991  1.00 23.38  ? 173 ASP A C   1 
ATOM   1346 O  O   . ASP A 1 173 ? 12.038  -0.396  20.083  1.00 29.89  ? 173 ASP A O   1 
ATOM   1347 C  CB  . ASP A 1 173 ? 10.366  1.502   19.712  1.00 30.99  ? 173 ASP A CB  1 
ATOM   1348 C  CG  . ASP A 1 173 ? 9.421   2.683   19.777  1.00 40.56  ? 173 ASP A CG  1 
ATOM   1349 O  OD1 . ASP A 1 173 ? 9.266   3.281   18.661  1.00 45.97  ? 173 ASP A OD1 1 
ATOM   1350 O  OD2 . ASP A 1 173 ? 8.904   3.019   20.835  1.00 40.47  ? 173 ASP A OD2 1 
ATOM   1351 N  N   . GLY A 1 174 ? 13.929  0.794   19.815  1.00 26.38  ? 174 GLY A N   1 
ATOM   1352 C  CA  . GLY A 1 174 ? 14.932  -0.252  19.917  1.00 22.58  ? 174 GLY A CA  1 
ATOM   1353 C  C   . GLY A 1 174 ? 15.000  -1.159  18.711  1.00 31.24  ? 174 GLY A C   1 
ATOM   1354 O  O   . GLY A 1 174 ? 15.755  -2.164  18.766  1.00 34.75  ? 174 GLY A O   1 
ATOM   1355 N  N   . ILE A 1 175 ? 14.229  -0.858  17.704  1.00 27.84  ? 175 ILE A N   1 
ATOM   1356 C  CA  . ILE A 1 175 ? 14.126  -1.758  16.532  1.00 26.70  ? 175 ILE A CA  1 
ATOM   1357 C  C   . ILE A 1 175 ? 14.774  -1.001  15.384  1.00 28.30  ? 175 ILE A C   1 
ATOM   1358 O  O   . ILE A 1 175 ? 14.521  0.220   15.287  1.00 28.08  ? 175 ILE A O   1 
ATOM   1359 C  CB  . ILE A 1 175 ? 12.533  -1.850  16.277  1.00 32.21  ? 175 ILE A CB  1 
ATOM   1360 C  CG1 . ILE A 1 175 ? 11.883  -2.475  17.564  1.00 34.38  ? 175 ILE A CG1 1 
ATOM   1361 C  CG2 . ILE A 1 175 ? 12.196  -2.771  15.095  1.00 35.08  ? 175 ILE A CG2 1 
ATOM   1362 C  CD1 . ILE A 1 175 ? 12.405  -3.955  17.679  1.00 36.82  ? 175 ILE A CD1 1 
ATOM   1363 N  N   . GLN A 1 176 ? 15.485  -1.704  14.522  1.00 24.64  ? 176 GLN A N   1 
ATOM   1364 C  CA  . GLN A 1 176 ? 16.004  -0.994  13.340  1.00 27.28  ? 176 GLN A CA  1 
ATOM   1365 C  C   . GLN A 1 176 ? 15.195  -1.484  12.124  1.00 28.64  ? 176 GLN A C   1 
ATOM   1366 O  O   . GLN A 1 176 ? 14.738  -2.623  12.120  1.00 29.51  ? 176 GLN A O   1 
ATOM   1367 C  CB  . GLN A 1 176 ? 17.472  -1.300  13.061  1.00 28.47  ? 176 GLN A CB  1 
ATOM   1368 C  CG  . GLN A 1 176 ? 18.258  -1.466  14.326  1.00 32.85  ? 176 GLN A CG  1 
ATOM   1369 C  CD  . GLN A 1 176 ? 19.713  -1.782  14.047  1.00 34.74  ? 176 GLN A CD  1 
ATOM   1370 O  OE1 . GLN A 1 176 ? 20.134  -2.933  14.024  1.00 39.24  ? 176 GLN A OE1 1 
ATOM   1371 N  NE2 . GLN A 1 176 ? 20.429  -0.697  13.818  1.00 30.68  ? 176 GLN A NE2 1 
ATOM   1372 N  N   . TYR A 1 177 ? 15.208  -0.658  11.120  1.00 25.18  ? 177 TYR A N   1 
ATOM   1373 C  CA  . TYR A 1 177 ? 14.576  -0.967  9.845   1.00 27.46  ? 177 TYR A CA  1 
ATOM   1374 C  C   . TYR A 1 177 ? 15.265  -0.157  8.747   1.00 30.94  ? 177 TYR A C   1 
ATOM   1375 O  O   . TYR A 1 177 ? 16.074  0.736   9.066   1.00 30.55  ? 177 TYR A O   1 
ATOM   1376 C  CB  . TYR A 1 177 ? 13.089  -0.711  9.937   1.00 27.02  ? 177 TYR A CB  1 
ATOM   1377 C  CG  . TYR A 1 177 ? 12.698  0.690   10.265  1.00 29.51  ? 177 TYR A CG  1 
ATOM   1378 C  CD1 . TYR A 1 177 ? 12.514  1.663   9.262   1.00 32.15  ? 177 TYR A CD1 1 
ATOM   1379 C  CD2 . TYR A 1 177 ? 12.532  1.075   11.580  1.00 34.80  ? 177 TYR A CD2 1 
ATOM   1380 C  CE1 . TYR A 1 177 ? 12.160  2.976   9.553   1.00 30.08  ? 177 TYR A CE1 1 
ATOM   1381 C  CE2 . TYR A 1 177 ? 12.122  2.376   11.906  1.00 41.11  ? 177 TYR A CE2 1 
ATOM   1382 C  CZ  . TYR A 1 177 ? 11.900  3.302   10.877  1.00 41.95  ? 177 TYR A CZ  1 
ATOM   1383 O  OH  . TYR A 1 177 ? 11.443  4.540   11.275  1.00 50.99  ? 177 TYR A OH  1 
ATOM   1384 N  N   . LYS A 1 178 ? 14.966  -0.530  7.507   1.00 33.83  ? 178 LYS A N   1 
ATOM   1385 C  CA  . LYS A 1 178 ? 15.462  0.137   6.321   1.00 34.34  ? 178 LYS A CA  1 
ATOM   1386 C  C   . LYS A 1 178 ? 14.345  0.281   5.289   1.00 31.17  ? 178 LYS A C   1 
ATOM   1387 O  O   . LYS A 1 178 ? 13.487  -0.585  5.194   1.00 28.80  ? 178 LYS A O   1 
ATOM   1388 C  CB  . LYS A 1 178 ? 16.681  -0.483  5.681   1.00 41.09  ? 178 LYS A CB  1 
ATOM   1389 C  CG  . LYS A 1 178 ? 16.785  -1.982  5.598   1.00 51.93  ? 178 LYS A CG  1 
ATOM   1390 C  CD  . LYS A 1 178 ? 17.600  -2.441  4.364   1.00 59.29  ? 178 LYS A CD  1 
ATOM   1391 C  CE  . LYS A 1 178 ? 17.651  -3.968  4.318   1.00 63.87  ? 178 LYS A CE  1 
ATOM   1392 N  NZ  . LYS A 1 178 ? 17.821  -4.509  2.937   1.00 65.93  ? 178 LYS A NZ  1 
ATOM   1393 N  N   . PHE A 1 179 ? 14.422  1.365   4.542   1.00 32.59  ? 179 PHE A N   1 
ATOM   1394 C  CA  . PHE A 1 179 ? 13.504  1.682   3.440   1.00 33.04  ? 179 PHE A CA  1 
ATOM   1395 C  C   . PHE A 1 179 ? 14.209  1.226   2.147   1.00 34.59  ? 179 PHE A C   1 
ATOM   1396 O  O   . PHE A 1 179 ? 15.415  1.461   2.013   1.00 39.48  ? 179 PHE A O   1 
ATOM   1397 C  CB  . PHE A 1 179 ? 13.202  3.170   3.306   1.00 33.45  ? 179 PHE A CB  1 
ATOM   1398 C  CG  . PHE A 1 179 ? 12.450  3.716   4.473   1.00 32.64  ? 179 PHE A CG  1 
ATOM   1399 C  CD1 . PHE A 1 179 ? 11.173  3.256   4.750   1.00 34.19  ? 179 PHE A CD1 1 
ATOM   1400 C  CD2 . PHE A 1 179 ? 13.034  4.686   5.288   1.00 37.07  ? 179 PHE A CD2 1 
ATOM   1401 C  CE1 . PHE A 1 179 ? 10.466  3.733   5.849   1.00 32.33  ? 179 PHE A CE1 1 
ATOM   1402 C  CE2 . PHE A 1 179 ? 12.298  5.229   6.358   1.00 37.82  ? 179 PHE A CE2 1 
ATOM   1403 C  CZ  . PHE A 1 179 ? 11.009  4.735   6.616   1.00 30.67  ? 179 PHE A CZ  1 
ATOM   1404 N  N   . GLU A 1 180 ? 13.423  0.601   1.323   1.00 33.09  ? 180 GLU A N   1 
ATOM   1405 C  CA  . GLU A 1 180 ? 13.844  0.047   0.042   1.00 29.02  ? 180 GLU A CA  1 
ATOM   1406 C  C   . GLU A 1 180 ? 12.767  0.327   -0.999  1.00 26.99  ? 180 GLU A C   1 
ATOM   1407 O  O   . GLU A 1 180 ? 11.591  0.418   -0.658  1.00 32.14  ? 180 GLU A O   1 
ATOM   1408 C  CB  . GLU A 1 180 ? 14.101  -1.435  0.053   1.00 28.70  ? 180 GLU A CB  1 
ATOM   1409 C  CG  . GLU A 1 180 ? 15.143  -1.921  1.075   1.00 32.32  ? 180 GLU A CG  1 
ATOM   1410 C  CD  . GLU A 1 180 ? 15.312  -3.408  1.019   1.00 42.11  ? 180 GLU A CD  1 
ATOM   1411 O  OE1 . GLU A 1 180 ? 14.354  -4.175  0.699   1.00 47.57  ? 180 GLU A OE1 1 
ATOM   1412 O  OE2 . GLU A 1 180 ? 16.479  -3.783  1.248   1.00 50.00  ? 180 GLU A OE2 1 
ATOM   1413 N  N   . VAL A 1 181 ? 13.231  0.537   -2.203  1.00 28.25  ? 181 VAL A N   1 
ATOM   1414 C  CA  . VAL A 1 181 ? 12.401  0.848   -3.352  1.00 27.94  ? 181 VAL A CA  1 
ATOM   1415 C  C   . VAL A 1 181 ? 12.838  -0.055  -4.508  1.00 28.58  ? 181 VAL A C   1 
ATOM   1416 O  O   . VAL A 1 181 ? 14.014  -0.086  -4.855  1.00 32.90  ? 181 VAL A O   1 
ATOM   1417 C  CB  . VAL A 1 181 ? 12.540  2.354   -3.707  1.00 30.81  ? 181 VAL A CB  1 
ATOM   1418 C  CG1 . VAL A 1 181 ? 11.363  2.747   -4.628  1.00 30.43  ? 181 VAL A CG1 1 
ATOM   1419 C  CG2 . VAL A 1 181 ? 12.522  3.237   -2.489  1.00 23.54  ? 181 VAL A CG2 1 
ATOM   1420 N  N   . TYR A 1 182 ? 11.884  -0.798  -4.989  1.00 30.21  ? 182 TYR A N   1 
ATOM   1421 C  CA  . TYR A 1 182 ? 12.087  -1.680  -6.164  1.00 30.40  ? 182 TYR A CA  1 
ATOM   1422 C  C   . TYR A 1 182 ? 11.230  -1.056  -7.291  1.00 34.10  ? 182 TYR A C   1 
ATOM   1423 O  O   . TYR A 1 182 ? 10.218  -0.366  -7.016  1.00 35.64  ? 182 TYR A O   1 
ATOM   1424 C  CB  . TYR A 1 182 ? 11.587  -3.064  -5.813  1.00 27.53  ? 182 TYR A CB  1 
ATOM   1425 C  CG  . TYR A 1 182 ? 12.293  -3.718  -4.652  1.00 27.29  ? 182 TYR A CG  1 
ATOM   1426 C  CD1 . TYR A 1 182 ? 12.069  -3.349  -3.339  1.00 22.22  ? 182 TYR A CD1 1 
ATOM   1427 C  CD2 . TYR A 1 182 ? 13.170  -4.787  -4.916  1.00 26.07  ? 182 TYR A CD2 1 
ATOM   1428 C  CE1 . TYR A 1 182 ? 12.692  -4.005  -2.279  1.00 25.74  ? 182 TYR A CE1 1 
ATOM   1429 C  CE2 . TYR A 1 182 ? 13.805  -5.436  -3.853  1.00 30.06  ? 182 TYR A CE2 1 
ATOM   1430 C  CZ  . TYR A 1 182 ? 13.580  -5.043  -2.555  1.00 27.74  ? 182 TYR A CZ  1 
ATOM   1431 O  OH  . TYR A 1 182 ? 14.224  -5.736  -1.566  1.00 34.03  ? 182 TYR A OH  1 
ATOM   1432 N  N   . GLN A 1 183 ? 11.698  -1.297  -8.496  1.00 34.10  ? 183 GLN A N   1 
ATOM   1433 C  CA  . GLN A 1 183 ? 11.019  -0.736  -9.664  1.00 39.30  ? 183 GLN A CA  1 
ATOM   1434 C  C   . GLN A 1 183 ? 10.875  -1.734  -10.808 1.00 41.45  ? 183 GLN A C   1 
ATOM   1435 O  O   . GLN A 1 183 ? 11.848  -2.387  -11.208 1.00 40.85  ? 183 GLN A O   1 
ATOM   1436 C  CB  . GLN A 1 183 ? 11.572  0.551   -10.146 1.00 40.16  ? 183 GLN A CB  1 
ATOM   1437 C  CG  . GLN A 1 183 ? 10.779  1.181   -11.302 1.00 49.74  ? 183 GLN A CG  1 
ATOM   1438 C  CD  . GLN A 1 183 ? 11.359  2.599   -11.385 1.00 57.53  ? 183 GLN A CD  1 
ATOM   1439 O  OE1 . GLN A 1 183 ? 10.907  3.498   -10.691 1.00 63.48  ? 183 GLN A OE1 1 
ATOM   1440 N  NE2 . GLN A 1 183 ? 12.472  2.670   -12.106 1.00 63.10  ? 183 GLN A NE2 1 
ATOM   1441 N  N   . LYS A 1 184 ? 9.615   -1.792  -11.244 1.00 38.62  ? 184 LYS A N   1 
ATOM   1442 C  CA  . LYS A 1 184 ? 9.302   -2.690  -12.378 1.00 46.48  ? 184 LYS A CA  1 
ATOM   1443 C  C   . LYS A 1 184 ? 8.979   -1.802  -13.593 1.00 48.50  ? 184 LYS A C   1 
ATOM   1444 O  O   . LYS A 1 184 ? 8.178   -0.851  -13.472 1.00 44.90  ? 184 LYS A O   1 
ATOM   1445 C  CB  . LYS A 1 184 ? 8.152   -3.620  -12.101 1.00 41.90  ? 184 LYS A CB  1 
ATOM   1446 C  CG  . LYS A 1 184 ? 7.594   -4.248  -13.420 1.00 39.08  ? 184 LYS A CG  1 
ATOM   1447 C  CD  . LYS A 1 184 ? 6.680   -5.371  -12.971 1.00 42.58  ? 184 LYS A CD  1 
ATOM   1448 C  CE  . LYS A 1 184 ? 5.468   -5.626  -13.803 1.00 46.94  ? 184 LYS A CE  1 
ATOM   1449 N  NZ  . LYS A 1 184 ? 4.867   -6.968  -13.356 1.00 46.10  ? 184 LYS A NZ  1 
ATOM   1450 N  N   . SER A 1 185 ? 9.654   -2.146  -14.669 1.00 51.62  ? 185 SER A N   1 
ATOM   1451 C  CA  . SER A 1 185 ? 9.525   -1.405  -15.926 1.00 59.84  ? 185 SER A CA  1 
ATOM   1452 C  C   . SER A 1 185 ? 8.956   -2.266  -17.036 1.00 62.45  ? 185 SER A C   1 
ATOM   1453 O  O   . SER A 1 185 ? 9.514   -3.327  -17.370 1.00 65.86  ? 185 SER A O   1 
ATOM   1454 C  CB  . SER A 1 185 ? 10.829  -0.745  -16.346 1.00 58.99  ? 185 SER A CB  1 
ATOM   1455 O  OG  . SER A 1 185 ? 10.968  0.498   -15.653 1.00 66.25  ? 185 SER A OG  1 
ATOM   1456 N  N   . VAL A 1 186 ? 7.866   -1.757  -17.581 1.00 67.63  ? 186 VAL A N   1 
ATOM   1457 C  CA  . VAL A 1 186 ? 7.216   -2.412  -18.735 1.00 75.15  ? 186 VAL A CA  1 
ATOM   1458 C  C   . VAL A 1 186 ? 7.483   -1.533  -19.987 1.00 78.47  ? 186 VAL A C   1 
ATOM   1459 O  O   . VAL A 1 186 ? 8.528   -1.842  -20.629 1.00 81.72  ? 186 VAL A O   1 
ATOM   1460 C  CB  . VAL A 1 186 ? 5.740   -2.693  -18.500 1.00 75.45  ? 186 VAL A CB  1 
ATOM   1461 C  CG1 . VAL A 1 186 ? 5.328   -4.044  -19.088 1.00 77.05  ? 186 VAL A CG1 1 
ATOM   1462 C  CG2 . VAL A 1 186 ? 5.313   -2.563  -17.046 1.00 77.55  ? 186 VAL A CG2 1 
HETATM 1463 CA CA  . CA  B 2 .   ? -14.495 -14.246 1.947   0.50 40.88  ? 200 CA  A CA  1 
HETATM 1464 P  PA  . NAP C 3 .   ? -7.007  -8.356  2.828   1.00 26.14  ? 191 NAP A PA  1 
HETATM 1465 O  O1A . NAP C 3 .   ? -6.349  -8.503  1.544   1.00 22.19  ? 191 NAP A O1A 1 
HETATM 1466 O  O2A . NAP C 3 .   ? -6.874  -6.972  3.471   1.00 32.15  ? 191 NAP A O2A 1 
HETATM 1467 O  O5B . NAP C 3 .   ? -8.606  -8.740  2.771   1.00 33.33  ? 191 NAP A O5B 1 
HETATM 1468 C  C5B . NAP C 3 .   ? -8.908  -9.834  1.840   1.00 29.49  ? 191 NAP A C5B 1 
HETATM 1469 C  C4B . NAP C 3 .   ? -10.281 -9.714  1.280   1.00 30.68  ? 191 NAP A C4B 1 
HETATM 1470 O  O4B . NAP C 3 .   ? -10.412 -8.811  0.623   1.00 28.87  ? 191 NAP A O4B 1 
HETATM 1471 C  C3B . NAP C 3 .   ? -10.547 -11.049 0.416   1.00 32.03  ? 191 NAP A C3B 1 
HETATM 1472 O  O3B . NAP C 3 .   ? -11.158 -11.907 1.474   1.00 27.46  ? 191 NAP A O3B 1 
HETATM 1473 C  C2B . NAP C 3 .   ? -11.687 -10.403 -0.439  1.00 32.45  ? 191 NAP A C2B 1 
HETATM 1474 O  O2B . NAP C 3 .   ? -12.814 -10.173 0.346   1.00 33.81  ? 191 NAP A O2B 1 
HETATM 1475 C  C1B . NAP C 3 .   ? -11.033 -9.065  -0.693  1.00 31.97  ? 191 NAP A C1B 1 
HETATM 1476 N  N9A . NAP C 3 .   ? -9.962  -9.129  -1.731  1.00 28.29  ? 191 NAP A N9A 1 
HETATM 1477 C  C8A . NAP C 3 .   ? -8.669  -9.270  -1.474  1.00 27.50  ? 191 NAP A C8A 1 
HETATM 1478 N  N7A . NAP C 3 .   ? -7.956  -9.309  -2.591  1.00 27.60  ? 191 NAP A N7A 1 
HETATM 1479 C  C5A . NAP C 3 .   ? -8.993  -9.105  -3.602  1.00 23.96  ? 191 NAP A C5A 1 
HETATM 1480 C  C6A . NAP C 3 .   ? -9.018  -9.077  -5.151  1.00 22.58  ? 191 NAP A C6A 1 
HETATM 1481 N  N6A . NAP C 3 .   ? -7.908  -9.159  -5.933  1.00 24.71  ? 191 NAP A N6A 1 
HETATM 1482 N  N1A . NAP C 3 .   ? -10.195 -8.954  -5.780  1.00 29.75  ? 191 NAP A N1A 1 
HETATM 1483 C  C2A . NAP C 3 .   ? -11.245 -8.835  -4.961  1.00 23.26  ? 191 NAP A C2A 1 
HETATM 1484 N  N3A . NAP C 3 .   ? -11.364 -8.894  -3.647  1.00 29.45  ? 191 NAP A N3A 1 
HETATM 1485 C  C4A . NAP C 3 .   ? -10.172 -9.049  -3.017  1.00 29.12  ? 191 NAP A C4A 1 
HETATM 1486 O  O3  . NAP C 3 .   ? -6.467  -9.333  3.926   1.00 27.76  ? 191 NAP A O3  1 
HETATM 1487 P  PN  . NAP C 3 .   ? -5.083  -9.940  4.424   1.00 27.41  ? 191 NAP A PN  1 
HETATM 1488 O  O1N . NAP C 3 .   ? -4.193  -10.347 3.366   1.00 22.91  ? 191 NAP A O1N 1 
HETATM 1489 O  O2N . NAP C 3 .   ? -5.243  -10.898 5.485   1.00 30.26  ? 191 NAP A O2N 1 
HETATM 1490 O  O5D . NAP C 3 .   ? -4.448  -8.584  5.105   1.00 24.25  ? 191 NAP A O5D 1 
HETATM 1491 C  C5D . NAP C 3 .   ? -5.035  -8.063  6.356   1.00 24.26  ? 191 NAP A C5D 1 
HETATM 1492 C  C4D . NAP C 3 .   ? -3.913  -8.256  7.384   1.00 25.28  ? 191 NAP A C4D 1 
HETATM 1493 O  O4D . NAP C 3 .   ? -2.723  -7.696  6.840   1.00 22.75  ? 191 NAP A O4D 1 
HETATM 1494 C  C3D . NAP C 3 .   ? -4.069  -7.521  8.780   1.00 26.63  ? 191 NAP A C3D 1 
HETATM 1495 O  O3D . NAP C 3 .   ? -3.260  -8.270  9.725   1.00 26.39  ? 191 NAP A O3D 1 
HETATM 1496 C  C2D . NAP C 3 .   ? -3.415  -6.150  8.466   1.00 25.90  ? 191 NAP A C2D 1 
HETATM 1497 O  O2D . NAP C 3 .   ? -2.979  -5.597  9.748   1.00 27.96  ? 191 NAP A O2D 1 
HETATM 1498 C  C1D . NAP C 3 .   ? -2.251  -6.586  7.669   1.00 26.46  ? 191 NAP A C1D 1 
HETATM 1499 N  N1N . NAP C 3 .   ? -1.580  -5.465  6.858   1.00 29.37  ? 191 NAP A N1N 1 
HETATM 1500 C  C2N . NAP C 3 .   ? -0.222  -5.154  6.883   1.00 21.88  ? 191 NAP A C2N 1 
HETATM 1501 C  C3N . NAP C 3 .   ? 0.271   -4.246  6.037   1.00 23.96  ? 191 NAP A C3N 1 
HETATM 1502 C  C7N . NAP C 3 .   ? 1.704   -3.962  6.109   1.00 20.74  ? 191 NAP A C7N 1 
HETATM 1503 O  O7N . NAP C 3 .   ? 2.178   -3.140  5.266   1.00 24.52  ? 191 NAP A O7N 1 
HETATM 1504 N  N7N . NAP C 3 .   ? 2.442   -4.574  6.990   1.00 20.51  ? 191 NAP A N7N 1 
HETATM 1505 C  C4N . NAP C 3 .   ? -0.558  -3.551  4.912   1.00 20.78  ? 191 NAP A C4N 1 
HETATM 1506 C  C5N . NAP C 3 .   ? -1.959  -4.059  4.983   1.00 21.83  ? 191 NAP A C5N 1 
HETATM 1507 C  C6N . NAP C 3 .   ? -2.401  -4.932  5.848   1.00 23.23  ? 191 NAP A C6N 1 
HETATM 1508 P  P2B . NAP C 3 .   ? -14.167 -10.990 0.213   1.00 31.25  ? 191 NAP A P2B 1 
HETATM 1509 O  O1X . NAP C 3 .   ? -14.003 -12.252 1.078   1.00 28.88  ? 191 NAP A O1X 1 
HETATM 1510 O  O2X . NAP C 3 .   ? -14.183 -11.317 -1.210  1.00 25.04  ? 191 NAP A O2X 1 
HETATM 1511 O  O3X . NAP C 3 .   ? -15.309 -10.135 0.693   1.00 23.91  ? 191 NAP A O3X 1 
HETATM 1512 HG HG  A MBO D 4 .   ? 8.992   -11.657 11.314  0.65 46.80  ? 201 MBO A HG  1 
HETATM 1513 HG HG  B MBO D 4 .   ? 7.902   -11.331 10.927  0.35 45.46  ? 201 MBO A HG  1 
HETATM 1514 C  CE1 . MBO D 4 .   ? 9.896   -13.428 11.871  0.65 52.06  ? 201 MBO A CE1 1 
HETATM 1515 C  CE2 . MBO D 4 .   ? 11.278  -13.583 11.825  0.65 54.50  ? 201 MBO A CE2 1 
HETATM 1516 C  CE3 . MBO D 4 .   ? 11.853  -14.795 12.186  0.65 58.64  ? 201 MBO A CE3 1 
HETATM 1517 C  CE4 . MBO D 4 .   ? 11.023  -15.841 12.611  0.65 64.70  ? 201 MBO A CE4 1 
HETATM 1518 C  CE5 . MBO D 4 .   ? 9.631   -15.685 12.671  0.65 58.56  ? 201 MBO A CE5 1 
HETATM 1519 C  CE6 . MBO D 4 .   ? 9.072   -14.475 12.306  0.65 54.30  ? 201 MBO A CE6 1 
HETATM 1520 O  O   . HOH E 5 .   ? 3.073   1.236   -17.469 1.00 65.53  ? 202 HOH A O   1 
HETATM 1521 O  O   . HOH E 5 .   ? 5.092   5.220   -9.651  1.00 80.47  ? 205 HOH A O   1 
HETATM 1522 O  O   . HOH E 5 .   ? -3.625  -11.024 10.409  1.00 39.34  ? 220 HOH A O   1 
HETATM 1523 O  O   . HOH E 5 .   ? 4.202   1.293   5.644   1.00 71.59  ? 229 HOH A O   1 
HETATM 1524 O  O   . HOH E 5 .   ? 4.074   0.159   10.927  1.00 53.05  ? 230 HOH A O   1 
HETATM 1525 O  O   . HOH E 5 .   ? 10.052  2.687   1.465   1.00 43.93  ? 233 HOH A O   1 
HETATM 1526 O  O   . HOH E 5 .   ? 3.799   11.189  -2.611  1.00 55.67  ? 240 HOH A O   1 
HETATM 1527 O  O   . HOH E 5 .   ? -16.770 0.424   7.414   1.00 42.81  ? 257 HOH A O   1 
HETATM 1528 O  O   . HOH E 5 .   ? -15.209 -14.627 -0.390  1.00 55.27  ? 278 HOH A O   1 
HETATM 1529 O  O   . HOH E 5 .   ? -18.735 -7.116  -4.737  1.00 42.31  ? 279 HOH A O   1 
HETATM 1530 O  O   . HOH E 5 .   ? -16.729 -3.640  -9.569  1.00 45.61  ? 295 HOH A O   1 
HETATM 1531 O  O   . HOH E 5 .   ? -3.650  -13.226 2.722   1.00 75.69  ? 318 HOH A O   1 
HETATM 1532 O  O   . HOH E 5 .   ? 2.904   -4.307  -12.114 1.00 48.05  ? 330 HOH A O   1 
HETATM 1533 O  O   . HOH E 5 .   ? 7.729   1.199   3.010   1.00 45.83  ? 335 HOH A O   1 
HETATM 1534 O  O   . HOH E 5 .   ? 3.282   -10.351 16.798  1.00 51.36  ? 342 HOH A O   1 
HETATM 1535 O  O   . HOH E 5 .   ? -0.302  -14.539 3.931   1.00 53.76  ? 346 HOH A O   1 
HETATM 1536 O  O   . HOH E 5 .   ? 16.374  2.521   -2.237  1.00 49.36  ? 358 HOH A O   1 
HETATM 1537 O  O   . HOH E 5 .   ? 16.793  3.444   4.891   1.00 34.47  ? 367 HOH A O   1 
HETATM 1538 O  O   . HOH E 5 .   ? 23.504  3.247   7.966   1.00 72.87  ? 368 HOH A O   1 
HETATM 1539 O  O   . HOH E 5 .   ? -5.282  -10.800 0.818   1.00 30.66  ? 392 HOH A O   1 
HETATM 1540 O  O   . HOH E 5 .   ? -13.304 -13.594 -2.221  1.00 73.54  ? 393 HOH A O   1 
HETATM 1541 O  O   . HOH E 5 .   ? 1.775   -0.987  14.954  1.00 60.01  ? 424 HOH A O   1 
HETATM 1542 O  O   . HOH E 5 .   ? 3.565   1.484   13.231  1.00 48.39  ? 427 HOH A O   1 
HETATM 1543 O  O   . HOH E 5 .   ? -4.121  12.831  -1.367  1.00 36.59  ? 440 HOH A O   1 
HETATM 1544 O  O   . HOH E 5 .   ? -12.999 0.081   15.064  1.00 60.87  ? 463 HOH A O   1 
HETATM 1545 O  O   . HOH E 5 .   ? -8.322  -9.029  -8.356  1.00 49.65  ? 493 HOH A O   1 
HETATM 1546 O  O   . HOH E 5 .   ? 13.081  -7.896  17.955  1.00 46.14  ? 539 HOH A O   1 
HETATM 1547 O  O   . HOH E 5 .   ? -4.399  -14.931 5.712   1.00 78.74  ? 546 HOH A O   1 
HETATM 1548 O  O   . HOH E 5 .   ? 6.191   -10.380 -8.666  1.00 67.34  ? 551 HOH A O   1 
HETATM 1549 O  O   . HOH E 5 .   ? 11.540  -4.451  -14.738 1.00 63.91  ? 585 HOH A O   1 
HETATM 1550 O  O   . HOH E 5 .   ? -7.172  -12.624 0.487   1.00 77.49  ? 601 HOH A O   1 
HETATM 1551 O  O   . HOH E 5 .   ? -3.480  -9.328  -12.552 1.00 72.55  ? 602 HOH A O   1 
HETATM 1552 O  O   . HOH E 5 .   ? 15.332  3.423   19.536  1.00 46.90  ? 605 HOH A O   1 
HETATM 1553 O  O   . HOH E 5 .   ? 18.250  1.376   2.442   1.00 65.09  ? 606 HOH A O   1 
HETATM 1554 O  O   . HOH E 5 .   ? -2.275  -15.944 14.496  1.00 50.66  ? 607 HOH A O   1 
HETATM 1555 O  O   . HOH E 5 .   ? 6.230   -8.748  -12.626 1.00 67.07  ? 608 HOH A O   1 
HETATM 1556 O  O   . HOH E 5 .   ? 16.346  6.582   13.012  1.00 57.36  ? 609 HOH A O   1 
HETATM 1557 O  O   . HOH E 5 .   ? 8.810   -11.388 -1.185  1.00 60.89  ? 612 HOH A O   1 
HETATM 1558 O  O   . HOH E 5 .   ? -4.844  -12.396 7.800   1.00 75.42  ? 613 HOH A O   1 
HETATM 1559 O  O   . HOH E 5 .   ? -19.115 2.206   -4.939  1.00 56.76  ? 615 HOH A O   1 
HETATM 1560 O  O   . HOH E 5 .   ? 0.117   5.881   -9.767  1.00 44.94  ? 617 HOH A O   1 
HETATM 1561 O  O   . HOH E 5 .   ? 13.344  -1.085  -13.783 1.00 61.16  ? 619 HOH A O   1 
HETATM 1562 O  O   . HOH E 5 .   ? -12.814 3.261   -17.631 1.00 59.49  ? 621 HOH A O   1 
HETATM 1563 O  O   . HOH E 5 .   ? 5.654   -15.545 12.129  1.00 59.18  ? 623 HOH A O   1 
HETATM 1564 O  O   . HOH E 5 .   ? 7.753   5.634   17.680  1.00 57.54  ? 627 HOH A O   1 
HETATM 1565 O  O   . HOH E 5 .   ? -9.940  -2.457  14.282  1.00 75.10  ? 630 HOH A O   1 
HETATM 1566 O  O   . HOH E 5 .   ? -4.863  -15.397 8.462   1.00 76.92  ? 631 HOH A O   1 
HETATM 1567 O  O   . HOH E 5 .   ? -16.243 -0.486  -8.845  1.00 71.11  ? 637 HOH A O   1 
HETATM 1568 O  O   . HOH E 5 .   ? -7.211  -8.604  -10.277 1.00 63.48  ? 644 HOH A O   1 
HETATM 1569 O  O   . HOH E 5 .   ? 16.236  -6.894  -8.060  1.00 53.90  ? 647 HOH A O   1 
HETATM 1570 O  O   . HOH E 5 .   ? -3.457  -3.080  9.022   1.00 46.46  ? 648 HOH A O   1 
HETATM 1571 O  O   . HOH E 5 .   ? -19.542 4.606   -3.664  1.00 59.66  ? 652 HOH A O   1 
HETATM 1572 O  O   . HOH E 5 .   ? 1.469   18.994  -6.474  1.00 71.33  ? 653 HOH A O   1 
HETATM 1573 O  O   . HOH E 5 .   ? -10.024 6.130   16.059  1.00 68.29  ? 655 HOH A O   1 
HETATM 1574 O  O   . HOH E 5 .   ? -12.738 -15.905 0.155   0.50 67.92  ? 707 HOH A O   1 
HETATM 1575 O  O   . HOH E 5 .   ? -8.876  -13.126 -2.178  1.00 66.88  ? 708 HOH A O   1 
# 
